data_8CMP
# 
_entry.id   8CMP 
# 
_audit_conform.dict_name       mmcif_pdbx.dic 
_audit_conform.dict_version    5.397 
_audit_conform.dict_location   http://mmcif.pdb.org/dictionaries/ascii/mmcif_pdbx.dic 
# 
loop_
_database_2.database_id 
_database_2.database_code 
_database_2.pdbx_database_accession 
_database_2.pdbx_DOI 
PDB   8CMP         pdb_00008cmp 10.2210/pdb8cmp/pdb 
WWPDB D_1292128775 ?            ?                   
# 
loop_
_pdbx_audit_revision_history.ordinal 
_pdbx_audit_revision_history.data_content_type 
_pdbx_audit_revision_history.major_revision 
_pdbx_audit_revision_history.minor_revision 
_pdbx_audit_revision_history.revision_date 
1 'Structure model' 1 0 2024-03-06 
2 'Structure model' 1 1 2024-10-09 
# 
_pdbx_audit_revision_details.ordinal             1 
_pdbx_audit_revision_details.revision_ordinal    1 
_pdbx_audit_revision_details.data_content_type   'Structure model' 
_pdbx_audit_revision_details.provider            repository 
_pdbx_audit_revision_details.type                'Initial release' 
_pdbx_audit_revision_details.description         ? 
_pdbx_audit_revision_details.details             ? 
# 
loop_
_pdbx_audit_revision_group.ordinal 
_pdbx_audit_revision_group.revision_ordinal 
_pdbx_audit_revision_group.data_content_type 
_pdbx_audit_revision_group.group 
1 2 'Structure model' 'Database references' 
2 2 'Structure model' 'Structure summary'   
# 
loop_
_pdbx_audit_revision_category.ordinal 
_pdbx_audit_revision_category.revision_ordinal 
_pdbx_audit_revision_category.data_content_type 
_pdbx_audit_revision_category.category 
1 2 'Structure model' citation           
2 2 'Structure model' citation_author    
3 2 'Structure model' pdbx_entry_details 
# 
loop_
_pdbx_audit_revision_item.ordinal 
_pdbx_audit_revision_item.revision_ordinal 
_pdbx_audit_revision_item.data_content_type 
_pdbx_audit_revision_item.item 
1  2 'Structure model' '_citation.country'                 
2  2 'Structure model' '_citation.journal_abbrev'          
3  2 'Structure model' '_citation.journal_id_ASTM'         
4  2 'Structure model' '_citation.journal_id_CSD'          
5  2 'Structure model' '_citation.journal_id_ISSN'         
6  2 'Structure model' '_citation.journal_volume'          
7  2 'Structure model' '_citation.page_first'              
8  2 'Structure model' '_citation.page_last'               
9  2 'Structure model' '_citation.pdbx_database_id_DOI'    
10 2 'Structure model' '_citation.pdbx_database_id_PubMed' 
11 2 'Structure model' '_citation.title'                   
12 2 'Structure model' '_citation.year'                    
# 
_pdbx_database_status.status_code                     REL 
_pdbx_database_status.status_code_sf                  REL 
_pdbx_database_status.status_code_mr                  ? 
_pdbx_database_status.entry_id                        8CMP 
_pdbx_database_status.recvd_initial_deposition_date   2023-02-20 
_pdbx_database_status.SG_entry                        N 
_pdbx_database_status.deposit_site                    PDBE 
_pdbx_database_status.process_site                    PDBE 
_pdbx_database_status.status_code_cs                  ? 
_pdbx_database_status.status_code_nmr_data            ? 
_pdbx_database_status.methods_development_category    ? 
_pdbx_database_status.pdb_format_compatible           Y 
# 
_pdbx_contact_author.id                 2 
_pdbx_contact_author.email              marcus.hartmann@tuebingen.mpg.de 
_pdbx_contact_author.name_first         Marcus 
_pdbx_contact_author.name_last          Hartmann 
_pdbx_contact_author.name_mi            D. 
_pdbx_contact_author.role               'principal investigator/group leader' 
_pdbx_contact_author.identifier_ORCID   0000-0001-6937-5677 
# 
loop_
_audit_author.name 
_audit_author.pdbx_ordinal 
_audit_author.identifier_ORCID 
'Hu, Y.'         1 ?                   
'Joiner, J.D.'   2 ?                   
'Albrecht, R.'   3 ?                   
'Hartmann, M.D.' 4 0000-0001-6937-5677 
# 
_citation.abstract                  ? 
_citation.abstract_id_CAS           ? 
_citation.book_id_ISBN              ? 
_citation.book_publisher            ? 
_citation.book_publisher_city       ? 
_citation.book_title                ? 
_citation.coordinate_linkage        ? 
_citation.country                   UK 
_citation.database_id_Medline       ? 
_citation.details                   ? 
_citation.id                        primary 
_citation.journal_abbrev            'Nucleic Acids Res.' 
_citation.journal_id_ASTM           NARHAD 
_citation.journal_id_CSD            0389 
_citation.journal_id_ISSN           1362-4962 
_citation.journal_full              ? 
_citation.journal_issue             ? 
_citation.journal_volume            52 
_citation.language                  ? 
_citation.page_first                8193 
_citation.page_last                 8204 
_citation.title                     'Bacterial histone HBb from Bdellovibrio bacteriovorus compacts DNA by bending.' 
_citation.year                      2024 
_citation.database_id_CSD           ? 
_citation.pdbx_database_id_DOI      10.1093/nar/gkae485 
_citation.pdbx_database_id_PubMed   38864377 
_citation.pdbx_database_id_patent   ? 
_citation.unpublished_flag          ? 
# 
loop_
_citation_author.citation_id 
_citation_author.name 
_citation_author.ordinal 
_citation_author.identifier_ORCID 
primary 'Hu, Y.'         1  ?                   
primary 'Schwab, S.'     2  ?                   
primary 'Deiss, S.'      3  ?                   
primary 'Escudeiro, P.'  4  ?                   
primary 'van Heesch, T.' 5  ?                   
primary 'Joiner, J.D.'   6  ?                   
primary 'Vreede, J.'     7  0000-0002-6977-6603 
primary 'Hartmann, M.D.' 8  ?                   
primary 'Lupas, A.N.'    9  ?                   
primary 'Alvarez, B.H.'  10 0000-0003-0635-8698 
primary 'Alva, V.'       11 0000-0003-1188-473X 
primary 'Dame, R.T.'     12 0000-0001-9863-1692 
# 
loop_
_entity.id 
_entity.type 
_entity.src_method 
_entity.pdbx_description 
_entity.formula_weight 
_entity.pdbx_number_of_molecules 
_entity.pdbx_ec 
_entity.pdbx_mutation 
_entity.pdbx_fragment 
_entity.details 
1 polymer man 'CBFD_NFYB_HMF domain-containing protein' 7189.504 1  ? ? ? ? 
2 water   nat water                                     18.015   29 ? ? ? ? 
# 
_entity_poly.entity_id                      1 
_entity_poly.type                           'polypeptide(L)' 
_entity_poly.nstd_linkage                   no 
_entity_poly.nstd_monomer                   no 
_entity_poly.pdbx_seq_one_letter_code       GHMAEVLVVTSKVKKLIKEKGQMNTSAETIDVLSKAIEQLCLKGVESAKADGRKTVMARDIVIDHL 
_entity_poly.pdbx_seq_one_letter_code_can   GHMAEVLVVTSKVKKLIKEKGQMNTSAETIDVLSKAIEQLCLKGVESAKADGRKTVMARDIVIDHL 
_entity_poly.pdbx_strand_id                 A 
_entity_poly.pdbx_target_identifier         ? 
# 
_pdbx_entity_nonpoly.entity_id   2 
_pdbx_entity_nonpoly.name        water 
_pdbx_entity_nonpoly.comp_id     HOH 
# 
loop_
_entity_poly_seq.entity_id 
_entity_poly_seq.num 
_entity_poly_seq.mon_id 
_entity_poly_seq.hetero 
1 1  GLY n 
1 2  HIS n 
1 3  MET n 
1 4  ALA n 
1 5  GLU n 
1 6  VAL n 
1 7  LEU n 
1 8  VAL n 
1 9  VAL n 
1 10 THR n 
1 11 SER n 
1 12 LYS n 
1 13 VAL n 
1 14 LYS n 
1 15 LYS n 
1 16 LEU n 
1 17 ILE n 
1 18 LYS n 
1 19 GLU n 
1 20 LYS n 
1 21 GLY n 
1 22 GLN n 
1 23 MET n 
1 24 ASN n 
1 25 THR n 
1 26 SER n 
1 27 ALA n 
1 28 GLU n 
1 29 THR n 
1 30 ILE n 
1 31 ASP n 
1 32 VAL n 
1 33 LEU n 
1 34 SER n 
1 35 LYS n 
1 36 ALA n 
1 37 ILE n 
1 38 GLU n 
1 39 GLN n 
1 40 LEU n 
1 41 CYS n 
1 42 LEU n 
1 43 LYS n 
1 44 GLY n 
1 45 VAL n 
1 46 GLU n 
1 47 SER n 
1 48 ALA n 
1 49 LYS n 
1 50 ALA n 
1 51 ASP n 
1 52 GLY n 
1 53 ARG n 
1 54 LYS n 
1 55 THR n 
1 56 VAL n 
1 57 MET n 
1 58 ALA n 
1 59 ARG n 
1 60 ASP n 
1 61 ILE n 
1 62 VAL n 
1 63 ILE n 
1 64 ASP n 
1 65 HIS n 
1 66 LEU n 
# 
_entity_src_gen.entity_id                          1 
_entity_src_gen.pdbx_src_id                        1 
_entity_src_gen.pdbx_alt_source_flag               sample 
_entity_src_gen.pdbx_seq_type                      'Biological sequence' 
_entity_src_gen.pdbx_beg_seq_num                   1 
_entity_src_gen.pdbx_end_seq_num                   66 
_entity_src_gen.gene_src_common_name               ? 
_entity_src_gen.gene_src_genus                     ? 
_entity_src_gen.pdbx_gene_src_gene                 AZI86_06880 
_entity_src_gen.gene_src_species                   ? 
_entity_src_gen.gene_src_strain                    ? 
_entity_src_gen.gene_src_tissue                    ? 
_entity_src_gen.gene_src_tissue_fraction           ? 
_entity_src_gen.gene_src_details                   ? 
_entity_src_gen.pdbx_gene_src_fragment             ? 
_entity_src_gen.pdbx_gene_src_scientific_name      'Bdellovibrio bacteriovorus' 
_entity_src_gen.pdbx_gene_src_ncbi_taxonomy_id     959 
_entity_src_gen.pdbx_gene_src_variant              ? 
_entity_src_gen.pdbx_gene_src_cell_line            ? 
_entity_src_gen.pdbx_gene_src_atcc                 ? 
_entity_src_gen.pdbx_gene_src_organ                ? 
_entity_src_gen.pdbx_gene_src_organelle            ? 
_entity_src_gen.pdbx_gene_src_cell                 ? 
_entity_src_gen.pdbx_gene_src_cellular_location    ? 
_entity_src_gen.host_org_common_name               ? 
_entity_src_gen.pdbx_host_org_scientific_name      'Escherichia coli' 
_entity_src_gen.pdbx_host_org_ncbi_taxonomy_id     562 
_entity_src_gen.host_org_genus                     ? 
_entity_src_gen.pdbx_host_org_gene                 ? 
_entity_src_gen.pdbx_host_org_organ                ? 
_entity_src_gen.host_org_species                   ? 
_entity_src_gen.pdbx_host_org_tissue               ? 
_entity_src_gen.pdbx_host_org_tissue_fraction      ? 
_entity_src_gen.pdbx_host_org_strain               ? 
_entity_src_gen.pdbx_host_org_variant              ? 
_entity_src_gen.pdbx_host_org_cell_line            ? 
_entity_src_gen.pdbx_host_org_atcc                 ? 
_entity_src_gen.pdbx_host_org_culture_collection   ? 
_entity_src_gen.pdbx_host_org_cell                 ? 
_entity_src_gen.pdbx_host_org_organelle            ? 
_entity_src_gen.pdbx_host_org_cellular_location    ? 
_entity_src_gen.pdbx_host_org_vector_type          ? 
_entity_src_gen.pdbx_host_org_vector               ? 
_entity_src_gen.host_org_details                   ? 
_entity_src_gen.expression_system_id               ? 
_entity_src_gen.plasmid_name                       ? 
_entity_src_gen.plasmid_details                    ? 
_entity_src_gen.pdbx_description                   ? 
# 
loop_
_chem_comp.id 
_chem_comp.type 
_chem_comp.mon_nstd_flag 
_chem_comp.name 
_chem_comp.pdbx_synonyms 
_chem_comp.formula 
_chem_comp.formula_weight 
ALA 'L-peptide linking' y ALANINE         ? 'C3 H7 N O2'     89.093  
ARG 'L-peptide linking' y ARGININE        ? 'C6 H15 N4 O2 1' 175.209 
ASN 'L-peptide linking' y ASPARAGINE      ? 'C4 H8 N2 O3'    132.118 
ASP 'L-peptide linking' y 'ASPARTIC ACID' ? 'C4 H7 N O4'     133.103 
CYS 'L-peptide linking' y CYSTEINE        ? 'C3 H7 N O2 S'   121.158 
GLN 'L-peptide linking' y GLUTAMINE       ? 'C5 H10 N2 O3'   146.144 
GLU 'L-peptide linking' y 'GLUTAMIC ACID' ? 'C5 H9 N O4'     147.129 
GLY 'peptide linking'   y GLYCINE         ? 'C2 H5 N O2'     75.067  
HIS 'L-peptide linking' y HISTIDINE       ? 'C6 H10 N3 O2 1' 156.162 
HOH non-polymer         . WATER           ? 'H2 O'           18.015  
ILE 'L-peptide linking' y ISOLEUCINE      ? 'C6 H13 N O2'    131.173 
LEU 'L-peptide linking' y LEUCINE         ? 'C6 H13 N O2'    131.173 
LYS 'L-peptide linking' y LYSINE          ? 'C6 H15 N2 O2 1' 147.195 
MET 'L-peptide linking' y METHIONINE      ? 'C5 H11 N O2 S'  149.211 
SER 'L-peptide linking' y SERINE          ? 'C3 H7 N O3'     105.093 
THR 'L-peptide linking' y THREONINE       ? 'C4 H9 N O3'     119.119 
VAL 'L-peptide linking' y VALINE          ? 'C5 H11 N O2'    117.146 
# 
loop_
_pdbx_poly_seq_scheme.asym_id 
_pdbx_poly_seq_scheme.entity_id 
_pdbx_poly_seq_scheme.seq_id 
_pdbx_poly_seq_scheme.mon_id 
_pdbx_poly_seq_scheme.ndb_seq_num 
_pdbx_poly_seq_scheme.pdb_seq_num 
_pdbx_poly_seq_scheme.auth_seq_num 
_pdbx_poly_seq_scheme.pdb_mon_id 
_pdbx_poly_seq_scheme.auth_mon_id 
_pdbx_poly_seq_scheme.pdb_strand_id 
_pdbx_poly_seq_scheme.pdb_ins_code 
_pdbx_poly_seq_scheme.hetero 
A 1 1  GLY 1  -1 ?  ?   ?   A . n 
A 1 2  HIS 2  0  ?  ?   ?   A . n 
A 1 3  MET 3  1  ?  ?   ?   A . n 
A 1 4  ALA 4  2  ?  ?   ?   A . n 
A 1 5  GLU 5  3  ?  ?   ?   A . n 
A 1 6  VAL 6  4  4  VAL VAL A . n 
A 1 7  LEU 7  5  5  LEU LEU A . n 
A 1 8  VAL 8  6  6  VAL VAL A . n 
A 1 9  VAL 9  7  7  VAL VAL A . n 
A 1 10 THR 10 8  8  THR THR A . n 
A 1 11 SER 11 9  9  SER SER A . n 
A 1 12 LYS 12 10 10 LYS LYS A . n 
A 1 13 VAL 13 11 11 VAL VAL A . n 
A 1 14 LYS 14 12 12 LYS LYS A . n 
A 1 15 LYS 15 13 13 LYS LYS A . n 
A 1 16 LEU 16 14 14 LEU LEU A . n 
A 1 17 ILE 17 15 15 ILE ILE A . n 
A 1 18 LYS 18 16 16 LYS LYS A . n 
A 1 19 GLU 19 17 17 GLU GLU A . n 
A 1 20 LYS 20 18 18 LYS LYS A . n 
A 1 21 GLY 21 19 19 GLY GLY A . n 
A 1 22 GLN 22 20 20 GLN GLN A . n 
A 1 23 MET 23 21 21 MET MET A . n 
A 1 24 ASN 24 22 22 ASN ASN A . n 
A 1 25 THR 25 23 23 THR THR A . n 
A 1 26 SER 26 24 24 SER SER A . n 
A 1 27 ALA 27 25 25 ALA ALA A . n 
A 1 28 GLU 28 26 26 GLU GLU A . n 
A 1 29 THR 29 27 27 THR THR A . n 
A 1 30 ILE 30 28 28 ILE ILE A . n 
A 1 31 ASP 31 29 29 ASP ASP A . n 
A 1 32 VAL 32 30 30 VAL VAL A . n 
A 1 33 LEU 33 31 31 LEU LEU A . n 
A 1 34 SER 34 32 32 SER SER A . n 
A 1 35 LYS 35 33 33 LYS LYS A . n 
A 1 36 ALA 36 34 34 ALA ALA A . n 
A 1 37 ILE 37 35 35 ILE ILE A . n 
A 1 38 GLU 38 36 36 GLU GLU A . n 
A 1 39 GLN 39 37 37 GLN GLN A . n 
A 1 40 LEU 40 38 38 LEU LEU A . n 
A 1 41 CYS 41 39 39 CYS CYS A . n 
A 1 42 LEU 42 40 40 LEU LEU A . n 
A 1 43 LYS 43 41 41 LYS LYS A . n 
A 1 44 GLY 44 42 42 GLY GLY A . n 
A 1 45 VAL 45 43 43 VAL VAL A . n 
A 1 46 GLU 46 44 44 GLU GLU A . n 
A 1 47 SER 47 45 45 SER SER A . n 
A 1 48 ALA 48 46 46 ALA ALA A . n 
A 1 49 LYS 49 47 47 LYS LYS A . n 
A 1 50 ALA 50 48 48 ALA ALA A . n 
A 1 51 ASP 51 49 49 ASP ASP A . n 
A 1 52 GLY 52 50 50 GLY GLY A . n 
A 1 53 ARG 53 51 51 ARG ARG A . n 
A 1 54 LYS 54 52 52 LYS LYS A . n 
A 1 55 THR 55 53 53 THR THR A . n 
A 1 56 VAL 56 54 54 VAL VAL A . n 
A 1 57 MET 57 55 55 MET MET A . n 
A 1 58 ALA 58 56 56 ALA ALA A . n 
A 1 59 ARG 59 57 57 ARG ARG A . n 
A 1 60 ASP 60 58 58 ASP ASP A . n 
A 1 61 ILE 61 59 59 ILE ILE A . n 
A 1 62 VAL 62 60 60 VAL VAL A . n 
A 1 63 ILE 63 61 61 ILE ILE A . n 
A 1 64 ASP 64 62 ?  ?   ?   A . n 
A 1 65 HIS 65 63 ?  ?   ?   A . n 
A 1 66 LEU 66 64 ?  ?   ?   A . n 
# 
loop_
_pdbx_nonpoly_scheme.asym_id 
_pdbx_nonpoly_scheme.entity_id 
_pdbx_nonpoly_scheme.mon_id 
_pdbx_nonpoly_scheme.ndb_seq_num 
_pdbx_nonpoly_scheme.pdb_seq_num 
_pdbx_nonpoly_scheme.auth_seq_num 
_pdbx_nonpoly_scheme.pdb_mon_id 
_pdbx_nonpoly_scheme.auth_mon_id 
_pdbx_nonpoly_scheme.pdb_strand_id 
_pdbx_nonpoly_scheme.pdb_ins_code 
B 2 HOH 1  101 22 HOH HOH A . 
B 2 HOH 2  102 16 HOH HOH A . 
B 2 HOH 3  103 27 HOH HOH A . 
B 2 HOH 4  104 2  HOH HOH A . 
B 2 HOH 5  105 19 HOH HOH A . 
B 2 HOH 6  106 6  HOH HOH A . 
B 2 HOH 7  107 13 HOH HOH A . 
B 2 HOH 8  108 17 HOH HOH A . 
B 2 HOH 9  109 9  HOH HOH A . 
B 2 HOH 10 110 34 HOH HOH A . 
B 2 HOH 11 111 1  HOH HOH A . 
B 2 HOH 12 112 3  HOH HOH A . 
B 2 HOH 13 113 30 HOH HOH A . 
B 2 HOH 14 114 12 HOH HOH A . 
B 2 HOH 15 115 10 HOH HOH A . 
B 2 HOH 16 116 4  HOH HOH A . 
B 2 HOH 17 117 5  HOH HOH A . 
B 2 HOH 18 118 14 HOH HOH A . 
B 2 HOH 19 119 11 HOH HOH A . 
B 2 HOH 20 120 15 HOH HOH A . 
B 2 HOH 21 121 21 HOH HOH A . 
B 2 HOH 22 122 8  HOH HOH A . 
B 2 HOH 23 123 18 HOH HOH A . 
B 2 HOH 24 124 7  HOH HOH A . 
B 2 HOH 25 125 33 HOH HOH A . 
B 2 HOH 26 126 28 HOH HOH A . 
B 2 HOH 27 127 20 HOH HOH A . 
B 2 HOH 28 128 29 HOH HOH A . 
B 2 HOH 29 129 23 HOH HOH A . 
# 
loop_
_software.citation_id 
_software.classification 
_software.compiler_name 
_software.compiler_version 
_software.contact_author 
_software.contact_author_email 
_software.date 
_software.description 
_software.dependencies 
_software.hardware 
_software.language 
_software.location 
_software.mods 
_software.name 
_software.os 
_software.os_version 
_software.type 
_software.version 
_software.pdbx_ordinal 
? refinement       ? ? ? ? ? ? ? ? ? ? ? REFMAC ? ? ? 5.8.0266 1 
? 'data reduction' ? ? ? ? ? ? ? ? ? ? ? XDS    ? ? ? .        2 
? 'data scaling'   ? ? ? ? ? ? ? ? ? ? ? XDS    ? ? ? .        3 
? phasing          ? ? ? ? ? ? ? ? ? ? ? PHASER ? ? ? .        4 
# 
_cell.angle_alpha                  90.00 
_cell.angle_alpha_esd              ? 
_cell.angle_beta                   90.00 
_cell.angle_beta_esd               ? 
_cell.angle_gamma                  90.00 
_cell.angle_gamma_esd              ? 
_cell.entry_id                     8CMP 
_cell.details                      ? 
_cell.formula_units_Z              ? 
_cell.length_a                     34.474 
_cell.length_a_esd                 ? 
_cell.length_b                     56.345 
_cell.length_b_esd                 ? 
_cell.length_c                     26.695 
_cell.length_c_esd                 ? 
_cell.volume                       ? 
_cell.volume_esd                   ? 
_cell.Z_PDB                        4 
_cell.reciprocal_angle_alpha       ? 
_cell.reciprocal_angle_beta        ? 
_cell.reciprocal_angle_gamma       ? 
_cell.reciprocal_angle_alpha_esd   ? 
_cell.reciprocal_angle_beta_esd    ? 
_cell.reciprocal_angle_gamma_esd   ? 
_cell.reciprocal_length_a          ? 
_cell.reciprocal_length_b          ? 
_cell.reciprocal_length_c          ? 
_cell.reciprocal_length_a_esd      ? 
_cell.reciprocal_length_b_esd      ? 
_cell.reciprocal_length_c_esd      ? 
_cell.pdbx_unique_axis             ? 
_cell.pdbx_esd_method              ? 
# 
_symmetry.entry_id                         8CMP 
_symmetry.cell_setting                     ? 
_symmetry.Int_Tables_number                18 
_symmetry.space_group_name_Hall            ? 
_symmetry.space_group_name_H-M             'P 21 21 2' 
_symmetry.pdbx_full_space_group_name_H-M   ? 
# 
_exptl.absorpt_coefficient_mu     ? 
_exptl.absorpt_correction_T_max   ? 
_exptl.absorpt_correction_T_min   ? 
_exptl.absorpt_correction_type    ? 
_exptl.absorpt_process_details    ? 
_exptl.entry_id                   8CMP 
_exptl.crystals_number            1 
_exptl.details                    ? 
_exptl.method                     'X-RAY DIFFRACTION' 
_exptl.method_details             ? 
# 
_exptl_crystal.colour                       ? 
_exptl_crystal.density_diffrn               ? 
_exptl_crystal.density_Matthews             1.80 
_exptl_crystal.density_method               ? 
_exptl_crystal.density_percent_sol          31.78 
_exptl_crystal.description                  ? 
_exptl_crystal.F_000                        ? 
_exptl_crystal.id                           1 
_exptl_crystal.preparation                  ? 
_exptl_crystal.size_max                     ? 
_exptl_crystal.size_mid                     ? 
_exptl_crystal.size_min                     ? 
_exptl_crystal.size_rad                     ? 
_exptl_crystal.colour_lustre                ? 
_exptl_crystal.colour_modifier              ? 
_exptl_crystal.colour_primary               ? 
_exptl_crystal.density_meas                 ? 
_exptl_crystal.density_meas_esd             ? 
_exptl_crystal.density_meas_gt              ? 
_exptl_crystal.density_meas_lt              ? 
_exptl_crystal.density_meas_temp            ? 
_exptl_crystal.density_meas_temp_esd        ? 
_exptl_crystal.density_meas_temp_gt         ? 
_exptl_crystal.density_meas_temp_lt         ? 
_exptl_crystal.pdbx_crystal_image_url       ? 
_exptl_crystal.pdbx_crystal_image_format    ? 
_exptl_crystal.pdbx_mosaicity               ? 
_exptl_crystal.pdbx_mosaicity_esd           ? 
_exptl_crystal.pdbx_mosaic_method           ? 
_exptl_crystal.pdbx_mosaic_block_size       ? 
_exptl_crystal.pdbx_mosaic_block_size_esd   ? 
# 
_exptl_crystal_grow.apparatus       ? 
_exptl_crystal_grow.atmosphere      ? 
_exptl_crystal_grow.crystal_id      1 
_exptl_crystal_grow.details         ? 
_exptl_crystal_grow.method          'VAPOR DIFFUSION, SITTING DROP' 
_exptl_crystal_grow.method_ref      ? 
_exptl_crystal_grow.pH              ? 
_exptl_crystal_grow.pressure        ? 
_exptl_crystal_grow.pressure_esd    ? 
_exptl_crystal_grow.seeding         ? 
_exptl_crystal_grow.seeding_ref     ? 
_exptl_crystal_grow.temp_details    ? 
_exptl_crystal_grow.temp_esd        ? 
_exptl_crystal_grow.time            ? 
_exptl_crystal_grow.pdbx_details    '0.1 M Sodium acetate, pH 4.5 and 25% PEG3350' 
_exptl_crystal_grow.pdbx_pH_range   ? 
_exptl_crystal_grow.temp            293 
# 
_diffrn.ambient_environment              ? 
_diffrn.ambient_temp                     100 
_diffrn.ambient_temp_details             ? 
_diffrn.ambient_temp_esd                 ? 
_diffrn.crystal_id                       1 
_diffrn.crystal_support                  ? 
_diffrn.crystal_treatment                ? 
_diffrn.details                          ? 
_diffrn.id                               1 
_diffrn.ambient_pressure                 ? 
_diffrn.ambient_pressure_esd             ? 
_diffrn.ambient_pressure_gt              ? 
_diffrn.ambient_pressure_lt              ? 
_diffrn.ambient_temp_gt                  ? 
_diffrn.ambient_temp_lt                  ? 
_diffrn.pdbx_serial_crystal_experiment   N 
# 
_diffrn_detector.details                      ? 
_diffrn_detector.detector                     PIXEL 
_diffrn_detector.diffrn_id                    1 
_diffrn_detector.type                         'DECTRIS EIGER X 16M' 
_diffrn_detector.area_resol_mean              ? 
_diffrn_detector.dtime                        ? 
_diffrn_detector.pdbx_frames_total            ? 
_diffrn_detector.pdbx_collection_time_total   ? 
_diffrn_detector.pdbx_collection_date         2020-09-11 
_diffrn_detector.pdbx_frequency               ? 
_diffrn_detector.id                           ? 
_diffrn_detector.number_of_axes               ? 
# 
_diffrn_radiation.collimation                      ? 
_diffrn_radiation.diffrn_id                        1 
_diffrn_radiation.filter_edge                      ? 
_diffrn_radiation.inhomogeneity                    ? 
_diffrn_radiation.monochromator                    ? 
_diffrn_radiation.polarisn_norm                    ? 
_diffrn_radiation.polarisn_ratio                   ? 
_diffrn_radiation.probe                            ? 
_diffrn_radiation.type                             ? 
_diffrn_radiation.xray_symbol                      ? 
_diffrn_radiation.wavelength_id                    1 
_diffrn_radiation.pdbx_monochromatic_or_laue_m_l   M 
_diffrn_radiation.pdbx_wavelength_list             ? 
_diffrn_radiation.pdbx_wavelength                  ? 
_diffrn_radiation.pdbx_diffrn_protocol             'SINGLE WAVELENGTH' 
_diffrn_radiation.pdbx_analyzer                    ? 
_diffrn_radiation.pdbx_scattering_type             x-ray 
# 
_diffrn_radiation_wavelength.id           1 
_diffrn_radiation_wavelength.wavelength   1.00 
_diffrn_radiation_wavelength.wt           1.0 
# 
_diffrn_source.current                     ? 
_diffrn_source.details                     ? 
_diffrn_source.diffrn_id                   1 
_diffrn_source.power                       ? 
_diffrn_source.size                        ? 
_diffrn_source.source                      SYNCHROTRON 
_diffrn_source.target                      ? 
_diffrn_source.type                        'SLS BEAMLINE X10SA' 
_diffrn_source.voltage                     ? 
_diffrn_source.take-off_angle              ? 
_diffrn_source.pdbx_wavelength_list        1.00 
_diffrn_source.pdbx_wavelength             ? 
_diffrn_source.pdbx_synchrotron_beamline   X10SA 
_diffrn_source.pdbx_synchrotron_site       SLS 
# 
_reflns.B_iso_Wilson_estimate                          ? 
_reflns.entry_id                                       8CMP 
_reflns.data_reduction_details                         ? 
_reflns.data_reduction_method                          ? 
_reflns.d_resolution_high                              1.06 
_reflns.d_resolution_low                               28.2 
_reflns.details                                        ? 
_reflns.limit_h_max                                    ? 
_reflns.limit_h_min                                    ? 
_reflns.limit_k_max                                    ? 
_reflns.limit_k_min                                    ? 
_reflns.limit_l_max                                    ? 
_reflns.limit_l_min                                    ? 
_reflns.number_all                                     ? 
_reflns.number_obs                                     23226 
_reflns.observed_criterion                             ? 
_reflns.observed_criterion_F_max                       ? 
_reflns.observed_criterion_F_min                       ? 
_reflns.observed_criterion_I_max                       ? 
_reflns.observed_criterion_I_min                       ? 
_reflns.observed_criterion_sigma_F                     ? 
_reflns.observed_criterion_sigma_I                     ? 
_reflns.percent_possible_obs                           96.3 
_reflns.R_free_details                                 ? 
_reflns.Rmerge_F_all                                   ? 
_reflns.Rmerge_F_obs                                   ? 
_reflns.Friedel_coverage                               ? 
_reflns.number_gt                                      ? 
_reflns.threshold_expression                           ? 
_reflns.pdbx_redundancy                                10.8 
_reflns.pdbx_netI_over_av_sigmaI                       ? 
_reflns.pdbx_netI_over_sigmaI                          23.80 
_reflns.pdbx_res_netI_over_av_sigmaI_2                 ? 
_reflns.pdbx_res_netI_over_sigmaI_2                    ? 
_reflns.pdbx_chi_squared                               ? 
_reflns.pdbx_scaling_rejects                           ? 
_reflns.pdbx_d_res_high_opt                            ? 
_reflns.pdbx_d_res_low_opt                             ? 
_reflns.pdbx_d_res_opt_method                          ? 
_reflns.phase_calculation_details                      ? 
_reflns.pdbx_Rrim_I_all                                0.047 
_reflns.pdbx_Rpim_I_all                                ? 
_reflns.pdbx_d_opt                                     ? 
_reflns.pdbx_number_measured_all                       ? 
_reflns.pdbx_diffrn_id                                 1 
_reflns.pdbx_ordinal                                   1 
_reflns.pdbx_CC_half                                   1.00 
_reflns.pdbx_CC_star                                   ? 
_reflns.pdbx_R_split                                   ? 
_reflns.pdbx_Rmerge_I_obs                              ? 
_reflns.pdbx_Rmerge_I_all                              ? 
_reflns.pdbx_Rsym_value                                ? 
_reflns.pdbx_CC_split_method                           ? 
_reflns.pdbx_aniso_diffraction_limit_axis_1_ortho[1]   ? 
_reflns.pdbx_aniso_diffraction_limit_axis_1_ortho[2]   ? 
_reflns.pdbx_aniso_diffraction_limit_axis_1_ortho[3]   ? 
_reflns.pdbx_aniso_diffraction_limit_axis_2_ortho[1]   ? 
_reflns.pdbx_aniso_diffraction_limit_axis_2_ortho[2]   ? 
_reflns.pdbx_aniso_diffraction_limit_axis_2_ortho[3]   ? 
_reflns.pdbx_aniso_diffraction_limit_axis_3_ortho[1]   ? 
_reflns.pdbx_aniso_diffraction_limit_axis_3_ortho[2]   ? 
_reflns.pdbx_aniso_diffraction_limit_axis_3_ortho[3]   ? 
_reflns.pdbx_aniso_diffraction_limit_1                 ? 
_reflns.pdbx_aniso_diffraction_limit_2                 ? 
_reflns.pdbx_aniso_diffraction_limit_3                 ? 
_reflns.pdbx_aniso_B_tensor_eigenvector_1_ortho[1]     ? 
_reflns.pdbx_aniso_B_tensor_eigenvector_1_ortho[2]     ? 
_reflns.pdbx_aniso_B_tensor_eigenvector_1_ortho[3]     ? 
_reflns.pdbx_aniso_B_tensor_eigenvector_2_ortho[1]     ? 
_reflns.pdbx_aniso_B_tensor_eigenvector_2_ortho[2]     ? 
_reflns.pdbx_aniso_B_tensor_eigenvector_2_ortho[3]     ? 
_reflns.pdbx_aniso_B_tensor_eigenvector_3_ortho[1]     ? 
_reflns.pdbx_aniso_B_tensor_eigenvector_3_ortho[2]     ? 
_reflns.pdbx_aniso_B_tensor_eigenvector_3_ortho[3]     ? 
_reflns.pdbx_aniso_B_tensor_eigenvalue_1               ? 
_reflns.pdbx_aniso_B_tensor_eigenvalue_2               ? 
_reflns.pdbx_aniso_B_tensor_eigenvalue_3               ? 
_reflns.pdbx_orthogonalization_convention              ? 
_reflns.pdbx_percent_possible_ellipsoidal              ? 
_reflns.pdbx_percent_possible_spherical                ? 
_reflns.pdbx_percent_possible_ellipsoidal_anomalous    ? 
_reflns.pdbx_percent_possible_spherical_anomalous      ? 
_reflns.pdbx_redundancy_anomalous                      ? 
_reflns.pdbx_CC_half_anomalous                         ? 
_reflns.pdbx_absDiff_over_sigma_anomalous              ? 
_reflns.pdbx_percent_possible_anomalous                ? 
_reflns.pdbx_observed_signal_threshold                 ? 
_reflns.pdbx_signal_type                               ? 
_reflns.pdbx_signal_details                            ? 
_reflns.pdbx_signal_software_id                        ? 
# 
_reflns_shell.d_res_high                                    1.06 
_reflns_shell.d_res_low                                     1.13 
_reflns_shell.meanI_over_sigI_all                           ? 
_reflns_shell.meanI_over_sigI_obs                           1.66 
_reflns_shell.number_measured_all                           ? 
_reflns_shell.number_measured_obs                           ? 
_reflns_shell.number_possible                               ? 
_reflns_shell.number_unique_all                             ? 
_reflns_shell.number_unique_obs                             3028 
_reflns_shell.percent_possible_obs                          ? 
_reflns_shell.Rmerge_F_all                                  ? 
_reflns_shell.Rmerge_F_obs                                  ? 
_reflns_shell.meanI_over_sigI_gt                            ? 
_reflns_shell.meanI_over_uI_all                             ? 
_reflns_shell.meanI_over_uI_gt                              ? 
_reflns_shell.number_measured_gt                            ? 
_reflns_shell.number_unique_gt                              ? 
_reflns_shell.percent_possible_gt                           ? 
_reflns_shell.Rmerge_F_gt                                   ? 
_reflns_shell.Rmerge_I_gt                                   ? 
_reflns_shell.pdbx_redundancy                               3.88 
_reflns_shell.pdbx_chi_squared                              ? 
_reflns_shell.pdbx_netI_over_sigmaI_all                     ? 
_reflns_shell.pdbx_netI_over_sigmaI_obs                     ? 
_reflns_shell.pdbx_Rrim_I_all                               0.921 
_reflns_shell.pdbx_Rpim_I_all                               ? 
_reflns_shell.pdbx_rejects                                  ? 
_reflns_shell.pdbx_ordinal                                  1 
_reflns_shell.pdbx_diffrn_id                                1 
_reflns_shell.pdbx_CC_half                                  0.688 
_reflns_shell.pdbx_CC_star                                  ? 
_reflns_shell.pdbx_R_split                                  ? 
_reflns_shell.percent_possible_all                          79.4 
_reflns_shell.Rmerge_I_all                                  ? 
_reflns_shell.Rmerge_I_obs                                  ? 
_reflns_shell.pdbx_Rsym_value                               ? 
_reflns_shell.pdbx_percent_possible_ellipsoidal             ? 
_reflns_shell.pdbx_percent_possible_spherical               ? 
_reflns_shell.pdbx_percent_possible_ellipsoidal_anomalous   ? 
_reflns_shell.pdbx_percent_possible_spherical_anomalous     ? 
_reflns_shell.pdbx_redundancy_anomalous                     ? 
_reflns_shell.pdbx_CC_half_anomalous                        ? 
_reflns_shell.pdbx_absDiff_over_sigma_anomalous             ? 
_reflns_shell.pdbx_percent_possible_anomalous               ? 
# 
_refine.aniso_B[1][1]                            -0.74 
_refine.aniso_B[1][2]                            -0.00 
_refine.aniso_B[1][3]                            0.00 
_refine.aniso_B[2][2]                            0.73 
_refine.aniso_B[2][3]                            -0.00 
_refine.aniso_B[3][3]                            0.01 
_refine.B_iso_max                                ? 
_refine.B_iso_mean                               17.722 
_refine.B_iso_min                                ? 
_refine.correlation_coeff_Fo_to_Fc               0.975 
_refine.correlation_coeff_Fo_to_Fc_free          0.971 
_refine.details                                  'HYDROGENS HAVE BEEN ADDED IN THE RIDING POSITIONS' 
_refine.diff_density_max                         ? 
_refine.diff_density_max_esd                     ? 
_refine.diff_density_min                         ? 
_refine.diff_density_min_esd                     ? 
_refine.diff_density_rms                         ? 
_refine.diff_density_rms_esd                     ? 
_refine.entry_id                                 8CMP 
_refine.pdbx_refine_id                           'X-RAY DIFFRACTION' 
_refine.ls_abs_structure_details                 ? 
_refine.ls_abs_structure_Flack                   ? 
_refine.ls_abs_structure_Flack_esd               ? 
_refine.ls_abs_structure_Rogers                  ? 
_refine.ls_abs_structure_Rogers_esd              ? 
_refine.ls_d_res_high                            1.06 
_refine.ls_d_res_low                             28.19 
_refine.ls_extinction_coef                       ? 
_refine.ls_extinction_coef_esd                   ? 
_refine.ls_extinction_expression                 ? 
_refine.ls_extinction_method                     ? 
_refine.ls_goodness_of_fit_all                   ? 
_refine.ls_goodness_of_fit_all_esd               ? 
_refine.ls_goodness_of_fit_obs                   ? 
_refine.ls_goodness_of_fit_obs_esd               ? 
_refine.ls_hydrogen_treatment                    ? 
_refine.ls_matrix_type                           ? 
_refine.ls_number_constraints                    ? 
_refine.ls_number_parameters                     ? 
_refine.ls_number_reflns_all                     ? 
_refine.ls_number_reflns_obs                     22065 
_refine.ls_number_reflns_R_free                  1161 
_refine.ls_number_reflns_R_work                  ? 
_refine.ls_number_restraints                     ? 
_refine.ls_percent_reflns_obs                    96.35 
_refine.ls_percent_reflns_R_free                 5.0 
_refine.ls_R_factor_all                          ? 
_refine.ls_R_factor_obs                          0.14374 
_refine.ls_R_factor_R_free                       0.16918 
_refine.ls_R_factor_R_free_error                 ? 
_refine.ls_R_factor_R_free_error_details         ? 
_refine.ls_R_factor_R_work                       0.14242 
_refine.ls_R_Fsqd_factor_obs                     ? 
_refine.ls_R_I_factor_obs                        ? 
_refine.ls_redundancy_reflns_all                 ? 
_refine.ls_redundancy_reflns_obs                 ? 
_refine.ls_restrained_S_all                      ? 
_refine.ls_restrained_S_obs                      ? 
_refine.ls_shift_over_esd_max                    ? 
_refine.ls_shift_over_esd_mean                   ? 
_refine.ls_structure_factor_coef                 ? 
_refine.ls_weighting_details                     ? 
_refine.ls_weighting_scheme                      ? 
_refine.ls_wR_factor_all                         ? 
_refine.ls_wR_factor_obs                         ? 
_refine.ls_wR_factor_R_free                      ? 
_refine.ls_wR_factor_R_work                      ? 
_refine.occupancy_max                            ? 
_refine.occupancy_min                            ? 
_refine.solvent_model_details                    MASK 
_refine.solvent_model_param_bsol                 ? 
_refine.solvent_model_param_ksol                 ? 
_refine.pdbx_R_complete                          ? 
_refine.ls_R_factor_gt                           ? 
_refine.ls_goodness_of_fit_gt                    ? 
_refine.ls_goodness_of_fit_ref                   ? 
_refine.ls_shift_over_su_max                     ? 
_refine.ls_shift_over_su_max_lt                  ? 
_refine.ls_shift_over_su_mean                    ? 
_refine.ls_shift_over_su_mean_lt                 ? 
_refine.pdbx_ls_sigma_I                          ? 
_refine.pdbx_ls_sigma_F                          ? 
_refine.pdbx_ls_sigma_Fsqd                       ? 
_refine.pdbx_data_cutoff_high_absF               ? 
_refine.pdbx_data_cutoff_high_rms_absF           ? 
_refine.pdbx_data_cutoff_low_absF                ? 
_refine.pdbx_isotropic_thermal_model             ? 
_refine.pdbx_ls_cross_valid_method               THROUGHOUT 
_refine.pdbx_method_to_determine_struct          'MOLECULAR REPLACEMENT' 
_refine.pdbx_starting_model                      ? 
_refine.pdbx_stereochemistry_target_values       'MAXIMUM LIKELIHOOD' 
_refine.pdbx_R_Free_selection_details            RANDOM 
_refine.pdbx_stereochem_target_val_spec_case     ? 
_refine.pdbx_overall_ESU_R                       0.025 
_refine.pdbx_overall_ESU_R_Free                  0.027 
_refine.pdbx_solvent_vdw_probe_radii             1.20 
_refine.pdbx_solvent_ion_probe_radii             0.80 
_refine.pdbx_solvent_shrinkage_radii             0.80 
_refine.pdbx_real_space_R                        ? 
_refine.pdbx_density_correlation                 ? 
_refine.pdbx_pd_number_of_powder_patterns        ? 
_refine.pdbx_pd_number_of_points                 ? 
_refine.pdbx_pd_meas_number_of_points            ? 
_refine.pdbx_pd_proc_ls_prof_R_factor            ? 
_refine.pdbx_pd_proc_ls_prof_wR_factor           ? 
_refine.pdbx_pd_Marquardt_correlation_coeff      ? 
_refine.pdbx_pd_Fsqrd_R_factor                   ? 
_refine.pdbx_pd_ls_matrix_band_width             ? 
_refine.pdbx_overall_phase_error                 ? 
_refine.pdbx_overall_SU_R_free_Cruickshank_DPI   ? 
_refine.pdbx_overall_SU_R_free_Blow_DPI          ? 
_refine.pdbx_overall_SU_R_Blow_DPI               ? 
_refine.pdbx_TLS_residual_ADP_flag               ? 
_refine.pdbx_diffrn_id                           1 
_refine.overall_SU_B                             0.778 
_refine.overall_SU_ML                            0.017 
_refine.overall_SU_R_Cruickshank_DPI             ? 
_refine.overall_SU_R_free                        ? 
_refine.overall_FOM_free_R_set                   ? 
_refine.overall_FOM_work_R_set                   ? 
_refine.pdbx_average_fsc_overall                 ? 
_refine.pdbx_average_fsc_work                    ? 
_refine.pdbx_average_fsc_free                    ? 
# 
_refine_hist.pdbx_refine_id                   'X-RAY DIFFRACTION' 
_refine_hist.cycle_id                         1 
_refine_hist.details                          ? 
_refine_hist.d_res_high                       1.06 
_refine_hist.d_res_low                        28.19 
_refine_hist.number_atoms_solvent             29 
_refine_hist.number_atoms_total               465 
_refine_hist.number_reflns_all                ? 
_refine_hist.number_reflns_obs                ? 
_refine_hist.number_reflns_R_free             ? 
_refine_hist.number_reflns_R_work             ? 
_refine_hist.R_factor_all                     ? 
_refine_hist.R_factor_obs                     ? 
_refine_hist.R_factor_R_free                  ? 
_refine_hist.R_factor_R_work                  ? 
_refine_hist.pdbx_number_residues_total       ? 
_refine_hist.pdbx_B_iso_mean_ligand           ? 
_refine_hist.pdbx_B_iso_mean_solvent          ? 
_refine_hist.pdbx_number_atoms_protein        436 
_refine_hist.pdbx_number_atoms_nucleic_acid   0 
_refine_hist.pdbx_number_atoms_ligand         0 
_refine_hist.pdbx_number_atoms_lipid          ? 
_refine_hist.pdbx_number_atoms_carb           ? 
_refine_hist.pdbx_pseudo_atom_details         ? 
# 
loop_
_refine_ls_restr.pdbx_refine_id 
_refine_ls_restr.criterion 
_refine_ls_restr.dev_ideal 
_refine_ls_restr.dev_ideal_target 
_refine_ls_restr.number 
_refine_ls_restr.rejects 
_refine_ls_restr.type 
_refine_ls_restr.weight 
_refine_ls_restr.pdbx_restraint_function 
'X-RAY DIFFRACTION' ? 0.019  0.013  445  ? r_bond_refined_d             ? ? 
'X-RAY DIFFRACTION' ? 0.002  0.017  492  ? r_bond_other_d               ? ? 
'X-RAY DIFFRACTION' ? 2.034  1.632  596  ? r_angle_refined_deg          ? ? 
'X-RAY DIFFRACTION' ? 1.577  1.597  1141 ? r_angle_other_deg            ? ? 
'X-RAY DIFFRACTION' ? 4.768  5.000  61   ? r_dihedral_angle_1_deg       ? ? 
'X-RAY DIFFRACTION' ? 37.274 24.286 14   ? r_dihedral_angle_2_deg       ? ? 
'X-RAY DIFFRACTION' ? 10.963 15.000 105  ? r_dihedral_angle_3_deg       ? ? 
'X-RAY DIFFRACTION' ? 14.165 15.000 2    ? r_dihedral_angle_4_deg       ? ? 
'X-RAY DIFFRACTION' ? 0.109  0.200  66   ? r_chiral_restr               ? ? 
'X-RAY DIFFRACTION' ? 0.008  0.020  471  ? r_gen_planes_refined         ? ? 
'X-RAY DIFFRACTION' ? 0.001  0.020  75   ? r_gen_planes_other           ? ? 
'X-RAY DIFFRACTION' ? ?      ?      ?    ? r_nbd_refined                ? ? 
'X-RAY DIFFRACTION' ? ?      ?      ?    ? r_nbd_other                  ? ? 
'X-RAY DIFFRACTION' ? ?      ?      ?    ? r_nbtor_refined              ? ? 
'X-RAY DIFFRACTION' ? ?      ?      ?    ? r_nbtor_other                ? ? 
'X-RAY DIFFRACTION' ? ?      ?      ?    ? r_xyhbond_nbd_refined        ? ? 
'X-RAY DIFFRACTION' ? ?      ?      ?    ? r_xyhbond_nbd_other          ? ? 
'X-RAY DIFFRACTION' ? ?      ?      ?    ? r_metal_ion_refined          ? ? 
'X-RAY DIFFRACTION' ? ?      ?      ?    ? r_metal_ion_other            ? ? 
'X-RAY DIFFRACTION' ? ?      ?      ?    ? r_symmetry_vdw_refined       ? ? 
'X-RAY DIFFRACTION' ? ?      ?      ?    ? r_symmetry_vdw_other         ? ? 
'X-RAY DIFFRACTION' ? ?      ?      ?    ? r_symmetry_hbond_refined     ? ? 
'X-RAY DIFFRACTION' ? ?      ?      ?    ? r_symmetry_hbond_other       ? ? 
'X-RAY DIFFRACTION' ? ?      ?      ?    ? r_symmetry_metal_ion_refined ? ? 
'X-RAY DIFFRACTION' ? ?      ?      ?    ? r_symmetry_metal_ion_other   ? ? 
'X-RAY DIFFRACTION' ? 2.125  1.410  235  ? r_mcbond_it                  ? ? 
'X-RAY DIFFRACTION' ? 1.647  1.402  234  ? r_mcbond_other               ? ? 
'X-RAY DIFFRACTION' ? 2.178  2.119  293  ? r_mcangle_it                 ? ? 
'X-RAY DIFFRACTION' ? 2.260  2.128  294  ? r_mcangle_other              ? ? 
'X-RAY DIFFRACTION' ? 3.592  1.950  210  ? r_scbond_it                  ? ? 
'X-RAY DIFFRACTION' ? 3.583  1.961  211  ? r_scbond_other               ? ? 
'X-RAY DIFFRACTION' ? ?      ?      ?    ? r_scangle_it                 ? ? 
'X-RAY DIFFRACTION' ? 4.451  2.689  302  ? r_scangle_other              ? ? 
'X-RAY DIFFRACTION' ? 3.885  17.766 476  ? r_long_range_B_refined       ? ? 
'X-RAY DIFFRACTION' ? 3.898  17.647 475  ? r_long_range_B_other         ? ? 
'X-RAY DIFFRACTION' ? 4.074  3.000  936  ? r_rigid_bond_restr           ? ? 
'X-RAY DIFFRACTION' ? ?      ?      ?    ? r_sphericity_free            ? ? 
'X-RAY DIFFRACTION' ? ?      ?      ?    ? r_sphericity_bonded          ? ? 
# 
_refine_ls_shell.pdbx_refine_id                   'X-RAY DIFFRACTION' 
_refine_ls_shell.d_res_high                       1.063 
_refine_ls_shell.d_res_low                        1.090 
_refine_ls_shell.number_reflns_all                ? 
_refine_ls_shell.number_reflns_obs                ? 
_refine_ls_shell.number_reflns_R_free             59 
_refine_ls_shell.number_reflns_R_work             1110 
_refine_ls_shell.percent_reflns_obs               67.22 
_refine_ls_shell.percent_reflns_R_free            ? 
_refine_ls_shell.R_factor_all                     ? 
_refine_ls_shell.R_factor_obs                     ? 
_refine_ls_shell.R_factor_R_free_error            ? 
_refine_ls_shell.R_factor_R_work                  0.363 
_refine_ls_shell.redundancy_reflns_all            ? 
_refine_ls_shell.redundancy_reflns_obs            ? 
_refine_ls_shell.wR_factor_all                    ? 
_refine_ls_shell.wR_factor_obs                    ? 
_refine_ls_shell.wR_factor_R_free                 ? 
_refine_ls_shell.wR_factor_R_work                 ? 
_refine_ls_shell.pdbx_R_complete                  ? 
_refine_ls_shell.pdbx_total_number_of_bins_used   20 
_refine_ls_shell.pdbx_phase_error                 ? 
_refine_ls_shell.pdbx_fsc_work                    ? 
_refine_ls_shell.pdbx_fsc_free                    ? 
_refine_ls_shell.R_factor_R_free                  0.379 
# 
_struct.entry_id                     8CMP 
_struct.title                        'DNA-binding bacterial histone protein HBB from Bdellovibrio bacteriovorus' 
_struct.pdbx_model_details           ? 
_struct.pdbx_formula_weight          ? 
_struct.pdbx_formula_weight_method   ? 
_struct.pdbx_model_type_details      ? 
_struct.pdbx_CASP_flag               N 
# 
_struct_keywords.entry_id        8CMP 
_struct_keywords.text            'Bacterial Histone, DNA BINDING PROTEIN' 
_struct_keywords.pdbx_keywords   'DNA BINDING PROTEIN' 
# 
loop_
_struct_asym.id 
_struct_asym.pdbx_blank_PDB_chainid_flag 
_struct_asym.pdbx_modified 
_struct_asym.entity_id 
_struct_asym.details 
A N N 1 ? 
B N N 2 ? 
# 
_struct_ref.id                         1 
_struct_ref.db_name                    UNP 
_struct_ref.db_code                    A0A150WQJ8_BDEBC 
_struct_ref.pdbx_db_accession          A0A150WQJ8 
_struct_ref.pdbx_db_isoform            ? 
_struct_ref.entity_id                  1 
_struct_ref.pdbx_seq_one_letter_code   MAEVLVVTSKVKKLIKEKGQMNTSAETIDVLSKAIEQLCLKGVESAKADGRKTVMARDIVIDHL 
_struct_ref.pdbx_align_begin           1 
# 
_struct_ref_seq.align_id                      1 
_struct_ref_seq.ref_id                        1 
_struct_ref_seq.pdbx_PDB_id_code              8CMP 
_struct_ref_seq.pdbx_strand_id                A 
_struct_ref_seq.seq_align_beg                 3 
_struct_ref_seq.pdbx_seq_align_beg_ins_code   ? 
_struct_ref_seq.seq_align_end                 66 
_struct_ref_seq.pdbx_seq_align_end_ins_code   ? 
_struct_ref_seq.pdbx_db_accession             A0A150WQJ8 
_struct_ref_seq.db_align_beg                  1 
_struct_ref_seq.pdbx_db_align_beg_ins_code    ? 
_struct_ref_seq.db_align_end                  64 
_struct_ref_seq.pdbx_db_align_end_ins_code    ? 
_struct_ref_seq.pdbx_auth_seq_align_beg       1 
_struct_ref_seq.pdbx_auth_seq_align_end       64 
# 
loop_
_struct_ref_seq_dif.align_id 
_struct_ref_seq_dif.pdbx_pdb_id_code 
_struct_ref_seq_dif.mon_id 
_struct_ref_seq_dif.pdbx_pdb_strand_id 
_struct_ref_seq_dif.seq_num 
_struct_ref_seq_dif.pdbx_pdb_ins_code 
_struct_ref_seq_dif.pdbx_seq_db_name 
_struct_ref_seq_dif.pdbx_seq_db_accession_code 
_struct_ref_seq_dif.db_mon_id 
_struct_ref_seq_dif.pdbx_seq_db_seq_num 
_struct_ref_seq_dif.details 
_struct_ref_seq_dif.pdbx_auth_seq_num 
_struct_ref_seq_dif.pdbx_ordinal 
1 8CMP GLY A 1 ? UNP A0A150WQJ8 ? ? 'expression tag' -1 1 
1 8CMP HIS A 2 ? UNP A0A150WQJ8 ? ? 'expression tag' 0  2 
# 
_pdbx_struct_assembly.id                   1 
_pdbx_struct_assembly.details              author_and_software_defined_assembly 
_pdbx_struct_assembly.method_details       PISA 
_pdbx_struct_assembly.oligomeric_details   dimeric 
_pdbx_struct_assembly.oligomeric_count     2 
# 
loop_
_pdbx_struct_assembly_prop.biol_id 
_pdbx_struct_assembly_prop.type 
_pdbx_struct_assembly_prop.value 
_pdbx_struct_assembly_prop.details 
1 'ABSA (A^2)' 3000 ? 
1 MORE         -34  ? 
1 'SSA (A^2)'  6570 ? 
# 
_pdbx_struct_assembly_gen.assembly_id       1 
_pdbx_struct_assembly_gen.oper_expression   1,2 
_pdbx_struct_assembly_gen.asym_id_list      A,B 
# 
_pdbx_struct_assembly_auth_evidence.id                     1 
_pdbx_struct_assembly_auth_evidence.assembly_id            1 
_pdbx_struct_assembly_auth_evidence.experimental_support   'gel filtration' 
_pdbx_struct_assembly_auth_evidence.details                ? 
# 
loop_
_pdbx_struct_oper_list.id 
_pdbx_struct_oper_list.type 
_pdbx_struct_oper_list.name 
_pdbx_struct_oper_list.symmetry_operation 
_pdbx_struct_oper_list.matrix[1][1] 
_pdbx_struct_oper_list.matrix[1][2] 
_pdbx_struct_oper_list.matrix[1][3] 
_pdbx_struct_oper_list.vector[1] 
_pdbx_struct_oper_list.matrix[2][1] 
_pdbx_struct_oper_list.matrix[2][2] 
_pdbx_struct_oper_list.matrix[2][3] 
_pdbx_struct_oper_list.vector[2] 
_pdbx_struct_oper_list.matrix[3][1] 
_pdbx_struct_oper_list.matrix[3][2] 
_pdbx_struct_oper_list.matrix[3][3] 
_pdbx_struct_oper_list.vector[3] 
1 'identity operation'         1_555 x,y,z   1.0000000000  0.0000000000  0.0000000000  0.0000000000  0.0000000000  1.0000000000  0.0000000000 0.0000000000 0.0000000000  0.0000000000 1.0000000000 0.0000000000  
2 'crystal symmetry operation' 2_555 -x,-y,z -0.4610334174 -0.2042473398 -0.8635573010 -0.6249648198 -0.2042473398 -0.9225982145 0.3272545779 2.9796775997 -0.8635573010 0.3272545779 0.3836316319 -1.0948044504 
# 
loop_
_struct_conf.conf_type_id 
_struct_conf.id 
_struct_conf.pdbx_PDB_helix_id 
_struct_conf.beg_label_comp_id 
_struct_conf.beg_label_asym_id 
_struct_conf.beg_label_seq_id 
_struct_conf.pdbx_beg_PDB_ins_code 
_struct_conf.end_label_comp_id 
_struct_conf.end_label_asym_id 
_struct_conf.end_label_seq_id 
_struct_conf.pdbx_end_PDB_ins_code 
_struct_conf.beg_auth_comp_id 
_struct_conf.beg_auth_asym_id 
_struct_conf.beg_auth_seq_id 
_struct_conf.end_auth_comp_id 
_struct_conf.end_auth_asym_id 
_struct_conf.end_auth_seq_id 
_struct_conf.pdbx_PDB_helix_class 
_struct_conf.details 
_struct_conf.pdbx_PDB_helix_length 
HELX_P HELX_P1 AA1 VAL A 9  ? GLN A 22 ? VAL A 7  GLN A 20 1 ? 14 
HELX_P HELX_P2 AA2 SER A 26 ? ASP A 51 ? SER A 24 ASP A 49 1 ? 26 
HELX_P HELX_P3 AA3 MET A 57 ? ILE A 61 ? MET A 55 ILE A 59 5 ? 5  
# 
_struct_conf_type.id          HELX_P 
_struct_conf_type.criteria    ? 
_struct_conf_type.reference   ? 
# 
_pdbx_entry_details.entry_id                   8CMP 
_pdbx_entry_details.compound_details           ? 
_pdbx_entry_details.source_details             ? 
_pdbx_entry_details.nonpolymer_details         ? 
_pdbx_entry_details.sequence_details           ? 
_pdbx_entry_details.has_ligand_of_interest     ? 
_pdbx_entry_details.has_protein_modification   N 
# 
_pdbx_validate_rmsd_angle.id                         1 
_pdbx_validate_rmsd_angle.PDB_model_num              1 
_pdbx_validate_rmsd_angle.auth_atom_id_1             CA 
_pdbx_validate_rmsd_angle.auth_asym_id_1             A 
_pdbx_validate_rmsd_angle.auth_comp_id_1             MET 
_pdbx_validate_rmsd_angle.auth_seq_id_1              21 
_pdbx_validate_rmsd_angle.PDB_ins_code_1             ? 
_pdbx_validate_rmsd_angle.label_alt_id_1             ? 
_pdbx_validate_rmsd_angle.auth_atom_id_2             CB 
_pdbx_validate_rmsd_angle.auth_asym_id_2             A 
_pdbx_validate_rmsd_angle.auth_comp_id_2             MET 
_pdbx_validate_rmsd_angle.auth_seq_id_2              21 
_pdbx_validate_rmsd_angle.PDB_ins_code_2             ? 
_pdbx_validate_rmsd_angle.label_alt_id_2             ? 
_pdbx_validate_rmsd_angle.auth_atom_id_3             CG 
_pdbx_validate_rmsd_angle.auth_asym_id_3             A 
_pdbx_validate_rmsd_angle.auth_comp_id_3             MET 
_pdbx_validate_rmsd_angle.auth_seq_id_3              21 
_pdbx_validate_rmsd_angle.PDB_ins_code_3             ? 
_pdbx_validate_rmsd_angle.label_alt_id_3             ? 
_pdbx_validate_rmsd_angle.angle_value                126.24 
_pdbx_validate_rmsd_angle.angle_target_value         113.30 
_pdbx_validate_rmsd_angle.angle_deviation            12.94 
_pdbx_validate_rmsd_angle.angle_standard_deviation   1.70 
_pdbx_validate_rmsd_angle.linker_flag                N 
# 
loop_
_pdbx_unobs_or_zero_occ_residues.id 
_pdbx_unobs_or_zero_occ_residues.PDB_model_num 
_pdbx_unobs_or_zero_occ_residues.polymer_flag 
_pdbx_unobs_or_zero_occ_residues.occupancy_flag 
_pdbx_unobs_or_zero_occ_residues.auth_asym_id 
_pdbx_unobs_or_zero_occ_residues.auth_comp_id 
_pdbx_unobs_or_zero_occ_residues.auth_seq_id 
_pdbx_unobs_or_zero_occ_residues.PDB_ins_code 
_pdbx_unobs_or_zero_occ_residues.label_asym_id 
_pdbx_unobs_or_zero_occ_residues.label_comp_id 
_pdbx_unobs_or_zero_occ_residues.label_seq_id 
1 1 Y 1 A GLY -1 ? A GLY 1  
2 1 Y 1 A HIS 0  ? A HIS 2  
3 1 Y 1 A MET 1  ? A MET 3  
4 1 Y 1 A ALA 2  ? A ALA 4  
5 1 Y 1 A GLU 3  ? A GLU 5  
6 1 Y 1 A ASP 62 ? A ASP 64 
7 1 Y 1 A HIS 63 ? A HIS 65 
8 1 Y 1 A LEU 64 ? A LEU 66 
# 
loop_
_chem_comp_atom.comp_id 
_chem_comp_atom.atom_id 
_chem_comp_atom.type_symbol 
_chem_comp_atom.pdbx_aromatic_flag 
_chem_comp_atom.pdbx_stereo_config 
_chem_comp_atom.pdbx_ordinal 
ALA N    N N N 1   
ALA CA   C N S 2   
ALA C    C N N 3   
ALA O    O N N 4   
ALA CB   C N N 5   
ALA OXT  O N N 6   
ALA H    H N N 7   
ALA H2   H N N 8   
ALA HA   H N N 9   
ALA HB1  H N N 10  
ALA HB2  H N N 11  
ALA HB3  H N N 12  
ALA HXT  H N N 13  
ARG N    N N N 14  
ARG CA   C N S 15  
ARG C    C N N 16  
ARG O    O N N 17  
ARG CB   C N N 18  
ARG CG   C N N 19  
ARG CD   C N N 20  
ARG NE   N N N 21  
ARG CZ   C N N 22  
ARG NH1  N N N 23  
ARG NH2  N N N 24  
ARG OXT  O N N 25  
ARG H    H N N 26  
ARG H2   H N N 27  
ARG HA   H N N 28  
ARG HB2  H N N 29  
ARG HB3  H N N 30  
ARG HG2  H N N 31  
ARG HG3  H N N 32  
ARG HD2  H N N 33  
ARG HD3  H N N 34  
ARG HE   H N N 35  
ARG HH11 H N N 36  
ARG HH12 H N N 37  
ARG HH21 H N N 38  
ARG HH22 H N N 39  
ARG HXT  H N N 40  
ASN N    N N N 41  
ASN CA   C N S 42  
ASN C    C N N 43  
ASN O    O N N 44  
ASN CB   C N N 45  
ASN CG   C N N 46  
ASN OD1  O N N 47  
ASN ND2  N N N 48  
ASN OXT  O N N 49  
ASN H    H N N 50  
ASN H2   H N N 51  
ASN HA   H N N 52  
ASN HB2  H N N 53  
ASN HB3  H N N 54  
ASN HD21 H N N 55  
ASN HD22 H N N 56  
ASN HXT  H N N 57  
ASP N    N N N 58  
ASP CA   C N S 59  
ASP C    C N N 60  
ASP O    O N N 61  
ASP CB   C N N 62  
ASP CG   C N N 63  
ASP OD1  O N N 64  
ASP OD2  O N N 65  
ASP OXT  O N N 66  
ASP H    H N N 67  
ASP H2   H N N 68  
ASP HA   H N N 69  
ASP HB2  H N N 70  
ASP HB3  H N N 71  
ASP HD2  H N N 72  
ASP HXT  H N N 73  
CYS N    N N N 74  
CYS CA   C N R 75  
CYS C    C N N 76  
CYS O    O N N 77  
CYS CB   C N N 78  
CYS SG   S N N 79  
CYS OXT  O N N 80  
CYS H    H N N 81  
CYS H2   H N N 82  
CYS HA   H N N 83  
CYS HB2  H N N 84  
CYS HB3  H N N 85  
CYS HG   H N N 86  
CYS HXT  H N N 87  
GLN N    N N N 88  
GLN CA   C N S 89  
GLN C    C N N 90  
GLN O    O N N 91  
GLN CB   C N N 92  
GLN CG   C N N 93  
GLN CD   C N N 94  
GLN OE1  O N N 95  
GLN NE2  N N N 96  
GLN OXT  O N N 97  
GLN H    H N N 98  
GLN H2   H N N 99  
GLN HA   H N N 100 
GLN HB2  H N N 101 
GLN HB3  H N N 102 
GLN HG2  H N N 103 
GLN HG3  H N N 104 
GLN HE21 H N N 105 
GLN HE22 H N N 106 
GLN HXT  H N N 107 
GLU N    N N N 108 
GLU CA   C N S 109 
GLU C    C N N 110 
GLU O    O N N 111 
GLU CB   C N N 112 
GLU CG   C N N 113 
GLU CD   C N N 114 
GLU OE1  O N N 115 
GLU OE2  O N N 116 
GLU OXT  O N N 117 
GLU H    H N N 118 
GLU H2   H N N 119 
GLU HA   H N N 120 
GLU HB2  H N N 121 
GLU HB3  H N N 122 
GLU HG2  H N N 123 
GLU HG3  H N N 124 
GLU HE2  H N N 125 
GLU HXT  H N N 126 
GLY N    N N N 127 
GLY CA   C N N 128 
GLY C    C N N 129 
GLY O    O N N 130 
GLY OXT  O N N 131 
GLY H    H N N 132 
GLY H2   H N N 133 
GLY HA2  H N N 134 
GLY HA3  H N N 135 
GLY HXT  H N N 136 
HIS N    N N N 137 
HIS CA   C N S 138 
HIS C    C N N 139 
HIS O    O N N 140 
HIS CB   C N N 141 
HIS CG   C Y N 142 
HIS ND1  N Y N 143 
HIS CD2  C Y N 144 
HIS CE1  C Y N 145 
HIS NE2  N Y N 146 
HIS OXT  O N N 147 
HIS H    H N N 148 
HIS H2   H N N 149 
HIS HA   H N N 150 
HIS HB2  H N N 151 
HIS HB3  H N N 152 
HIS HD1  H N N 153 
HIS HD2  H N N 154 
HIS HE1  H N N 155 
HIS HE2  H N N 156 
HIS HXT  H N N 157 
HOH O    O N N 158 
HOH H1   H N N 159 
HOH H2   H N N 160 
ILE N    N N N 161 
ILE CA   C N S 162 
ILE C    C N N 163 
ILE O    O N N 164 
ILE CB   C N S 165 
ILE CG1  C N N 166 
ILE CG2  C N N 167 
ILE CD1  C N N 168 
ILE OXT  O N N 169 
ILE H    H N N 170 
ILE H2   H N N 171 
ILE HA   H N N 172 
ILE HB   H N N 173 
ILE HG12 H N N 174 
ILE HG13 H N N 175 
ILE HG21 H N N 176 
ILE HG22 H N N 177 
ILE HG23 H N N 178 
ILE HD11 H N N 179 
ILE HD12 H N N 180 
ILE HD13 H N N 181 
ILE HXT  H N N 182 
LEU N    N N N 183 
LEU CA   C N S 184 
LEU C    C N N 185 
LEU O    O N N 186 
LEU CB   C N N 187 
LEU CG   C N N 188 
LEU CD1  C N N 189 
LEU CD2  C N N 190 
LEU OXT  O N N 191 
LEU H    H N N 192 
LEU H2   H N N 193 
LEU HA   H N N 194 
LEU HB2  H N N 195 
LEU HB3  H N N 196 
LEU HG   H N N 197 
LEU HD11 H N N 198 
LEU HD12 H N N 199 
LEU HD13 H N N 200 
LEU HD21 H N N 201 
LEU HD22 H N N 202 
LEU HD23 H N N 203 
LEU HXT  H N N 204 
LYS N    N N N 205 
LYS CA   C N S 206 
LYS C    C N N 207 
LYS O    O N N 208 
LYS CB   C N N 209 
LYS CG   C N N 210 
LYS CD   C N N 211 
LYS CE   C N N 212 
LYS NZ   N N N 213 
LYS OXT  O N N 214 
LYS H    H N N 215 
LYS H2   H N N 216 
LYS HA   H N N 217 
LYS HB2  H N N 218 
LYS HB3  H N N 219 
LYS HG2  H N N 220 
LYS HG3  H N N 221 
LYS HD2  H N N 222 
LYS HD3  H N N 223 
LYS HE2  H N N 224 
LYS HE3  H N N 225 
LYS HZ1  H N N 226 
LYS HZ2  H N N 227 
LYS HZ3  H N N 228 
LYS HXT  H N N 229 
MET N    N N N 230 
MET CA   C N S 231 
MET C    C N N 232 
MET O    O N N 233 
MET CB   C N N 234 
MET CG   C N N 235 
MET SD   S N N 236 
MET CE   C N N 237 
MET OXT  O N N 238 
MET H    H N N 239 
MET H2   H N N 240 
MET HA   H N N 241 
MET HB2  H N N 242 
MET HB3  H N N 243 
MET HG2  H N N 244 
MET HG3  H N N 245 
MET HE1  H N N 246 
MET HE2  H N N 247 
MET HE3  H N N 248 
MET HXT  H N N 249 
SER N    N N N 250 
SER CA   C N S 251 
SER C    C N N 252 
SER O    O N N 253 
SER CB   C N N 254 
SER OG   O N N 255 
SER OXT  O N N 256 
SER H    H N N 257 
SER H2   H N N 258 
SER HA   H N N 259 
SER HB2  H N N 260 
SER HB3  H N N 261 
SER HG   H N N 262 
SER HXT  H N N 263 
THR N    N N N 264 
THR CA   C N S 265 
THR C    C N N 266 
THR O    O N N 267 
THR CB   C N R 268 
THR OG1  O N N 269 
THR CG2  C N N 270 
THR OXT  O N N 271 
THR H    H N N 272 
THR H2   H N N 273 
THR HA   H N N 274 
THR HB   H N N 275 
THR HG1  H N N 276 
THR HG21 H N N 277 
THR HG22 H N N 278 
THR HG23 H N N 279 
THR HXT  H N N 280 
VAL N    N N N 281 
VAL CA   C N S 282 
VAL C    C N N 283 
VAL O    O N N 284 
VAL CB   C N N 285 
VAL CG1  C N N 286 
VAL CG2  C N N 287 
VAL OXT  O N N 288 
VAL H    H N N 289 
VAL H2   H N N 290 
VAL HA   H N N 291 
VAL HB   H N N 292 
VAL HG11 H N N 293 
VAL HG12 H N N 294 
VAL HG13 H N N 295 
VAL HG21 H N N 296 
VAL HG22 H N N 297 
VAL HG23 H N N 298 
VAL HXT  H N N 299 
# 
loop_
_chem_comp_bond.comp_id 
_chem_comp_bond.atom_id_1 
_chem_comp_bond.atom_id_2 
_chem_comp_bond.value_order 
_chem_comp_bond.pdbx_aromatic_flag 
_chem_comp_bond.pdbx_stereo_config 
_chem_comp_bond.pdbx_ordinal 
ALA N   CA   sing N N 1   
ALA N   H    sing N N 2   
ALA N   H2   sing N N 3   
ALA CA  C    sing N N 4   
ALA CA  CB   sing N N 5   
ALA CA  HA   sing N N 6   
ALA C   O    doub N N 7   
ALA C   OXT  sing N N 8   
ALA CB  HB1  sing N N 9   
ALA CB  HB2  sing N N 10  
ALA CB  HB3  sing N N 11  
ALA OXT HXT  sing N N 12  
ARG N   CA   sing N N 13  
ARG N   H    sing N N 14  
ARG N   H2   sing N N 15  
ARG CA  C    sing N N 16  
ARG CA  CB   sing N N 17  
ARG CA  HA   sing N N 18  
ARG C   O    doub N N 19  
ARG C   OXT  sing N N 20  
ARG CB  CG   sing N N 21  
ARG CB  HB2  sing N N 22  
ARG CB  HB3  sing N N 23  
ARG CG  CD   sing N N 24  
ARG CG  HG2  sing N N 25  
ARG CG  HG3  sing N N 26  
ARG CD  NE   sing N N 27  
ARG CD  HD2  sing N N 28  
ARG CD  HD3  sing N N 29  
ARG NE  CZ   sing N N 30  
ARG NE  HE   sing N N 31  
ARG CZ  NH1  sing N N 32  
ARG CZ  NH2  doub N N 33  
ARG NH1 HH11 sing N N 34  
ARG NH1 HH12 sing N N 35  
ARG NH2 HH21 sing N N 36  
ARG NH2 HH22 sing N N 37  
ARG OXT HXT  sing N N 38  
ASN N   CA   sing N N 39  
ASN N   H    sing N N 40  
ASN N   H2   sing N N 41  
ASN CA  C    sing N N 42  
ASN CA  CB   sing N N 43  
ASN CA  HA   sing N N 44  
ASN C   O    doub N N 45  
ASN C   OXT  sing N N 46  
ASN CB  CG   sing N N 47  
ASN CB  HB2  sing N N 48  
ASN CB  HB3  sing N N 49  
ASN CG  OD1  doub N N 50  
ASN CG  ND2  sing N N 51  
ASN ND2 HD21 sing N N 52  
ASN ND2 HD22 sing N N 53  
ASN OXT HXT  sing N N 54  
ASP N   CA   sing N N 55  
ASP N   H    sing N N 56  
ASP N   H2   sing N N 57  
ASP CA  C    sing N N 58  
ASP CA  CB   sing N N 59  
ASP CA  HA   sing N N 60  
ASP C   O    doub N N 61  
ASP C   OXT  sing N N 62  
ASP CB  CG   sing N N 63  
ASP CB  HB2  sing N N 64  
ASP CB  HB3  sing N N 65  
ASP CG  OD1  doub N N 66  
ASP CG  OD2  sing N N 67  
ASP OD2 HD2  sing N N 68  
ASP OXT HXT  sing N N 69  
CYS N   CA   sing N N 70  
CYS N   H    sing N N 71  
CYS N   H2   sing N N 72  
CYS CA  C    sing N N 73  
CYS CA  CB   sing N N 74  
CYS CA  HA   sing N N 75  
CYS C   O    doub N N 76  
CYS C   OXT  sing N N 77  
CYS CB  SG   sing N N 78  
CYS CB  HB2  sing N N 79  
CYS CB  HB3  sing N N 80  
CYS SG  HG   sing N N 81  
CYS OXT HXT  sing N N 82  
GLN N   CA   sing N N 83  
GLN N   H    sing N N 84  
GLN N   H2   sing N N 85  
GLN CA  C    sing N N 86  
GLN CA  CB   sing N N 87  
GLN CA  HA   sing N N 88  
GLN C   O    doub N N 89  
GLN C   OXT  sing N N 90  
GLN CB  CG   sing N N 91  
GLN CB  HB2  sing N N 92  
GLN CB  HB3  sing N N 93  
GLN CG  CD   sing N N 94  
GLN CG  HG2  sing N N 95  
GLN CG  HG3  sing N N 96  
GLN CD  OE1  doub N N 97  
GLN CD  NE2  sing N N 98  
GLN NE2 HE21 sing N N 99  
GLN NE2 HE22 sing N N 100 
GLN OXT HXT  sing N N 101 
GLU N   CA   sing N N 102 
GLU N   H    sing N N 103 
GLU N   H2   sing N N 104 
GLU CA  C    sing N N 105 
GLU CA  CB   sing N N 106 
GLU CA  HA   sing N N 107 
GLU C   O    doub N N 108 
GLU C   OXT  sing N N 109 
GLU CB  CG   sing N N 110 
GLU CB  HB2  sing N N 111 
GLU CB  HB3  sing N N 112 
GLU CG  CD   sing N N 113 
GLU CG  HG2  sing N N 114 
GLU CG  HG3  sing N N 115 
GLU CD  OE1  doub N N 116 
GLU CD  OE2  sing N N 117 
GLU OE2 HE2  sing N N 118 
GLU OXT HXT  sing N N 119 
GLY N   CA   sing N N 120 
GLY N   H    sing N N 121 
GLY N   H2   sing N N 122 
GLY CA  C    sing N N 123 
GLY CA  HA2  sing N N 124 
GLY CA  HA3  sing N N 125 
GLY C   O    doub N N 126 
GLY C   OXT  sing N N 127 
GLY OXT HXT  sing N N 128 
HIS N   CA   sing N N 129 
HIS N   H    sing N N 130 
HIS N   H2   sing N N 131 
HIS CA  C    sing N N 132 
HIS CA  CB   sing N N 133 
HIS CA  HA   sing N N 134 
HIS C   O    doub N N 135 
HIS C   OXT  sing N N 136 
HIS CB  CG   sing N N 137 
HIS CB  HB2  sing N N 138 
HIS CB  HB3  sing N N 139 
HIS CG  ND1  sing Y N 140 
HIS CG  CD2  doub Y N 141 
HIS ND1 CE1  doub Y N 142 
HIS ND1 HD1  sing N N 143 
HIS CD2 NE2  sing Y N 144 
HIS CD2 HD2  sing N N 145 
HIS CE1 NE2  sing Y N 146 
HIS CE1 HE1  sing N N 147 
HIS NE2 HE2  sing N N 148 
HIS OXT HXT  sing N N 149 
HOH O   H1   sing N N 150 
HOH O   H2   sing N N 151 
ILE N   CA   sing N N 152 
ILE N   H    sing N N 153 
ILE N   H2   sing N N 154 
ILE CA  C    sing N N 155 
ILE CA  CB   sing N N 156 
ILE CA  HA   sing N N 157 
ILE C   O    doub N N 158 
ILE C   OXT  sing N N 159 
ILE CB  CG1  sing N N 160 
ILE CB  CG2  sing N N 161 
ILE CB  HB   sing N N 162 
ILE CG1 CD1  sing N N 163 
ILE CG1 HG12 sing N N 164 
ILE CG1 HG13 sing N N 165 
ILE CG2 HG21 sing N N 166 
ILE CG2 HG22 sing N N 167 
ILE CG2 HG23 sing N N 168 
ILE CD1 HD11 sing N N 169 
ILE CD1 HD12 sing N N 170 
ILE CD1 HD13 sing N N 171 
ILE OXT HXT  sing N N 172 
LEU N   CA   sing N N 173 
LEU N   H    sing N N 174 
LEU N   H2   sing N N 175 
LEU CA  C    sing N N 176 
LEU CA  CB   sing N N 177 
LEU CA  HA   sing N N 178 
LEU C   O    doub N N 179 
LEU C   OXT  sing N N 180 
LEU CB  CG   sing N N 181 
LEU CB  HB2  sing N N 182 
LEU CB  HB3  sing N N 183 
LEU CG  CD1  sing N N 184 
LEU CG  CD2  sing N N 185 
LEU CG  HG   sing N N 186 
LEU CD1 HD11 sing N N 187 
LEU CD1 HD12 sing N N 188 
LEU CD1 HD13 sing N N 189 
LEU CD2 HD21 sing N N 190 
LEU CD2 HD22 sing N N 191 
LEU CD2 HD23 sing N N 192 
LEU OXT HXT  sing N N 193 
LYS N   CA   sing N N 194 
LYS N   H    sing N N 195 
LYS N   H2   sing N N 196 
LYS CA  C    sing N N 197 
LYS CA  CB   sing N N 198 
LYS CA  HA   sing N N 199 
LYS C   O    doub N N 200 
LYS C   OXT  sing N N 201 
LYS CB  CG   sing N N 202 
LYS CB  HB2  sing N N 203 
LYS CB  HB3  sing N N 204 
LYS CG  CD   sing N N 205 
LYS CG  HG2  sing N N 206 
LYS CG  HG3  sing N N 207 
LYS CD  CE   sing N N 208 
LYS CD  HD2  sing N N 209 
LYS CD  HD3  sing N N 210 
LYS CE  NZ   sing N N 211 
LYS CE  HE2  sing N N 212 
LYS CE  HE3  sing N N 213 
LYS NZ  HZ1  sing N N 214 
LYS NZ  HZ2  sing N N 215 
LYS NZ  HZ3  sing N N 216 
LYS OXT HXT  sing N N 217 
MET N   CA   sing N N 218 
MET N   H    sing N N 219 
MET N   H2   sing N N 220 
MET CA  C    sing N N 221 
MET CA  CB   sing N N 222 
MET CA  HA   sing N N 223 
MET C   O    doub N N 224 
MET C   OXT  sing N N 225 
MET CB  CG   sing N N 226 
MET CB  HB2  sing N N 227 
MET CB  HB3  sing N N 228 
MET CG  SD   sing N N 229 
MET CG  HG2  sing N N 230 
MET CG  HG3  sing N N 231 
MET SD  CE   sing N N 232 
MET CE  HE1  sing N N 233 
MET CE  HE2  sing N N 234 
MET CE  HE3  sing N N 235 
MET OXT HXT  sing N N 236 
SER N   CA   sing N N 237 
SER N   H    sing N N 238 
SER N   H2   sing N N 239 
SER CA  C    sing N N 240 
SER CA  CB   sing N N 241 
SER CA  HA   sing N N 242 
SER C   O    doub N N 243 
SER C   OXT  sing N N 244 
SER CB  OG   sing N N 245 
SER CB  HB2  sing N N 246 
SER CB  HB3  sing N N 247 
SER OG  HG   sing N N 248 
SER OXT HXT  sing N N 249 
THR N   CA   sing N N 250 
THR N   H    sing N N 251 
THR N   H2   sing N N 252 
THR CA  C    sing N N 253 
THR CA  CB   sing N N 254 
THR CA  HA   sing N N 255 
THR C   O    doub N N 256 
THR C   OXT  sing N N 257 
THR CB  OG1  sing N N 258 
THR CB  CG2  sing N N 259 
THR CB  HB   sing N N 260 
THR OG1 HG1  sing N N 261 
THR CG2 HG21 sing N N 262 
THR CG2 HG22 sing N N 263 
THR CG2 HG23 sing N N 264 
THR OXT HXT  sing N N 265 
VAL N   CA   sing N N 266 
VAL N   H    sing N N 267 
VAL N   H2   sing N N 268 
VAL CA  C    sing N N 269 
VAL CA  CB   sing N N 270 
VAL CA  HA   sing N N 271 
VAL C   O    doub N N 272 
VAL C   OXT  sing N N 273 
VAL CB  CG1  sing N N 274 
VAL CB  CG2  sing N N 275 
VAL CB  HB   sing N N 276 
VAL CG1 HG11 sing N N 277 
VAL CG1 HG12 sing N N 278 
VAL CG1 HG13 sing N N 279 
VAL CG2 HG21 sing N N 280 
VAL CG2 HG22 sing N N 281 
VAL CG2 HG23 sing N N 282 
VAL OXT HXT  sing N N 283 
# 
_pdbx_audit_support.funding_organization   'Max Planck Society' 
_pdbx_audit_support.country                Germany 
_pdbx_audit_support.grant_number           ? 
_pdbx_audit_support.ordinal                1 
# 
_pdbx_initial_refinement_model.id               1 
_pdbx_initial_refinement_model.entity_id_list   ? 
_pdbx_initial_refinement_model.type             'experimental model' 
_pdbx_initial_refinement_model.source_name      PDB 
_pdbx_initial_refinement_model.accession_code   1F1E 
_pdbx_initial_refinement_model.details          ? 
# 
_atom_sites.entry_id                    8CMP 
_atom_sites.Cartn_transf_matrix[1][1]   ? 
_atom_sites.Cartn_transf_matrix[1][2]   ? 
_atom_sites.Cartn_transf_matrix[1][3]   ? 
_atom_sites.Cartn_transf_matrix[2][1]   ? 
_atom_sites.Cartn_transf_matrix[2][2]   ? 
_atom_sites.Cartn_transf_matrix[2][3]   ? 
_atom_sites.Cartn_transf_matrix[3][1]   ? 
_atom_sites.Cartn_transf_matrix[3][2]   ? 
_atom_sites.Cartn_transf_matrix[3][3]   ? 
_atom_sites.Cartn_transf_vector[1]      ? 
_atom_sites.Cartn_transf_vector[2]      ? 
_atom_sites.Cartn_transf_vector[3]      ? 
_atom_sites.fract_transf_matrix[1][1]   -0.01624101 
_atom_sites.fract_transf_matrix[1][2]   -0.02359848 
_atom_sites.fract_transf_matrix[1][3]   -0.00455492 
_atom_sites.fract_transf_matrix[2][1]   0.01146126 
_atom_sites.fract_transf_matrix[2][2]   -0.00971198 
_atom_sites.fract_transf_matrix[2][3]   0.00945031 
_atom_sites.fract_transf_matrix[3][1]   -0.01944615 
_atom_sites.fract_transf_matrix[3][2]   0.00736933 
_atom_sites.fract_transf_matrix[3][3]   0.03115753 
_atom_sites.fract_transf_vector[1]      0.027590 
_atom_sites.fract_transf_vector[2]      0.023224 
_atom_sites.fract_transf_vector[3]      0.202081 
_atom_sites.solution_primary            ? 
_atom_sites.solution_secondary          ? 
_atom_sites.solution_hydrogens          ? 
_atom_sites.special_details             ? 
# 
loop_
_atom_type.symbol 
C 
N 
O 
S 
# 
loop_
_atom_site.group_PDB 
_atom_site.id 
_atom_site.type_symbol 
_atom_site.label_atom_id 
_atom_site.label_alt_id 
_atom_site.label_comp_id 
_atom_site.label_asym_id 
_atom_site.label_entity_id 
_atom_site.label_seq_id 
_atom_site.pdbx_PDB_ins_code 
_atom_site.Cartn_x 
_atom_site.Cartn_y 
_atom_site.Cartn_z 
_atom_site.occupancy 
_atom_site.B_iso_or_equiv 
_atom_site.pdbx_formal_charge 
_atom_site.auth_seq_id 
_atom_site.auth_comp_id 
_atom_site.auth_asym_id 
_atom_site.auth_atom_id 
_atom_site.pdbx_PDB_model_num 
ATOM   1   N N   . VAL A 1 6  ? -10.017 -2.662  4.080   1.00 26.01 ? 4   VAL A N   1 
ATOM   2   C CA  . VAL A 1 6  ? -9.337  -1.476  3.469   1.00 19.48 ? 4   VAL A CA  1 
ATOM   3   C C   . VAL A 1 6  ? -8.004  -1.284  4.187   1.00 16.33 ? 4   VAL A C   1 
ATOM   4   O O   . VAL A 1 6  ? -7.972  -1.094  5.405   1.00 19.66 ? 4   VAL A O   1 
ATOM   5   C CB  . VAL A 1 6  ? -10.259 -0.247  3.526   1.00 25.30 ? 4   VAL A CB  1 
ATOM   6   C CG1 . VAL A 1 6  ? -9.591  0.970   2.911   1.00 24.75 ? 4   VAL A CG1 1 
ATOM   7   C CG2 . VAL A 1 6  ? -11.593 -0.533  2.839   1.00 34.90 ? 4   VAL A CG2 1 
ATOM   8   N N   . LEU A 1 7  ? -6.930  -1.222  3.416   1.00 14.14 ? 5   LEU A N   1 
ATOM   9   C CA  . LEU A 1 7  ? -5.577  -1.155  4.003   1.00 13.02 ? 5   LEU A CA  1 
ATOM   10  C C   . LEU A 1 7  ? -4.987  0.240   3.970   1.00 12.14 ? 5   LEU A C   1 
ATOM   11  O O   . LEU A 1 7  ? -3.872  0.447   4.477   1.00 13.63 ? 5   LEU A O   1 
ATOM   12  C CB  . LEU A 1 7  ? -4.652  -2.134  3.313   1.00 13.12 ? 5   LEU A CB  1 
ATOM   13  C CG  . LEU A 1 7  ? -5.034  -3.601  3.449   1.00 15.56 ? 5   LEU A CG  1 
ATOM   14  C CD1 . LEU A 1 7  ? -4.217  -4.466  2.538   1.00 17.99 ? 5   LEU A CD1 1 
ATOM   15  C CD2 . LEU A 1 7  ? -5.007  -4.027  4.885   1.00 19.68 ? 5   LEU A CD2 1 
ATOM   16  N N   . VAL A 1 8  ? -5.659  1.185   3.313   1.00 12.53 ? 6   VAL A N   1 
ATOM   17  C CA  . VAL A 1 8  ? -5.237  2.581   3.315   1.00 12.14 ? 6   VAL A CA  1 
ATOM   18  C C   . VAL A 1 8  ? -6.127  3.371   4.249   1.00 12.33 ? 6   VAL A C   1 
ATOM   19  O O   . VAL A 1 8  ? -7.274  3.015   4.470   1.00 13.75 ? 6   VAL A O   1 
ATOM   20  C CB  . VAL A 1 8  ? -5.187  3.193   1.926   1.00 14.36 ? 6   VAL A CB  1 
ATOM   21  C CG1 . VAL A 1 8  ? -4.149  2.458   1.100   1.00 16.05 ? 6   VAL A CG1 1 
ATOM   22  C CG2 . VAL A 1 8  ? -6.545  3.263   1.275   1.00 16.28 ? 6   VAL A CG2 1 
ATOM   23  N N   . VAL A 1 9  ? -5.584  4.481   4.726   1.00 12.87 ? 7   VAL A N   1 
ATOM   24  C CA  . VAL A 1 9  ? -6.333  5.387   5.617   1.00 14.31 ? 7   VAL A CA  1 
ATOM   25  C C   . VAL A 1 9  ? -7.108  6.333   4.699   1.00 13.32 ? 7   VAL A C   1 
ATOM   26  O O   . VAL A 1 9  ? -6.579  7.331   4.223   1.00 13.92 ? 7   VAL A O   1 
ATOM   27  C CB  . VAL A 1 9  ? -5.432  6.146   6.601   1.00 15.49 ? 7   VAL A CB  1 
ATOM   28  C CG1 . VAL A 1 9  ? -6.301  6.986   7.542   1.00 18.30 ? 7   VAL A CG1 1 
ATOM   29  C CG2 . VAL A 1 9  ? -4.529  5.206   7.370   1.00 16.90 ? 7   VAL A CG2 1 
ATOM   30  N N   . THR A 1 10 ? -8.354  5.971   4.416   1.00 13.97 ? 8   THR A N   1 
ATOM   31  C CA  . THR A 1 10 ? -9.168  6.656   3.395   1.00 14.35 ? 8   THR A CA  1 
ATOM   32  C C   . THR A 1 10 ? -9.177  8.161   3.616   1.00 13.98 ? 8   THR A C   1 
ATOM   33  O O   . THR A 1 10 ? -9.012  8.919   2.665   1.00 14.19 ? 8   THR A O   1 
ATOM   34  C CB  . THR A 1 10 ? -10.558 6.049   3.374   1.00 16.00 ? 8   THR A CB  1 
ATOM   35  O OG1 . THR A 1 10 ? -10.397 4.658   3.072   1.00 19.41 ? 8   THR A OG1 1 
ATOM   36  C CG2 . THR A 1 10 ? -11.455 6.689   2.363   1.00 18.99 ? 8   THR A CG2 1 
ATOM   37  N N   . SER A 1 11 ? -9.444  8.583   4.851   1.00 14.97 ? 9   SER A N   1 
ATOM   38  C CA  . SER A 1 11 ? -9.581  10.029  5.108   1.00 16.28 ? 9   SER A CA  1 
ATOM   39  C C   . SER A 1 11 ? -8.302  10.766  4.767   1.00 14.66 ? 9   SER A C   1 
ATOM   40  O O   . SER A 1 11 ? -8.314  11.894  4.284   1.00 16.30 ? 9   SER A O   1 
ATOM   41  C CB  . SER A 1 11 ? -10.007 10.226  6.548   1.00 19.62 ? 9   SER A CB  1 
ATOM   42  O OG  . SER A 1 11 ? -9.015  9.815   7.448   1.00 24.96 ? 9   SER A OG  1 
ATOM   43  N N   . LYS A 1 12 ? -7.159  10.143  5.054   1.00 14.87 ? 10  LYS A N   1 
ATOM   44  C CA  . LYS A 1 12 ? -5.846  10.785  4.862   1.00 14.43 ? 10  LYS A CA  1 
ATOM   45  C C   . LYS A 1 12 ? -5.458  10.791  3.375   1.00 13.20 ? 10  LYS A C   1 
ATOM   46  O O   . LYS A 1 12 ? -4.834  11.741  2.907   1.00 14.43 ? 10  LYS A O   1 
ATOM   47  C CB  . LYS A 1 12 ? -4.780  10.146  5.727   1.00 15.59 ? 10  LYS A CB  1 
ATOM   48  C CG  . LYS A 1 12 ? -5.055  10.396  7.203   1.00 20.06 ? 10  LYS A CG  1 
ATOM   49  C CD  . LYS A 1 12 ? -4.010  9.963   8.146   1.00 27.61 ? 10  LYS A CD  1 
ATOM   50  C CE  . LYS A 1 12 ? -4.552  10.020  9.574   1.00 29.91 ? 10  LYS A CE  1 
ATOM   51  N NZ  . LYS A 1 12 ? -3.577  9.647   10.608  1.00 36.26 ? 10  LYS A NZ  1 
ATOM   52  N N   . VAL A 1 13 ? -5.827  9.743   2.650   1.00 12.63 ? 11  VAL A N   1 
ATOM   53  C CA  . VAL A 1 13 ? -5.615  9.713   1.188   1.00 12.68 ? 11  VAL A CA  1 
ATOM   54  C C   . VAL A 1 13 ? -6.439  10.823  0.542   1.00 12.25 ? 11  VAL A C   1 
ATOM   55  O O   . VAL A 1 13 ? -5.946  11.571  -0.293  1.00 12.87 ? 11  VAL A O   1 
ATOM   56  C CB  . VAL A 1 13 ? -5.986  8.333   0.634   1.00 13.64 ? 11  VAL A CB  1 
ATOM   57  C CG1 . VAL A 1 13 ? -6.170  8.383   -0.864  1.00 13.64 ? 11  VAL A CG1 1 
ATOM   58  C CG2 . VAL A 1 13 ? -4.960  7.304   1.095   1.00 15.68 ? 11  VAL A CG2 1 
ATOM   59  N N   . LYS A 1 14 ? -7.715  10.916  0.915   1.00 13.15 ? 12  LYS A N   1 
ATOM   60  C CA  . LYS A 1 14 ? -8.569  11.947  0.302   1.00 13.37 ? 12  LYS A CA  1 
ATOM   61  C C   . LYS A 1 14 ? -8.041  13.339  0.632   1.00 13.59 ? 12  LYS A C   1 
ATOM   62  O O   . LYS A 1 14 ? -8.068  14.233  -0.223  1.00 14.46 ? 12  LYS A O   1 
ATOM   63  C CB  . LYS A 1 14 ? -10.005 11.788  0.780   1.00 15.67 ? 12  LYS A CB  1 
ATOM   64  C CG  . LYS A 1 14 ? -10.687 10.522  0.285   1.00 16.70 ? 12  LYS A CG  1 
ATOM   65  C CD  . LYS A 1 14 ? -12.140 10.347  0.701   1.00 24.49 ? 12  LYS A CD  1 
ATOM   66  C CE  . LYS A 1 14 ? -12.827 9.159   0.063   1.00 29.06 ? 12  LYS A CE  1 
ATOM   67  N NZ  . LYS A 1 14 ? -14.298 9.144   0.309   1.00 37.27 ? 12  LYS A NZ  1 
ATOM   68  N N   . LYS A 1 15 ? -7.569  13.536  1.866   1.00 14.73 ? 13  LYS A N   1 
ATOM   69  C CA  . LYS A 1 15 ? -7.004  14.826  2.285   1.00 16.29 ? 13  LYS A CA  1 
ATOM   70  C C   . LYS A 1 15 ? -5.787  15.163  1.442   1.00 14.60 ? 13  LYS A C   1 
ATOM   71  O O   . LYS A 1 15 ? -5.630  16.307  0.994   1.00 16.75 ? 13  LYS A O   1 
ATOM   72  C CB  . LYS A 1 15 ? -6.625  14.768  3.758   1.00 19.47 ? 13  LYS A CB  1 
ATOM   73  C CG  . LYS A 1 15 ? -5.892  15.974  4.315   1.00 22.78 ? 13  LYS A CG  1 
ATOM   74  C CD  . LYS A 1 15 ? -5.582  15.806  5.800   1.00 29.47 ? 13  LYS A CD  1 
ATOM   75  C CE  . LYS A 1 15 ? -5.040  17.041  6.462   1.00 34.16 ? 13  LYS A CE  1 
ATOM   76  N NZ  . LYS A 1 15 ? -3.590  17.194  6.208   1.00 44.97 ? 13  LYS A NZ  1 
ATOM   77  N N   . LEU A 1 16 ? -4.872  14.206  1.281   1.00 14.74 ? 14  LEU A N   1 
ATOM   78  C CA  . LEU A 1 16 ? -3.642  14.439  0.486   1.00 14.39 ? 14  LEU A CA  1 
ATOM   79  C C   . LEU A 1 16 ? -4.024  14.875  -0.953  1.00 13.04 ? 14  LEU A C   1 
ATOM   80  O O   . LEU A 1 16 ? -3.510  15.870  -1.464  1.00 14.30 ? 14  LEU A O   1 
ATOM   81  C CB  . LEU A 1 16 ? -2.829  13.142  0.435   1.00 15.11 ? 14  LEU A CB  1 
ATOM   82  C CG  . LEU A 1 16 ? -1.573  13.172  -0.452  1.00 17.68 ? 14  LEU A CG  1 
ATOM   83  C CD1 . LEU A 1 16 ? -0.567  14.168  0.071   1.00 22.00 ? 14  LEU A CD1 1 
ATOM   84  C CD2 . LEU A 1 16 ? -0.971  11.793  -0.577  1.00 18.90 ? 14  LEU A CD2 1 
ATOM   85  N N   . ILE A 1 17 ? -4.942  14.144  -1.569  1.00 12.64 ? 15  ILE A N   1 
ATOM   86  C CA  . ILE A 1 17 ? -5.306  14.417  -2.960  1.00 11.82 ? 15  ILE A CA  1 
ATOM   87  C C   . ILE A 1 17 ? -5.999  15.783  -3.070  1.00 13.32 ? 15  ILE A C   1 
ATOM   88  O O   . ILE A 1 17 ? -5.739  16.516  -4.035  1.00 14.76 ? 15  ILE A O   1 
ATOM   89  C CB  . ILE A 1 17 ? -6.106  13.234  -3.507  1.00 11.71 ? 15  ILE A CB  1 
ATOM   90  C CG1 . ILE A 1 17 ? -5.175  12.038  -3.702  1.00 12.15 ? 15  ILE A CG1 1 
ATOM   91  C CG2 . ILE A 1 17 ? -6.832  13.594  -4.762  1.00 12.59 ? 15  ILE A CG2 1 
ATOM   92  C CD1 . ILE A 1 17 ? -5.914  10.756  -4.059  1.00 12.37 ? 15  ILE A CD1 1 
ATOM   93  N N   . LYS A 1 18 ? -6.820  16.125  -2.106  1.00 13.95 ? 16  LYS A N   1 
ATOM   94  C CA  . LYS A 1 18 ? -7.531  17.415  -2.145  1.00 15.36 ? 16  LYS A CA  1 
ATOM   95  C C   . LYS A 1 18 ? -6.560  18.567  -1.905  1.00 15.63 ? 16  LYS A C   1 
ATOM   96  O O   . LYS A 1 18 ? -6.584  19.608  -2.626  1.00 19.38 ? 16  LYS A O   1 
ATOM   97  C CB  . LYS A 1 18 ? -8.673  17.428  -1.155  1.00 16.48 ? 16  LYS A CB  1 
ATOM   98  C CG  . LYS A 1 18 ? -9.561  18.635  -1.368  1.00 21.30 ? 16  LYS A CG  1 
ATOM   99  C CD  . LYS A 1 18 ? -10.171 18.830  -2.735  1.00 28.12 ? 16  LYS A CD  1 
ATOM   100 C CE  . LYS A 1 18 ? -11.354 17.919  -2.914  1.00 36.30 ? 16  LYS A CE  1 
ATOM   101 N NZ  . LYS A 1 18 ? -12.520 18.366  -2.134  1.00 45.06 ? 16  LYS A NZ  1 
ATOM   102 N N   . GLU A 1 19 ? -5.715  18.448  -0.913  1.00 14.97 ? 17  GLU A N   1 
ATOM   103 C CA  . GLU A 1 19 ? -4.842  19.566  -0.529  1.00 15.90 ? 17  GLU A CA  1 
ATOM   104 C C   . GLU A 1 19 ? -3.718  19.753  -1.553  1.00 17.63 ? 17  GLU A C   1 
ATOM   105 O O   . GLU A 1 19 ? -3.331  20.880  -1.819  1.00 20.80 ? 17  GLU A O   1 
ATOM   106 C CB  . GLU A 1 19 ? -4.388  19.378  0.913   1.00 19.19 ? 17  GLU A CB  1 
ATOM   107 C CG  . GLU A 1 19 ? -5.568  19.554  1.867   1.00 21.13 ? 17  GLU A CG  1 
ATOM   108 C CD  . GLU A 1 19 ? -5.303  19.583  3.346   1.00 21.88 ? 17  GLU A CD  1 
ATOM   109 O OE1 . GLU A 1 19 ? -4.151  19.177  3.744   1.00 27.53 ? 17  GLU A OE1 1 
ATOM   110 O OE2 . GLU A 1 19 ? -6.294  19.860  4.109   1.00 21.92 ? 17  GLU A OE2 1 
ATOM   111 N N   . LYS A 1 20 ? -3.196  18.669  -2.119  1.00 18.10 ? 18  LYS A N   1 
ATOM   112 C CA  . LYS A 1 20 ? -2.074  18.746  -3.082  1.00 19.93 ? 18  LYS A CA  1 
ATOM   113 C C   . LYS A 1 20 ? -2.570  18.976  -4.506  1.00 19.95 ? 18  LYS A C   1 
ATOM   114 O O   . LYS A 1 20 ? -1.777  19.596  -5.271  1.00 25.09 ? 18  LYS A O   1 
ATOM   115 C CB  . LYS A 1 20 ? -1.229  17.476  -3.066  1.00 24.11 ? 18  LYS A CB  1 
ATOM   116 C CG  . LYS A 1 20 ? -0.430  17.316  -1.794  1.00 31.70 ? 18  LYS A CG  1 
ATOM   117 C CD  . LYS A 1 20 ? 0.942   17.860  -1.945  1.00 37.78 ? 18  LYS A CD  1 
ATOM   118 C CE  . LYS A 1 20 ? 1.749   17.758  -0.668  1.00 45.39 ? 18  LYS A CE  1 
ATOM   119 N NZ  . LYS A 1 20 ? 1.541   18.935  0.206   1.00 54.64 ? 18  LYS A NZ  1 
ATOM   120 N N   . GLY A 1 21 ? -3.758  18.482  -4.900  1.00 18.82 ? 19  GLY A N   1 
ATOM   121 C CA  . GLY A 1 21 ? -4.300  18.626  -6.282  1.00 19.47 ? 19  GLY A CA  1 
ATOM   122 C C   . GLY A 1 21 ? -5.640  19.339  -6.441  1.00 21.76 ? 19  GLY A C   1 
ATOM   123 O O   . GLY A 1 21 ? -6.103  19.453  -7.634  1.00 24.92 ? 19  GLY A O   1 
ATOM   124 N N   . GLN A 1 22 ? -6.281  19.722  -5.386  1.00 22.26 ? 20  GLN A N   1 
ATOM   125 C CA  . GLN A 1 22 ? -7.687  20.234  -5.431  1.00 22.31 ? 20  GLN A CA  1 
ATOM   126 C C   . GLN A 1 22 ? -8.522  19.215  -6.187  1.00 22.30 ? 20  GLN A C   1 
ATOM   127 O O   . GLN A 1 22 ? -9.396  19.618  -6.933  1.00 24.32 ? 20  GLN A O   1 
ATOM   128 C CB  . GLN A 1 22 ? -7.825  21.592  -6.100  1.00 23.05 ? 20  GLN A CB  1 
ATOM   129 C CG  . GLN A 1 22 ? -6.977  22.641  -5.447  1.00 25.21 ? 20  GLN A CG  1 
ATOM   130 C CD  . GLN A 1 22 ? -5.518  22.497  -5.770  1.00 27.67 ? 20  GLN A CD  1 
ATOM   131 O OE1 . GLN A 1 22 ? -5.125  22.395  -6.930  1.00 35.51 ? 20  GLN A OE1 1 
ATOM   132 N NE2 . GLN A 1 22 ? -4.704  22.513  -4.739  1.00 32.71 ? 20  GLN A NE2 1 
ATOM   133 N N   . MET A 1 23 ? -8.239  17.932  -5.989  1.00 22.17 ? 21  MET A N   1 
ATOM   134 C CA  . MET A 1 23 ? -8.904  16.835  -6.688  1.00 19.80 ? 21  MET A CA  1 
ATOM   135 C C   . MET A 1 23 ? -9.792  16.155  -5.593  1.00 16.29 ? 21  MET A C   1 
ATOM   136 O O   . MET A 1 23 ? -9.406  15.941  -4.444  1.00 16.98 ? 21  MET A O   1 
ATOM   137 C CB  . MET A 1 23 ? -7.885  15.839  -7.355  1.00 19.00 ? 21  MET A CB  1 
ATOM   138 C CG  . MET A 1 23 ? -6.941  16.148  -8.659  1.00 22.23 ? 21  MET A CG  1 
ATOM   139 S SD  . MET A 1 23 ? -7.803  16.588  -10.090 1.00 24.86 ? 21  MET A SD  1 
ATOM   140 C CE  . MET A 1 23 ? -7.824  18.362  -9.871  1.00 37.19 ? 21  MET A CE  1 
ATOM   141 N N   . ASN A 1 24 ? -10.908 15.646  -6.052  1.00 15.44 ? 22  ASN A N   1 
ATOM   142 C CA  . ASN A 1 24 ? -11.678 14.595  -5.356  1.00 15.37 ? 22  ASN A CA  1 
ATOM   143 C C   . ASN A 1 24 ? -11.050 13.214  -5.617  1.00 13.72 ? 22  ASN A C   1 
ATOM   144 O O   . ASN A 1 24 ? -10.184 13.092  -6.482  1.00 13.52 ? 22  ASN A O   1 
ATOM   145 C CB  . ASN A 1 24 ? -13.111 14.582  -5.856  1.00 19.17 ? 22  ASN A CB  1 
ATOM   146 C CG  . ASN A 1 24 ? -13.794 15.894  -5.570  1.00 30.02 ? 22  ASN A CG  1 
ATOM   147 O OD1 . ASN A 1 24 ? -13.749 16.386  -4.448  1.00 37.85 ? 22  ASN A OD1 1 
ATOM   148 N ND2 . ASN A 1 24 ? -14.371 16.463  -6.604  1.00 40.40 ? 22  ASN A ND2 1 
ATOM   149 N N   . THR A 1 25 ? -11.476 12.229  -4.829  1.00 13.98 ? 23  THR A N   1 
ATOM   150 C CA  . THR A 1 25 ? -10.971 10.845  -4.889  1.00 13.64 ? 23  THR A CA  1 
ATOM   151 C C   . THR A 1 25 ? -12.142 9.911   -5.072  1.00 14.75 ? 23  THR A C   1 
ATOM   152 O O   . THR A 1 25 ? -12.996 9.873   -4.208  1.00 16.94 ? 23  THR A O   1 
ATOM   153 C CB  . THR A 1 25 ? -10.189 10.500  -3.615  1.00 14.53 ? 23  THR A CB  1 
ATOM   154 O OG1 . THR A 1 25 ? -9.151  11.421  -3.406  1.00 15.27 ? 23  THR A OG1 1 
ATOM   155 C CG2 . THR A 1 25 ? -9.567  9.133   -3.720  1.00 14.55 ? 23  THR A CG2 1 
ATOM   156 N N   . SER A 1 26 ? -12.155 9.121   -6.130  1.00 12.90 ? 24  SER A N   1 
ATOM   157 C CA  . SER A 1 26 ? -13.241 8.138   -6.306  1.00 13.47 ? 24  SER A CA  1 
ATOM   158 C C   . SER A 1 26 ? -13.098 6.958   -5.346  1.00 13.97 ? 24  SER A C   1 
ATOM   159 O O   . SER A 1 26 ? -12.003 6.596   -4.918  1.00 13.59 ? 24  SER A O   1 
ATOM   160 C CB  . SER A 1 26 ? -13.292 7.656   -7.706  1.00 15.33 ? 24  SER A CB  1 
ATOM   161 O OG  . SER A 1 26 ? -12.333 6.722   -7.944  1.00 17.57 ? 24  SER A OG  1 
ATOM   162 N N   . ALA A 1 27 ? -14.215 6.292   -5.118  1.00 14.26 ? 25  ALA A N   1 
ATOM   163 C CA  . ALA A 1 27 ? -14.195 5.082   -4.293  1.00 15.18 ? 25  ALA A CA  1 
ATOM   164 C C   . ALA A 1 27 ? -13.305 4.031   -4.908  1.00 12.92 ? 25  ALA A C   1 
ATOM   165 O O   . ALA A 1 27 ? -12.598 3.291   -4.169  1.00 13.78 ? 25  ALA A O   1 
ATOM   166 C CB  . ALA A 1 27 ? -15.590 4.546   -4.097  1.00 20.39 ? 25  ALA A CB  1 
ATOM   167 N N   . GLU A 1 28 ? -13.312 3.907   -6.226  1.00 12.18 ? 26  GLU A N   1 
ATOM   168 C CA  . GLU A 1 28 ? -12.497 2.857   -6.846  1.00 11.53 ? 26  GLU A CA  1 
ATOM   169 C C   . GLU A 1 28 ? -11.029 3.166   -6.685  1.00 10.86 ? 26  GLU A C   1 
ATOM   170 O O   . GLU A 1 28 ? -10.231 2.213   -6.653  1.00 11.42 ? 26  GLU A O   1 
ATOM   171 C CB  . GLU A 1 28 ? -12.882 2.664   -8.304  1.00 12.69 ? 26  GLU A CB  1 
ATOM   172 C CG  . GLU A 1 28 ? -14.280 2.094   -8.496  1.00 15.48 ? 26  GLU A CG  1 
ATOM   173 C CD  . GLU A 1 28 ? -15.408 3.094   -8.527  1.00 19.96 ? 26  GLU A CD  1 
ATOM   174 O OE1 . GLU A 1 28 ? -15.204 4.299   -8.314  1.00 18.40 ? 26  GLU A OE1 1 
ATOM   175 O OE2 . GLU A 1 28 ? -16.496 2.681   -8.891  1.00 29.77 ? 26  GLU A OE2 1 
ATOM   176 N N   . THR A 1 29 ? -10.638 4.438   -6.586  1.00 10.84 ? 27  THR A N   1 
ATOM   177 C CA  . THR A 1 29 ? -9.241  4.783   -6.330  1.00 10.34 ? 27  THR A CA  1 
ATOM   178 C C   . THR A 1 29 ? -8.800  4.183   -4.988  1.00 10.38 ? 27  THR A C   1 
ATOM   179 O O   . THR A 1 29 ? -7.691  3.632   -4.882  1.00 10.61 ? 27  THR A O   1 
ATOM   180 C CB  . THR A 1 29 ? -9.055  6.293   -6.346  1.00 10.93 ? 27  THR A CB  1 
ATOM   181 O OG1 . THR A 1 29 ? -9.432  6.720   -7.651  1.00 13.38 ? 27  THR A OG1 1 
ATOM   182 C CG2 . THR A 1 29 ? -7.650  6.714   -6.033  1.00 13.44 ? 27  THR A CG2 1 
ATOM   183 N N   . ILE A 1 30 ? -9.611  4.350   -3.962  1.00 10.76 ? 28  ILE A N   1 
ATOM   184 C CA  . ILE A 1 30 ? -9.304  3.789   -2.637  1.00 10.85 ? 28  ILE A CA  1 
ATOM   185 C C   . ILE A 1 30 ? -9.135  2.285   -2.762  1.00 10.87 ? 28  ILE A C   1 
ATOM   186 O O   . ILE A 1 30 ? -8.190  1.709   -2.193  1.00 11.58 ? 28  ILE A O   1 
ATOM   187 C CB  . ILE A 1 30 ? -10.388 4.171   -1.629  1.00 12.24 ? 28  ILE A CB  1 
ATOM   188 C CG1 . ILE A 1 30 ? -10.490 5.673   -1.456  1.00 13.70 ? 28  ILE A CG1 1 
ATOM   189 C CG2 . ILE A 1 30 ? -10.168 3.445   -0.316  1.00 13.73 ? 28  ILE A CG2 1 
ATOM   190 C CD1 . ILE A 1 30 ? -9.227  6.365   -0.961  1.00 15.76 ? 28  ILE A CD1 1 
ATOM   191 N N   . ASP A 1 31 ? -10.029 1.622   -3.484  1.00 11.30 ? 29  ASP A N   1 
ATOM   192 C CA  . ASP A 1 31 ? -9.937  0.161   -3.659  1.00 11.44 ? 29  ASP A CA  1 
ATOM   193 C C   . ASP A 1 31 ? -8.647  -0.238  -4.346  1.00 10.99 ? 29  ASP A C   1 
ATOM   194 O O   . ASP A 1 31 ? -8.004  -1.212  -3.908  1.00 11.70 ? 29  ASP A O   1 
ATOM   195 C CB  . ASP A 1 31 ? -11.112 -0.374  -4.442  1.00 12.47 ? 29  ASP A CB  1 
ATOM   196 C CG  . ASP A 1 31 ? -12.416 -0.313  -3.723  1.00 18.91 ? 29  ASP A CG  1 
ATOM   197 O OD1 . ASP A 1 31 ? -12.418 -0.330  -2.502  1.00 24.92 ? 29  ASP A OD1 1 
ATOM   198 O OD2 . ASP A 1 31 ? -13.441 -0.330  -4.419  1.00 27.28 ? 29  ASP A OD2 1 
ATOM   199 N N   . VAL A 1 32 ? -8.246  0.464   -5.387  1.00 10.43 ? 30  VAL A N   1 
ATOM   200 C CA  . VAL A 1 32 ? -6.993  0.106   -6.084  1.00 11.15 ? 30  VAL A CA  1 
ATOM   201 C C   . VAL A 1 32 ? -5.814  0.306   -5.153  1.00 10.64 ? 30  VAL A C   1 
ATOM   202 O O   . VAL A 1 32 ? -4.887  -0.516  -5.161  1.00 11.88 ? 30  VAL A O   1 
ATOM   203 C CB  . VAL A 1 32 ? -6.806  0.932   -7.352  1.00 14.20 ? 30  VAL A CB  1 
ATOM   204 C CG1 . VAL A 1 32 ? -5.419  0.737   -7.965  1.00 16.86 ? 30  VAL A CG1 1 
ATOM   205 C CG2 . VAL A 1 32 ? -7.849  0.711   -8.347  1.00 17.11 ? 30  VAL A CG2 1 
ATOM   206 N N   . LEU A 1 33 ? -5.795  1.396   -4.402  1.00 10.56 ? 31  LEU A N   1 
ATOM   207 C CA  . LEU A 1 33 ? -4.678  1.627   -3.467  1.00 10.70 ? 31  LEU A CA  1 
ATOM   208 C C   . LEU A 1 33 ? -4.613  0.522   -2.432  1.00 11.00 ? 31  LEU A C   1 
ATOM   209 O O   . LEU A 1 33 ? -3.519  0.043   -2.105  1.00 11.78 ? 31  LEU A O   1 
ATOM   210 C CB  . LEU A 1 33 ? -4.858  2.991   -2.820  1.00 10.71 ? 31  LEU A CB  1 
ATOM   211 C CG  . LEU A 1 33 ? -4.651  4.184   -3.756  1.00 11.09 ? 31  LEU A CG  1 
ATOM   212 C CD1 . LEU A 1 33 ? -5.112  5.449   -3.047  1.00 12.47 ? 31  LEU A CD1 1 
ATOM   213 C CD2 . LEU A 1 33 ? -3.222  4.352   -4.228  1.00 11.94 ? 31  LEU A CD2 1 
ATOM   214 N N   . SER A 1 34 ? -5.747  0.115   -1.896  1.00 10.84 ? 32  SER A N   1 
ATOM   215 C CA  A SER A 1 34 ? -5.767  -0.961  -0.907  0.70 11.59 ? 32  SER A CA  1 
ATOM   216 C CA  B SER A 1 34 ? -5.785  -0.980  -0.905  0.30 10.40 ? 32  SER A CA  1 
ATOM   217 C C   . SER A 1 34 ? -5.264  -2.272  -1.537  1.00 11.46 ? 32  SER A C   1 
ATOM   218 O O   . SER A 1 34 ? -4.482  -2.989  -0.889  1.00 12.97 ? 32  SER A O   1 
ATOM   219 C CB  A SER A 1 34 ? -7.169  -1.077  -0.371  0.70 12.34 ? 32  SER A CB  1 
ATOM   220 C CB  B SER A 1 34 ? -7.170  -1.179  -0.351  0.30 12.34 ? 32  SER A CB  1 
ATOM   221 O OG  A SER A 1 34 ? -7.219  -1.990  0.685   0.70 13.32 ? 32  SER A OG  1 
ATOM   222 O OG  B SER A 1 34 ? -7.493  -0.125  0.531   0.30 15.20 ? 32  SER A OG  1 
ATOM   223 N N   . LYS A 1 35 ? -5.694  -2.586  -2.738  1.00 12.06 ? 33  LYS A N   1 
ATOM   224 C CA  . LYS A 1 35 ? -5.239  -3.793  -3.416  1.00 13.33 ? 33  LYS A CA  1 
ATOM   225 C C   . LYS A 1 35 ? -3.738  -3.722  -3.654  1.00 13.17 ? 33  LYS A C   1 
ATOM   226 O O   . LYS A 1 35 ? -3.044  -4.754  -3.579  1.00 14.19 ? 33  LYS A O   1 
ATOM   227 C CB  . LYS A 1 35 ? -6.015  -4.004  -4.714  1.00 16.88 ? 33  LYS A CB  1 
ATOM   228 C CG  . LYS A 1 35 ? -7.471  -4.388  -4.547  1.00 24.93 ? 33  LYS A CG  1 
ATOM   229 C CD  . LYS A 1 35 ? -7.786  -5.842  -4.307  1.00 34.21 ? 33  LYS A CD  1 
ATOM   230 C CE  . LYS A 1 35 ? -9.296  -6.093  -4.358  1.00 34.86 ? 33  LYS A CE  1 
ATOM   231 N NZ  . LYS A 1 35 ? -9.676  -7.355  -3.694  1.00 48.37 ? 33  LYS A NZ  1 
ATOM   232 N N   . ALA A 1 36 ? -3.242  -2.542  -3.970  1.00 12.81 ? 34  ALA A N   1 
ATOM   233 C CA  . ALA A 1 36 ? -1.802  -2.400  -4.202  1.00 13.62 ? 34  ALA A CA  1 
ATOM   234 C C   . ALA A 1 36 ? -1.033  -2.719  -2.899  1.00 11.97 ? 34  ALA A C   1 
ATOM   235 O O   . ALA A 1 36 ? 0.001   -3.402  -2.937  1.00 13.35 ? 34  ALA A O   1 
ATOM   236 C CB  . ALA A 1 36 ? -1.484  -1.003  -4.661  1.00 15.11 ? 34  ALA A CB  1 
ATOM   237 N N   . ILE A 1 37 ? -1.510  -2.220  -1.780  1.00 11.78 ? 35  ILE A N   1 
ATOM   238 C CA  . ILE A 1 37 ? -0.871  -2.526  -0.485  1.00 11.55 ? 35  ILE A CA  1 
ATOM   239 C C   . ILE A 1 37 ? -0.937  -4.019  -0.229  1.00 11.29 ? 35  ILE A C   1 
ATOM   240 O O   . ILE A 1 37 ? 0.075   -4.611  0.184   1.00 11.67 ? 35  ILE A O   1 
ATOM   241 C CB  . ILE A 1 37 ? -1.518  -1.745  0.665   1.00 12.62 ? 35  ILE A CB  1 
ATOM   242 C CG1 . ILE A 1 37 ? -1.280  -0.249  0.493   1.00 13.99 ? 35  ILE A CG1 1 
ATOM   243 C CG2 . ILE A 1 37 ? -0.986  -2.222  2.008   1.00 13.49 ? 35  ILE A CG2 1 
ATOM   244 C CD1 . ILE A 1 37 ? 0.204   0.101   0.409   1.00 18.12 ? 35  ILE A CD1 1 
ATOM   245 N N   . GLU A 1 38 ? -2.057  -4.648  -0.483  1.00 11.36 ? 36  GLU A N   1 
ATOM   246 C CA  . GLU A 1 38 ? -2.164  -6.090  -0.233  1.00 11.83 ? 36  GLU A CA  1 
ATOM   247 C C   . GLU A 1 38 ? -1.114  -6.808  -1.073  1.00 11.73 ? 36  GLU A C   1 
ATOM   248 O O   . GLU A 1 38 ? -0.397  -7.712  -0.549  1.00 12.27 ? 36  GLU A O   1 
ATOM   249 C CB  . GLU A 1 38 ? -3.545  -6.557  -0.602  1.00 13.47 ? 36  GLU A CB  1 
ATOM   250 C CG  . GLU A 1 38 ? -3.781  -8.014  -0.386  1.00 17.31 ? 36  GLU A CG  1 
ATOM   251 C CD  . GLU A 1 38 ? -5.137  -8.491  -0.864  1.00 23.31 ? 36  GLU A CD  1 
ATOM   252 O OE1 . GLU A 1 38 ? -5.582  -8.053  -1.907  1.00 32.90 ? 36  GLU A OE1 1 
ATOM   253 O OE2 . GLU A 1 38 ? -5.707  -9.322  -0.213  1.00 39.17 ? 36  GLU A OE2 1 
ATOM   254 N N   . GLN A 1 39 ? -0.986  -6.477  -2.359  1.00 12.18 ? 37  GLN A N   1 
ATOM   255 C CA  . GLN A 1 39 ? -0.036  -7.171  -3.219  1.00 13.30 ? 37  GLN A CA  1 
ATOM   256 C C   . GLN A 1 39 ? 1.386   -6.907  -2.776  1.00 12.02 ? 37  GLN A C   1 
ATOM   257 O O   . GLN A 1 39 ? 2.213   -7.834  -2.797  1.00 12.69 ? 37  GLN A O   1 
ATOM   258 C CB  . GLN A 1 39 ? -0.290  -6.727  -4.640  1.00 16.57 ? 37  GLN A CB  1 
ATOM   259 C CG  . GLN A 1 39 ? -1.587  -7.323  -5.196  1.00 22.41 ? 37  GLN A CG  1 
ATOM   260 C CD  . GLN A 1 39 ? -1.653  -8.842  -5.056  1.00 30.27 ? 37  GLN A CD  1 
ATOM   261 O OE1 . GLN A 1 39 ? -0.778  -9.588  -5.509  1.00 41.48 ? 37  GLN A OE1 1 
ATOM   262 N NE2 . GLN A 1 39 ? -2.670  -9.338  -4.357  1.00 31.02 ? 37  GLN A NE2 1 
ATOM   263 N N   . LEU A 1 40 ? 1.712   -5.666  -2.401  1.00 11.37 ? 38  LEU A N   1 
ATOM   264 C CA  . LEU A 1 40 ? 3.066   -5.375  -1.923  1.00 11.53 ? 38  LEU A CA  1 
ATOM   265 C C   . LEU A 1 40 ? 3.362   -6.190  -0.670  1.00 10.75 ? 38  LEU A C   1 
ATOM   266 O O   . LEU A 1 40 ? 4.501   -6.675  -0.513  1.00 11.36 ? 38  LEU A O   1 
ATOM   267 C CB  . LEU A 1 40 ? 3.241   -3.884  -1.666  1.00 11.84 ? 38  LEU A CB  1 
ATOM   268 C CG  . LEU A 1 40 ? 3.282   -3.005  -2.912  1.00 13.44 ? 38  LEU A CG  1 
ATOM   269 C CD1 . LEU A 1 40 ? 3.240   -1.554  -2.506  1.00 16.51 ? 38  LEU A CD1 1 
ATOM   270 C CD2 . LEU A 1 40 ? 4.511   -3.296  -3.741  1.00 17.05 ? 38  LEU A CD2 1 
ATOM   271 N N   . CYS A 1 41 ? 2.412   -6.299  0.223   1.00 10.57 ? 39  CYS A N   1 
ATOM   272 C CA  . CYS A 1 41 ? 2.627   -7.070  1.454   1.00 10.73 ? 39  CYS A CA  1 
ATOM   273 C C   . CYS A 1 41 ? 2.855   -8.543  1.147   1.00 11.06 ? 39  CYS A C   1 
ATOM   274 O O   . CYS A 1 41 ? 3.758   -9.168  1.729   1.00 11.46 ? 39  CYS A O   1 
ATOM   275 C CB  . CYS A 1 41 ? 1.453   -6.915  2.395   1.00 12.13 ? 39  CYS A CB  1 
ATOM   276 S SG  . CYS A 1 41 ? 1.334   -5.292  3.173   1.00 13.73 ? 39  CYS A SG  1 
ATOM   277 N N   . LEU A 1 42 ? 2.040   -9.103  0.266   1.00 10.97 ? 40  LEU A N   1 
ATOM   278 C CA  . LEU A 1 42 ? 2.178   -10.528 -0.035  1.00 11.23 ? 40  LEU A CA  1 
ATOM   279 C C   . LEU A 1 42 ? 3.499   -10.777 -0.761  1.00 10.86 ? 40  LEU A C   1 
ATOM   280 O O   . LEU A 1 42 ? 4.152   -11.798 -0.487  1.00 11.31 ? 40  LEU A O   1 
ATOM   281 C CB  . LEU A 1 42 ? 0.978   -11.012 -0.838  1.00 12.73 ? 40  LEU A CB  1 
ATOM   282 C CG  . LEU A 1 42 ? -0.345  -11.022 -0.112  1.00 15.56 ? 40  LEU A CG  1 
ATOM   283 C CD1 . LEU A 1 42 ? -1.483  -11.323 -1.081  1.00 19.58 ? 40  LEU A CD1 1 
ATOM   284 C CD2 . LEU A 1 42 ? -0.333  -12.015 1.032   1.00 18.77 ? 40  LEU A CD2 1 
ATOM   285 N N   . LYS A 1 43 ? 3.908   -9.923  -1.671  1.00 11.11 ? 41  LYS A N   1 
ATOM   286 C CA  . LYS A 1 43 ? 5.213   -10.080 -2.317  1.00 11.78 ? 41  LYS A CA  1 
ATOM   287 C C   . LYS A 1 43 ? 6.307   -9.912  -1.280  1.00 10.88 ? 41  LYS A C   1 
ATOM   288 O O   . LYS A 1 43 ? 7.363   -10.575 -1.366  1.00 11.60 ? 41  LYS A O   1 
ATOM   289 C CB  . LYS A 1 43 ? 5.349   -9.097  -3.469  1.00 13.64 ? 41  LYS A CB  1 
ATOM   290 C CG  . LYS A 1 43 ? 4.449   -9.461  -4.650  1.00 19.61 ? 41  LYS A CG  1 
ATOM   291 C CD  . LYS A 1 43 ? 4.569   -8.547  -5.850  1.00 28.16 ? 41  LYS A CD  1 
ATOM   292 C CE  . LYS A 1 43 ? 3.526   -8.865  -6.907  1.00 39.37 ? 41  LYS A CE  1 
ATOM   293 N NZ  . LYS A 1 43 ? 3.734   -8.111  -8.163  1.00 47.22 ? 41  LYS A NZ  1 
ATOM   294 N N   . GLY A 1 44 ? 6.110   -9.043  -0.313  1.00 10.68 ? 42  GLY A N   1 
ATOM   295 C CA  . GLY A 1 44 ? 7.094   -8.866  0.758   1.00 10.67 ? 42  GLY A CA  1 
ATOM   296 C C   . GLY A 1 44 ? 7.251   -10.130 1.588   1.00 9.96  ? 42  GLY A C   1 
ATOM   297 O O   . GLY A 1 44 ? 8.371   -10.487 1.959   1.00 10.35 ? 42  GLY A O   1 
ATOM   298 N N   . VAL A 1 45 ? 6.161   -10.786 1.900   1.00 9.96  ? 43  VAL A N   1 
ATOM   299 C CA  . VAL A 1 45 ? 6.218   -12.091 2.589   1.00 10.12 ? 43  VAL A CA  1 
ATOM   300 C C   . VAL A 1 45 ? 6.997   -13.075 1.795   1.00 10.00 ? 43  VAL A C   1 
ATOM   301 O O   . VAL A 1 45 ? 7.876   -13.798 2.278   1.00 11.16 ? 43  VAL A O   1 
ATOM   302 C CB  . VAL A 1 45 ? 4.815   -12.616 2.840   1.00 11.00 ? 43  VAL A CB  1 
ATOM   303 C CG1 . VAL A 1 45 ? 4.832   -14.092 3.213   1.00 11.82 ? 43  VAL A CG1 1 
ATOM   304 C CG2 . VAL A 1 45 ? 4.126   -11.810 3.903   1.00 11.46 ? 43  VAL A CG2 1 
ATOM   305 N N   . GLU A 1 46 ? 6.801   -13.157 0.473   1.00 10.31 ? 44  GLU A N   1 
ATOM   306 C CA  . GLU A 1 46 ? 7.531   -14.091 -0.435  1.00 11.25 ? 44  GLU A CA  1 
ATOM   307 C C   . GLU A 1 46 ? 9.014   -13.819 -0.307  1.00 10.98 ? 44  GLU A C   1 
ATOM   308 O O   . GLU A 1 46 ? 9.812   -14.753 -0.180  1.00 12.17 ? 44  GLU A O   1 
ATOM   309 C CB  . GLU A 1 46 ? 7.068   -13.969 -1.894  1.00 11.90 ? 44  GLU A CB  1 
ATOM   310 C CG  . GLU A 1 46 ? 5.621   -14.400 -2.120  1.00 12.27 ? 44  GLU A CG  1 
ATOM   311 C CD  . GLU A 1 46 ? 5.411   -15.857 -1.815  1.00 12.38 ? 44  GLU A CD  1 
ATOM   312 O OE1 . GLU A 1 46 ? 6.007   -16.686 -2.552  1.00 13.14 ? 44  GLU A OE1 1 
ATOM   313 O OE2 . GLU A 1 46 ? 4.710   -16.178 -0.838  1.00 12.93 ? 44  GLU A OE2 1 
ATOM   314 N N   . SER A 1 47 ? 9.391   -12.544 -0.417  1.00 11.17 ? 45  SER A N   1 
ATOM   315 C CA  . SER A 1 47 ? 10.820  -12.165 -0.418  1.00 11.84 ? 45  SER A CA  1 
ATOM   316 C C   . SER A 1 47 ? 11.456  -12.493 0.939   1.00 11.71 ? 45  SER A C   1 
ATOM   317 O O   . SER A 1 47 ? 12.565  -13.041 1.002   1.00 13.28 ? 45  SER A O   1 
ATOM   318 C CB  . SER A 1 47 ? 10.919  -10.665 -0.713  1.00 13.42 ? 45  SER A CB  1 
ATOM   319 O OG  . SER A 1 47 ? 12.214  -10.153 -0.538  1.00 16.90 ? 45  SER A OG  1 
ATOM   320 N N   . ALA A 1 48 ? 10.789  -12.142 2.016   1.00 11.10 ? 46  ALA A N   1 
ATOM   321 C CA  . ALA A 1 48 ? 11.347  -12.378 3.360   1.00 11.69 ? 46  ALA A CA  1 
ATOM   322 C C   . ALA A 1 48 ? 11.512  -13.847 3.638   1.00 11.77 ? 46  ALA A C   1 
ATOM   323 O O   . ALA A 1 48 ? 12.552  -14.288 4.139   1.00 13.61 ? 46  ALA A O   1 
ATOM   324 C CB  . ALA A 1 48 ? 10.466  -11.711 4.401   1.00 12.38 ? 46  ALA A CB  1 
ATOM   325 N N   . LYS A 1 49 ? 10.503  -14.643 3.275   1.00 11.80 ? 47  LYS A N   1 
ATOM   326 C CA  . LYS A 1 49 ? 10.584  -16.072 3.509   1.00 12.79 ? 47  LYS A CA  1 
ATOM   327 C C   . LYS A 1 49 ? 11.668  -16.692 2.643   1.00 13.11 ? 47  LYS A C   1 
ATOM   328 O O   . LYS A 1 49 ? 12.373  -17.612 3.109   1.00 14.91 ? 47  LYS A O   1 
ATOM   329 C CB  . LYS A 1 49 ? 9.255   -16.742 3.266   1.00 13.05 ? 47  LYS A CB  1 
ATOM   330 C CG  . LYS A 1 49 ? 8.220   -16.409 4.293   1.00 13.33 ? 47  LYS A CG  1 
ATOM   331 C CD  . LYS A 1 49 ? 6.999   -17.275 4.212   1.00 14.94 ? 47  LYS A CD  1 
ATOM   332 C CE  . LYS A 1 49 ? 7.297   -18.650 4.773   1.00 16.79 ? 47  LYS A CE  1 
ATOM   333 N NZ  . LYS A 1 49 ? 6.155   -19.603 4.734   1.00 19.70 ? 47  LYS A NZ  1 
ATOM   334 N N   . ALA A 1 50 ? 11.801  -16.269 1.413   1.00 12.70 ? 48  ALA A N   1 
ATOM   335 C CA  . ALA A 1 50 ? 12.850  -16.825 0.530   1.00 14.38 ? 48  ALA A CA  1 
ATOM   336 C C   . ALA A 1 50 ? 14.225  -16.554 1.146   1.00 15.26 ? 48  ALA A C   1 
ATOM   337 O O   . ALA A 1 50 ? 15.138  -17.312 0.868   1.00 18.51 ? 48  ALA A O   1 
ATOM   338 C CB  . ALA A 1 50 ? 12.735  -16.204 -0.843  1.00 14.70 ? 48  ALA A CB  1 
ATOM   339 N N   . ASP A 1 51 ? 14.383  -15.470 1.891   1.00 15.91 ? 49  ASP A N   1 
ATOM   340 C CA  . ASP A 1 51 ? 15.647  -15.074 2.540   1.00 18.57 ? 49  ASP A CA  1 
ATOM   341 C C   . ASP A 1 51 ? 15.757  -15.778 3.901   1.00 18.70 ? 49  ASP A C   1 
ATOM   342 O O   . ASP A 1 51 ? 16.735  -15.517 4.597   1.00 24.11 ? 49  ASP A O   1 
ATOM   343 C CB  . ASP A 1 51 ? 15.773  -13.561 2.666   1.00 19.67 ? 49  ASP A CB  1 
ATOM   344 C CG  . ASP A 1 51 ? 17.202  -13.046 2.855   1.00 23.99 ? 49  ASP A CG  1 
ATOM   345 O OD1 . ASP A 1 51 ? 18.093  -13.571 2.188   1.00 28.39 ? 49  ASP A OD1 1 
ATOM   346 O OD2 . ASP A 1 51 ? 17.412  -12.136 3.664   1.00 27.60 ? 49  ASP A OD2 1 
ATOM   347 N N   . GLY A 1 52 ? 14.822  -16.629 4.323   1.00 17.78 ? 50  GLY A N   1 
ATOM   348 C CA  . GLY A 1 52 ? 14.849  -17.336 5.622   1.00 20.06 ? 50  GLY A CA  1 
ATOM   349 C C   . GLY A 1 52 ? 14.598  -16.447 6.806   1.00 19.26 ? 50  GLY A C   1 
ATOM   350 O O   . GLY A 1 52 ? 14.959  -16.793 7.924   1.00 23.54 ? 50  GLY A O   1 
ATOM   351 N N   . ARG A 1 53 ? 13.906  -15.334 6.585   1.00 16.22 ? 51  ARG A N   1 
ATOM   352 C CA  . ARG A 1 53 ? 13.634  -14.384 7.669   1.00 16.48 ? 51  ARG A CA  1 
ATOM   353 C C   . ARG A 1 53 ? 12.208  -14.559 8.183   1.00 16.74 ? 51  ARG A C   1 
ATOM   354 O O   . ARG A 1 53 ? 11.371  -15.151 7.487   1.00 19.14 ? 51  ARG A O   1 
ATOM   355 C CB  . ARG A 1 53 ? 13.893  -12.954 7.222   1.00 15.48 ? 51  ARG A CB  1 
ATOM   356 C CG  . ARG A 1 53 ? 15.374  -12.646 7.173   1.00 17.48 ? 51  ARG A CG  1 
ATOM   357 C CD  . ARG A 1 53 ? 15.626  -11.223 6.724   1.00 17.54 ? 51  ARG A CD  1 
ATOM   358 N NE  . ARG A 1 53 ? 15.482  -11.064 5.292   1.00 16.61 ? 51  ARG A NE  1 
ATOM   359 C CZ  . ARG A 1 53 ? 14.505  -10.420 4.682   1.00 14.23 ? 51  ARG A CZ  1 
ATOM   360 N NH1 . ARG A 1 53 ? 13.451  -9.949  5.341   1.00 14.67 ? 51  ARG A NH1 1 
ATOM   361 N NH2 . ARG A 1 53 ? 14.610  -10.233 3.375   1.00 15.17 ? 51  ARG A NH2 1 
ATOM   362 N N   . LYS A 1 54 ? 11.962  -14.003 9.369   1.00 17.06 ? 52  LYS A N   1 
ATOM   363 C CA  . LYS A 1 54 ? 10.636  -14.017 10.022  1.00 18.69 ? 52  LYS A CA  1 
ATOM   364 C C   . LYS A 1 54 ? 10.018  -12.638 10.112  1.00 15.29 ? 52  LYS A C   1 
ATOM   365 O O   . LYS A 1 54 ? 8.996   -12.505 10.741  1.00 17.97 ? 52  LYS A O   1 
ATOM   366 C CB  . LYS A 1 54 ? 10.786  -14.667 11.389  1.00 26.98 ? 52  LYS A CB  1 
ATOM   367 C CG  . LYS A 1 54 ? 11.123  -16.139 11.256  1.00 33.40 ? 52  LYS A CG  1 
ATOM   368 C CD  . LYS A 1 54 ? 9.978   -16.982 10.687  1.00 49.35 ? 52  LYS A CD  1 
ATOM   369 C CE  . LYS A 1 54 ? 8.798   -17.141 11.628  1.00 53.46 ? 52  LYS A CE  1 
ATOM   370 N NZ  . LYS A 1 54 ? 7.543   -17.449 10.898  1.00 52.27 ? 52  LYS A NZ  1 
ATOM   371 N N   . THR A 1 55 ? 10.646  -11.640 9.486   1.00 14.09 ? 53  THR A N   1 
ATOM   372 C CA  . THR A 1 55 ? 10.145  -10.262 9.476   1.00 13.12 ? 53  THR A CA  1 
ATOM   373 C C   . THR A 1 55 ? 10.230  -9.742  8.056   1.00 12.04 ? 53  THR A C   1 
ATOM   374 O O   . THR A 1 55 ? 11.272  -9.856  7.430   1.00 13.25 ? 53  THR A O   1 
ATOM   375 C CB  . THR A 1 55 ? 10.984  -9.381  10.406  1.00 15.78 ? 53  THR A CB  1 
ATOM   376 O OG1 . THR A 1 55 ? 10.947  -9.936  11.720  1.00 19.66 ? 53  THR A OG1 1 
ATOM   377 C CG2 . THR A 1 55 ? 10.499  -7.965  10.491  1.00 15.95 ? 53  THR A CG2 1 
ATOM   378 N N   . VAL A 1 56 ? 9.130   -9.140  7.597   1.00 11.01 ? 54  VAL A N   1 
ATOM   379 C CA  . VAL A 1 56 ? 9.109   -8.403  6.339   1.00 10.38 ? 54  VAL A CA  1 
ATOM   380 C C   . VAL A 1 56 ? 9.738   -7.033  6.595   1.00 10.87 ? 54  VAL A C   1 
ATOM   381 O O   . VAL A 1 56 ? 9.260   -6.279  7.462   1.00 13.16 ? 54  VAL A O   1 
ATOM   382 C CB  . VAL A 1 56 ? 7.679   -8.275  5.815   1.00 10.81 ? 54  VAL A CB  1 
ATOM   383 C CG1 . VAL A 1 56 ? 7.640   -7.426  4.568   1.00 11.12 ? 54  VAL A CG1 1 
ATOM   384 C CG2 . VAL A 1 56 ? 7.084   -9.634  5.556   1.00 11.63 ? 54  VAL A CG2 1 
ATOM   385 N N   . MET A 1 57 ? 10.738  -6.736  5.816   1.00 10.36 ? 55  MET A N   1 
ATOM   386 C CA  A MET A 1 57 ? 11.576  -5.535  5.937   0.50 11.08 ? 55  MET A CA  1 
ATOM   387 C CA  C MET A 1 57 ? 11.561  -5.532  5.954   0.50 10.75 ? 55  MET A CA  1 
ATOM   388 C C   . MET A 1 57 ? 11.345  -4.616  4.743   1.00 10.76 ? 55  MET A C   1 
ATOM   389 O O   . MET A 1 57 ? 10.725  -4.998  3.738   1.00 10.98 ? 55  MET A O   1 
ATOM   390 C CB  A MET A 1 57 ? 13.038  -5.946  5.957   0.50 12.32 ? 55  MET A CB  1 
ATOM   391 C CB  C MET A 1 57 ? 13.014  -5.976  6.065   0.50 12.24 ? 55  MET A CB  1 
ATOM   392 C CG  A MET A 1 57 ? 13.335  -6.859  7.066   0.50 14.93 ? 55  MET A CG  1 
ATOM   393 C CG  C MET A 1 57 ? 13.332  -6.756  7.372   0.50 16.83 ? 55  MET A CG  1 
ATOM   394 S SD  A MET A 1 57 ? 15.029  -7.257  7.291   0.50 21.41 ? 55  MET A SD  1 
ATOM   395 S SD  C MET A 1 57 ? 14.915  -7.379  7.448   0.50 18.61 ? 55  MET A SD  1 
ATOM   396 C CE  A MET A 1 57 ? 14.814  -8.131  8.825   0.50 19.70 ? 55  MET A CE  1 
ATOM   397 C CE  C MET A 1 57 ? 15.740  -5.828  7.675   0.50 15.76 ? 55  MET A CE  1 
ATOM   398 N N   . ALA A 1 58 ? 11.827  -3.390  4.846   1.00 10.91 ? 56  ALA A N   1 
ATOM   399 C CA  . ALA A 1 58 ? 11.663  -2.444  3.754   1.00 11.37 ? 56  ALA A CA  1 
ATOM   400 C C   . ALA A 1 58 ? 12.247  -2.983  2.461   1.00 11.37 ? 56  ALA A C   1 
ATOM   401 O O   . ALA A 1 58 ? 11.680  -2.733  1.402   1.00 12.20 ? 56  ALA A O   1 
ATOM   402 C CB  . ALA A 1 58 ? 12.262  -1.124  4.116   1.00 12.52 ? 56  ALA A CB  1 
ATOM   403 N N   . ARG A 1 59 ? 13.365  -3.681  2.506   1.00 10.99 ? 57  ARG A N   1 
ATOM   404 C CA  . ARG A 1 59 ? 14.002  -4.190  1.265   1.00 12.14 ? 57  ARG A CA  1 
ATOM   405 C C   . ARG A 1 59 ? 13.129  -5.260  0.623   1.00 12.44 ? 57  ARG A C   1 
ATOM   406 O O   . ARG A 1 59 ? 13.385  -5.577  -0.529  1.00 14.75 ? 57  ARG A O   1 
ATOM   407 C CB  . ARG A 1 59 ? 15.403  -4.712  1.548   1.00 13.22 ? 57  ARG A CB  1 
ATOM   408 C CG  . ARG A 1 59 ? 15.542  -5.953  2.383   1.00 14.40 ? 57  ARG A CG  1 
ATOM   409 C CD  . ARG A 1 59 ? 17.010  -6.445  2.272   1.00 17.74 ? 57  ARG A CD  1 
ATOM   410 N NE  . ARG A 1 59 ? 17.290  -7.680  2.958   1.00 20.14 ? 57  ARG A NE  1 
ATOM   411 C CZ  . ARG A 1 59 ? 17.611  -7.768  4.222   1.00 21.38 ? 57  ARG A CZ  1 
ATOM   412 N NH1 . ARG A 1 59 ? 17.660  -6.682  4.942   1.00 19.79 ? 57  ARG A NH1 1 
ATOM   413 N NH2 . ARG A 1 59 ? 17.898  -8.951  4.733   1.00 26.02 ? 57  ARG A NH2 1 
ATOM   414 N N   . ASP A 1 60 ? 12.134  -5.803  1.326   1.00 12.24 ? 58  ASP A N   1 
ATOM   415 C CA  . ASP A 1 60 ? 11.206  -6.790  0.729   1.00 12.15 ? 58  ASP A CA  1 
ATOM   416 C C   . ASP A 1 60 ? 10.077  -6.147  -0.053  1.00 12.43 ? 58  ASP A C   1 
ATOM   417 O O   . ASP A 1 60 ? 9.325   -6.871  -0.711  1.00 13.95 ? 58  ASP A O   1 
ATOM   418 C CB  . ASP A 1 60 ? 10.635  -7.641  1.848   1.00 12.06 ? 58  ASP A CB  1 
ATOM   419 C CG  . ASP A 1 60 ? 11.711  -8.470  2.605   1.00 12.59 ? 58  ASP A CG  1 
ATOM   420 O OD1 . ASP A 1 60 ? 12.546  -9.096  1.909   1.00 14.00 ? 58  ASP A OD1 1 
ATOM   421 O OD2 . ASP A 1 60 ? 11.670  -8.484  3.866   1.00 13.51 ? 58  ASP A OD2 1 
ATOM   422 N N   . ILE A 1 61 ? 9.900   -4.840  0.060   1.00 13.25 ? 59  ILE A N   1 
ATOM   423 C CA  . ILE A 1 61 ? 8.767   -4.108  -0.582  1.00 14.27 ? 59  ILE A CA  1 
ATOM   424 C C   . ILE A 1 61 ? 9.337   -3.509  -1.834  1.00 17.82 ? 59  ILE A C   1 
ATOM   425 O O   . ILE A 1 61 ? 10.036  -2.492  -1.782  1.00 19.33 ? 59  ILE A O   1 
ATOM   426 C CB  . ILE A 1 61 ? 8.202   -3.041  0.339   1.00 14.39 ? 59  ILE A CB  1 
ATOM   427 C CG1 . ILE A 1 61 ? 7.768   -3.613  1.686   1.00 14.52 ? 59  ILE A CG1 1 
ATOM   428 C CG2 . ILE A 1 61 ? 7.051   -2.294  -0.302  1.00 16.93 ? 59  ILE A CG2 1 
ATOM   429 C CD1 . ILE A 1 61 ? 6.771   -4.727  1.603   1.00 15.24 ? 59  ILE A CD1 1 
ATOM   430 N N   . VAL A 1 62 ? 9.176   -4.173  -2.941  1.00 27.66 ? 60  VAL A N   1 
ATOM   431 C CA  . VAL A 1 62 ? 9.965   -3.705  -4.102  1.00 28.63 ? 60  VAL A CA  1 
ATOM   432 C C   . VAL A 1 62 ? 9.017   -2.718  -4.773  1.00 28.85 ? 60  VAL A C   1 
ATOM   433 O O   . VAL A 1 62 ? 7.955   -3.119  -5.148  1.00 31.21 ? 60  VAL A O   1 
ATOM   434 C CB  . VAL A 1 62 ? 10.525  -4.833  -4.992  1.00 35.61 ? 60  VAL A CB  1 
ATOM   435 C CG1 . VAL A 1 62 ? 11.134  -4.296  -6.275  1.00 35.70 ? 60  VAL A CG1 1 
ATOM   436 C CG2 . VAL A 1 62 ? 11.551  -5.670  -4.239  1.00 36.40 ? 60  VAL A CG2 1 
ATOM   437 N N   . ILE A 1 63 ? 9.430   -1.462  -4.846  1.00 28.49 ? 61  ILE A N   1 
ATOM   438 C CA  . ILE A 1 63 ? 8.663   -0.311  -5.373  1.00 27.29 ? 61  ILE A CA  1 
ATOM   439 C C   . ILE A 1 63 ? 9.629   0.490   -6.255  1.00 32.20 ? 61  ILE A C   1 
ATOM   440 O O   . ILE A 1 63 ? 9.065   1.531   -6.646  1.00 31.10 ? 61  ILE A O   1 
ATOM   441 C CB  . ILE A 1 63 ? 8.038   0.497   -4.213  1.00 30.54 ? 61  ILE A CB  1 
ATOM   442 C CG1 . ILE A 1 63 ? 9.047   0.841   -3.121  1.00 36.30 ? 61  ILE A CG1 1 
ATOM   443 C CG2 . ILE A 1 63 ? 6.865   -0.270  -3.634  1.00 33.99 ? 61  ILE A CG2 1 
ATOM   444 C CD1 . ILE A 1 63 ? 10.145  1.773   -3.572  1.00 43.48 ? 61  ILE A CD1 1 
HETATM 445 O O   . HOH B 2 .  ? -2.407  7.660   9.903   1.00 35.17 ? 101 HOH A O   1 
HETATM 446 O O   . HOH B 2 .  ? -3.158  21.336  -8.038  1.00 26.64 ? 102 HOH A O   1 
HETATM 447 O O   . HOH B 2 .  ? -16.934 0.359   -9.868  1.00 30.98 ? 103 HOH A O   1 
HETATM 448 O O   . HOH B 2 .  ? 6.392   -16.266 -5.066  1.00 26.97 ? 104 HOH A O   1 
HETATM 449 O O   . HOH B 2 .  ? -9.532  3.244   5.872   1.00 37.98 ? 105 HOH A O   1 
HETATM 450 O O   . HOH B 2 .  ? 2.982   -14.318 0.097   1.00 16.09 ? 106 HOH A O   1 
HETATM 451 O O   . HOH B 2 .  ? 10.509  -17.733 7.351   1.00 29.81 ? 107 HOH A O   1 
HETATM 452 O O   . HOH B 2 .  ? -10.454 13.598  4.430   1.00 30.50 ? 108 HOH A O   1 
HETATM 453 O O   . HOH B 2 .  ? 11.535  -19.193 5.186   1.00 28.32 ? 109 HOH A O   1 
HETATM 454 O O   . HOH B 2 .  ? 18.482  -15.612 6.727   1.00 53.45 ? 110 HOH A O   1 
HETATM 455 O O   . HOH B 2 .  ? 14.477  -12.659 -0.978  1.00 26.57 ? 111 HOH A O   1 
HETATM 456 O O   . HOH B 2 .  ? -9.726  13.995  -2.445  1.00 14.82 ? 112 HOH A O   1 
HETATM 457 O O   . HOH B 2 .  ? 0.509   20.939  -4.410  1.00 44.30 ? 113 HOH A O   1 
HETATM 458 O O   . HOH B 2 .  ? 8.624   -10.962 -3.826  1.00 31.86 ? 114 HOH A O   1 
HETATM 459 O O   . HOH B 2 .  ? -13.815 2.589   -1.719  1.00 25.46 ? 115 HOH A O   1 
HETATM 460 O O   . HOH B 2 .  ? -2.918  13.232  4.405   1.00 29.26 ? 116 HOH A O   1 
HETATM 461 O O   . HOH B 2 .  ? 6.725   -6.183  -2.234  1.00 17.07 ? 117 HOH A O   1 
HETATM 462 O O   . HOH B 2 .  ? 13.280  -8.152  -2.289  1.00 38.88 ? 118 HOH A O   1 
HETATM 463 O O   . HOH B 2 .  ? -13.345 13.011  -2.740  1.00 30.15 ? 119 HOH A O   1 
HETATM 464 O O   . HOH B 2 .  ? -4.341  -2.480  -7.261  1.00 24.65 ? 120 HOH A O   1 
HETATM 465 O O   . HOH B 2 .  ? -10.181 6.896   7.154   1.00 25.42 ? 121 HOH A O   1 
HETATM 466 O O   . HOH B 2 .  ? -7.068  22.330  -1.565  1.00 43.99 ? 122 HOH A O   1 
HETATM 467 O O   . HOH B 2 .  ? 12.274  -1.022  -4.115  1.00 31.37 ? 123 HOH A O   1 
HETATM 468 O O   . HOH B 2 .  ? 16.775  -10.063 1.224   1.00 34.14 ? 124 HOH A O   1 
HETATM 469 O O   . HOH B 2 .  ? -9.774  -3.128  -2.271  1.00 33.42 ? 125 HOH A O   1 
HETATM 470 O O   . HOH B 2 .  ? 18.438  -8.581  7.782   1.00 43.22 ? 126 HOH A O   1 
HETATM 471 O O   . HOH B 2 .  ? -12.067 14.598  -1.083  1.00 37.93 ? 127 HOH A O   1 
HETATM 472 O O   . HOH B 2 .  ? -9.579  22.756  -1.943  1.00 56.75 ? 128 HOH A O   1 
HETATM 473 O O   . HOH B 2 .  ? -12.782 11.885  5.250   1.00 42.06 ? 129 HOH A O   1 
# 
loop_
_atom_site_anisotrop.id 
_atom_site_anisotrop.type_symbol 
_atom_site_anisotrop.pdbx_label_atom_id 
_atom_site_anisotrop.pdbx_label_alt_id 
_atom_site_anisotrop.pdbx_label_comp_id 
_atom_site_anisotrop.pdbx_label_asym_id 
_atom_site_anisotrop.pdbx_label_seq_id 
_atom_site_anisotrop.pdbx_PDB_ins_code 
_atom_site_anisotrop.U[1][1] 
_atom_site_anisotrop.U[2][2] 
_atom_site_anisotrop.U[3][3] 
_atom_site_anisotrop.U[1][2] 
_atom_site_anisotrop.U[1][3] 
_atom_site_anisotrop.U[2][3] 
_atom_site_anisotrop.pdbx_auth_seq_id 
_atom_site_anisotrop.pdbx_auth_comp_id 
_atom_site_anisotrop.pdbx_auth_asym_id 
_atom_site_anisotrop.pdbx_auth_atom_id 
1   N N   . VAL A 6  ? 0.2025 0.4372 0.3484 -0.0764 -0.0174 0.0132  4   VAL A N   
2   C CA  . VAL A 6  ? 0.1800 0.3036 0.2564 -0.0064 -0.0241 0.0077  4   VAL A CA  
3   C C   . VAL A 6  ? 0.1712 0.2217 0.2272 0.0160  -0.0141 0.0295  4   VAL A C   
4   O O   . VAL A 6  ? 0.1965 0.3170 0.2334 0.0207  0.0240  0.0297  4   VAL A O   
5   C CB  . VAL A 6  ? 0.1961 0.3761 0.3888 0.0456  -0.0860 0.0109  4   VAL A CB  
6   C CG1 . VAL A 6  ? 0.2364 0.3272 0.3767 0.0474  -0.1356 0.0184  4   VAL A CG1 
7   C CG2 . VAL A 6  ? 0.2228 0.5049 0.5982 0.0073  -0.1245 -0.0630 4   VAL A CG2 
8   N N   . LEU A 7  ? 0.1630 0.1894 0.1847 0.0107  -0.0293 0.0190  5   LEU A N   
9   C CA  . LEU A 7  ? 0.1673 0.1760 0.1511 0.0191  -0.0254 0.0218  5   LEU A CA  
10  C C   . LEU A 7  ? 0.1601 0.1632 0.1379 0.0328  -0.0280 0.0209  5   LEU A C   
11  O O   . LEU A 7  ? 0.1725 0.1663 0.1788 0.0298  -0.0492 0.0295  5   LEU A O   
12  C CB  . LEU A 7  ? 0.1713 0.1685 0.1586 0.0328  -0.0212 0.0292  5   LEU A CB  
13  C CG  . LEU A 7  ? 0.2215 0.1637 0.2058 0.0360  -0.0260 0.0422  5   LEU A CG  
14  C CD1 . LEU A 7  ? 0.2832 0.1703 0.2300 0.0337  -0.0113 0.0148  5   LEU A CD1 
15  C CD2 . LEU A 7  ? 0.3665 0.1737 0.2076 0.0421  -0.0036 0.0364  5   LEU A CD2 
16  N N   . VAL A 8  ? 0.1374 0.1715 0.1668 0.0318  -0.0305 0.0333  6   VAL A N   
17  C CA  . VAL A 8  ? 0.1400 0.1604 0.1606 0.0369  -0.0241 0.0303  6   VAL A CA  
18  C C   . VAL A 8  ? 0.1343 0.1739 0.1601 0.0326  -0.0231 0.0463  6   VAL A C   
19  O O   . VAL A 8  ? 0.1454 0.1852 0.1915 0.0325  -0.0097 0.0340  6   VAL A O   
20  C CB  . VAL A 8  ? 0.1737 0.2006 0.1712 0.0496  -0.0294 0.0328  6   VAL A CB  
21  C CG1 . VAL A 8  ? 0.2021 0.2323 0.1752 0.0274  -0.0282 0.0192  6   VAL A CG1 
22  C CG2 . VAL A 8  ? 0.1936 0.2479 0.1769 0.0557  -0.0350 0.0401  6   VAL A CG2 
23  N N   . VAL A 9  ? 0.1548 0.1665 0.1674 0.0392  -0.0251 0.0276  7   VAL A N   
24  C CA  . VAL A 9  ? 0.1911 0.1792 0.1731 0.0518  -0.0205 0.0396  7   VAL A CA  
25  C C   . VAL A 9  ? 0.1600 0.1981 0.1480 0.0384  -0.0209 0.0318  7   VAL A C   
26  O O   . VAL A 9  ? 0.1705 0.1847 0.1736 0.0477  -0.0110 0.0392  7   VAL A O   
27  C CB  . VAL A 9  ? 0.2214 0.1974 0.1696 0.0592  -0.0379 0.0274  7   VAL A CB  
28  C CG1 . VAL A 9  ? 0.2953 0.2136 0.1862 0.0648  -0.0100 0.0196  7   VAL A CG1 
29  C CG2 . VAL A 9  ? 0.2515 0.2115 0.1790 0.0587  -0.0697 0.0305  7   VAL A CG2 
30  N N   . THR A 10 ? 0.1780 0.1783 0.1743 0.0469  -0.0059 0.0450  8   THR A N   
31  C CA  . THR A 10 ? 0.1703 0.2072 0.1675 0.0536  -0.0193 0.0245  8   THR A CA  
32  C C   . THR A 10 ? 0.1602 0.2051 0.1658 0.0470  0.0050  0.0260  8   THR A C   
33  O O   . THR A 10 ? 0.1645 0.2037 0.1707 0.0498  -0.0057 0.0381  8   THR A O   
34  C CB  . THR A 10 ? 0.1908 0.2109 0.2060 0.0373  -0.0436 0.0335  8   THR A CB  
35  O OG1 . THR A 10 ? 0.2505 0.2260 0.2608 0.0361  -0.0532 0.0127  8   THR A OG1 
36  C CG2 . THR A 10 ? 0.2128 0.2823 0.2262 0.0414  -0.0454 0.0364  8   THR A CG2 
37  N N   . SER A 11 ? 0.1829 0.2113 0.1743 0.0635  0.0155  0.0284  9   SER A N   
38  C CA  . SER A 11 ? 0.2132 0.2015 0.2037 0.0700  0.0070  0.0141  9   SER A CA  
39  C C   . SER A 11 ? 0.2215 0.1690 0.1661 0.0573  0.0079  0.0021  9   SER A C   
40  O O   . SER A 11 ? 0.2401 0.1667 0.2124 0.0588  0.0286  0.0148  9   SER A O   
41  C CB  . SER A 11 ? 0.2914 0.2375 0.2162 0.0687  0.0384  -0.0117 9   SER A CB  
42  O OG  . SER A 11 ? 0.3349 0.4165 0.1965 0.0530  0.0237  0.0108  9   SER A OG  
43  N N   . LYS A 12 ? 0.1992 0.1955 0.1700 0.0498  0.0050  0.0028  10  LYS A N   
44  C CA  . LYS A 12 ? 0.2101 0.1818 0.1561 0.0379  -0.0233 0.0021  10  LYS A CA  
45  C C   . LYS A 12 ? 0.1795 0.1573 0.1646 0.0391  -0.0231 0.0165  10  LYS A C   
46  O O   . LYS A 12 ? 0.1986 0.1758 0.1739 0.0178  -0.0219 0.0022  10  LYS A O   
47  C CB  . LYS A 12 ? 0.2064 0.2192 0.1666 0.0358  -0.0201 0.0142  10  LYS A CB  
48  C CG  . LYS A 12 ? 0.2797 0.3161 0.1662 0.0200  -0.0202 0.0181  10  LYS A CG  
49  C CD  . LYS A 12 ? 0.3775 0.4589 0.2125 0.0173  -0.0881 0.0434  10  LYS A CD  
50  C CE  . LYS A 12 ? 0.4977 0.4426 0.1960 -0.0433 -0.0744 0.0300  10  LYS A CE  
51  N NZ  . LYS A 12 ? 0.5264 0.5266 0.3245 -0.0033 -0.0985 0.0436  10  LYS A NZ  
52  N N   . VAL A 13 ? 0.1709 0.1582 0.1508 0.0368  -0.0083 0.0270  11  VAL A N   
53  C CA  . VAL A 13 ? 0.1590 0.1639 0.1586 0.0438  -0.0105 0.0152  11  VAL A CA  
54  C C   . VAL A 13 ? 0.1720 0.1558 0.1374 0.0444  -0.0072 0.0131  11  VAL A C   
55  O O   . VAL A 13 ? 0.1860 0.1584 0.1446 0.0371  -0.0077 0.0162  11  VAL A O   
56  C CB  . VAL A 13 ? 0.2032 0.1524 0.1624 0.0495  0.0142  0.0156  11  VAL A CB  
57  C CG1 . VAL A 13 ? 0.1912 0.1580 0.1690 0.0235  0.0087  0.0031  11  VAL A CG1 
58  C CG2 . VAL A 13 ? 0.2255 0.1791 0.1908 0.0706  -0.0076 0.0073  11  VAL A CG2 
59  N N   . LYS A 14 ? 0.1877 0.1550 0.1568 0.0590  0.0073  0.0233  12  LYS A N   
60  C CA  . LYS A 14 ? 0.1756 0.1569 0.1753 0.0448  -0.0045 0.0257  12  LYS A CA  
61  C C   . LYS A 14 ? 0.1917 0.1581 0.1662 0.0419  0.0075  0.0058  12  LYS A C   
62  O O   . LYS A 14 ? 0.2186 0.1600 0.1706 0.0483  -0.0133 0.0209  12  LYS A O   
63  C CB  . LYS A 14 ? 0.1805 0.2090 0.2060 0.0717  0.0048  0.0381  12  LYS A CB  
64  C CG  . LYS A 14 ? 0.1988 0.2400 0.1957 0.0196  -0.0374 0.0511  12  LYS A CG  
65  C CD  . LYS A 14 ? 0.2289 0.2452 0.4563 0.0308  0.0312  0.0504  12  LYS A CD  
66  C CE  . LYS A 14 ? 0.2888 0.3209 0.4943 0.0333  -0.0556 0.0346  12  LYS A CE  
67  N NZ  . LYS A 14 ? 0.3428 0.5765 0.4966 -0.0158 0.0273  0.0419  12  LYS A NZ  
68  N N   . LYS A 15 ? 0.2380 0.1626 0.1589 0.0443  0.0085  0.0032  13  LYS A N   
69  C CA  . LYS A 15 ? 0.2713 0.1703 0.1775 0.0374  0.0100  -0.0062 13  LYS A CA  
70  C C   . LYS A 15 ? 0.2446 0.1671 0.1427 0.0248  -0.0116 0.0020  13  LYS A C   
71  O O   . LYS A 15 ? 0.3000 0.1512 0.1853 0.0202  -0.0072 -0.0124 13  LYS A O   
72  C CB  . LYS A 15 ? 0.3818 0.1818 0.1761 0.0103  0.0332  -0.0350 13  LYS A CB  
73  C CG  . LYS A 15 ? 0.3978 0.2501 0.2174 -0.0110 -0.0149 -0.0531 13  LYS A CG  
74  C CD  . LYS A 15 ? 0.5065 0.3559 0.2574 -0.0314 -0.0427 -0.0638 13  LYS A CD  
75  C CE  . LYS A 15 ? 0.5832 0.3887 0.3260 -0.0765 -0.0881 -0.0442 13  LYS A CE  
76  N NZ  . LYS A 15 ? 0.5765 0.5195 0.6123 0.0489  -0.0640 0.0011  13  LYS A NZ  
77  N N   . LEU A 16 ? 0.2314 0.1617 0.1667 0.0336  -0.0194 0.0020  14  LEU A N   
78  C CA  . LEU A 16 ? 0.2204 0.1595 0.1668 0.0114  -0.0403 0.0151  14  LEU A CA  
79  C C   . LEU A 16 ? 0.1849 0.1285 0.1821 0.0321  -0.0259 0.0097  14  LEU A C   
80  O O   . LEU A 16 ? 0.2065 0.1429 0.1939 0.0173  -0.0258 0.0004  14  LEU A O   
81  C CB  . LEU A 16 ? 0.2088 0.1712 0.1937 0.0218  -0.0492 0.0211  14  LEU A CB  
82  C CG  . LEU A 16 ? 0.1836 0.1941 0.2940 0.0345  -0.0445 0.0509  14  LEU A CG  
83  C CD1 . LEU A 16 ? 0.2500 0.2239 0.3619 0.0105  -0.0621 0.0308  14  LEU A CD1 
84  C CD2 . LEU A 16 ? 0.2074 0.2189 0.2916 0.0463  0.0065  0.0502  14  LEU A CD2 
85  N N   . ILE A 17 ? 0.1891 0.1358 0.1552 0.0140  -0.0146 0.0019  15  ILE A N   
86  C CA  . ILE A 17 ? 0.1714 0.1354 0.1421 0.0285  -0.0168 0.0146  15  ILE A CA  
87  C C   . ILE A 17 ? 0.2197 0.1259 0.1602 0.0228  -0.0292 0.0135  15  ILE A C   
88  O O   . ILE A 17 ? 0.2307 0.1384 0.1915 0.0101  -0.0286 0.0322  15  ILE A O   
89  C CB  . ILE A 17 ? 0.1712 0.1261 0.1474 0.0206  -0.0121 0.0142  15  ILE A CB  
90  C CG1 . ILE A 17 ? 0.1741 0.1397 0.1479 0.0331  -0.0134 0.0100  15  ILE A CG1 
91  C CG2 . ILE A 17 ? 0.1936 0.1373 0.1473 0.0171  -0.0244 0.0234  15  ILE A CG2 
92  C CD1 . ILE A 17 ? 0.1806 0.1335 0.1557 0.0422  -0.0206 -0.0011 15  ILE A CD1 
93  N N   . LYS A 18 ? 0.2260 0.1252 0.1789 0.0328  -0.0206 0.0012  16  LYS A N   
94  C CA  . LYS A 18 ? 0.2420 0.1371 0.2042 0.0447  -0.0350 -0.0035 16  LYS A CA  
95  C C   . LYS A 18 ? 0.2470 0.1490 0.1975 0.0305  -0.0240 -0.0129 16  LYS A C   
96  O O   . LYS A 18 ? 0.3192 0.1306 0.2863 0.0341  -0.0316 0.0186  16  LYS A O   
97  C CB  . LYS A 18 ? 0.2544 0.1649 0.2067 0.0491  -0.0159 -0.0235 16  LYS A CB  
98  C CG  . LYS A 18 ? 0.3347 0.2154 0.2591 0.1137  0.0093  -0.0216 16  LYS A CG  
99  C CD  . LYS A 18 ? 0.3847 0.3411 0.3426 0.1609  -0.0674 -0.0319 16  LYS A CD  
100 C CE  . LYS A 18 ? 0.4634 0.4161 0.4997 0.0742  -0.0010 -0.1226 16  LYS A CE  
101 N NZ  . LYS A 18 ? 0.4521 0.6577 0.6022 0.1908  -0.0017 -0.1382 16  LYS A NZ  
102 N N   . GLU A 19 ? 0.2272 0.1491 0.1921 0.0202  -0.0096 -0.0129 17  GLU A N   
103 C CA  . GLU A 19 ? 0.2340 0.1675 0.2026 -0.0036 0.0020  -0.0146 17  GLU A CA  
104 C C   . GLU A 19 ? 0.2171 0.1618 0.2906 0.0009  0.0177  -0.0185 17  GLU A C   
105 O O   . GLU A 19 ? 0.3227 0.1722 0.2953 -0.0265 0.0580  -0.0040 17  GLU A O   
106 C CB  . GLU A 19 ? 0.2426 0.2234 0.2632 -0.0128 -0.0416 -0.0174 17  GLU A CB  
107 C CG  . GLU A 19 ? 0.3216 0.2266 0.2544 -0.0220 0.0071  -0.0307 17  GLU A CG  
108 C CD  . GLU A 19 ? 0.2560 0.2771 0.2982 0.0488  -0.0383 -0.0080 17  GLU A CD  
109 O OE1 . GLU A 19 ? 0.2588 0.4445 0.3426 0.0590  -0.0638 -0.0187 17  GLU A OE1 
110 O OE2 . GLU A 19 ? 0.3239 0.2009 0.3081 0.0914  -0.0439 -0.0242 17  GLU A OE2 
111 N N   . LYS A 20 ? 0.2609 0.1669 0.2600 0.0075  0.0522  0.0081  18  LYS A N   
112 C CA  . LYS A 20 ? 0.2610 0.1766 0.3196 0.0107  0.0542  0.0205  18  LYS A CA  
113 C C   . LYS A 20 ? 0.2745 0.1991 0.2843 0.0175  0.0711  0.0205  18  LYS A C   
114 O O   . LYS A 20 ? 0.4271 0.2351 0.2909 -0.0570 0.1098  -0.0014 18  LYS A O   
115 C CB  . LYS A 20 ? 0.2805 0.2450 0.3902 0.0685  0.1062  0.0706  18  LYS A CB  
116 C CG  . LYS A 20 ? 0.3266 0.4315 0.4462 0.0594  0.0487  0.0821  18  LYS A CG  
117 C CD  . LYS A 20 ? 0.3952 0.4314 0.6085 -0.0212 -0.0017 0.0457  18  LYS A CD  
118 C CE  . LYS A 20 ? 0.6241 0.4612 0.6390 0.1733  -0.0678 0.1427  18  LYS A CE  
119 N NZ  . LYS A 20 ? 0.7677 0.6561 0.6522 0.0273  0.0586  0.0126  18  LYS A NZ  
120 N N   . GLY A 21 ? 0.2938 0.1857 0.2352 -0.0041 0.0521  0.0019  19  GLY A N   
121 C CA  . GLY A 21 ? 0.3023 0.1946 0.2426 -0.0150 0.0567  -0.0413 19  GLY A CA  
122 C C   . GLY A 21 ? 0.3120 0.1871 0.3274 -0.0054 0.0502  0.0104  19  GLY A C   
123 O O   . GLY A 21 ? 0.4250 0.2461 0.2758 -0.0087 -0.0089 0.0094  19  GLY A O   
124 N N   . GLN A 22 ? 0.3656 0.1770 0.3030 -0.0082 0.0051  -0.0204 20  GLN A N   
125 C CA  . GLN A 22 ? 0.3674 0.1482 0.3320 0.0220  -0.0315 0.0136  20  GLN A CA  
126 C C   . GLN A 22 ? 0.3616 0.1694 0.3161 0.0228  -0.0804 0.0255  20  GLN A C   
127 O O   . GLN A 22 ? 0.3929 0.1820 0.3491 0.0608  -0.0879 0.0154  20  GLN A O   
128 C CB  . GLN A 22 ? 0.3314 0.1514 0.3929 0.0433  0.0361  0.0178  20  GLN A CB  
129 C CG  . GLN A 22 ? 0.3417 0.1841 0.4321 0.0305  0.0538  -0.0074 20  GLN A CG  
130 C CD  . GLN A 22 ? 0.3110 0.2196 0.5204 0.0193  -0.0573 0.0333  20  GLN A CD  
131 O OE1 . GLN A 22 ? 0.5044 0.3696 0.4752 -0.0117 -0.1372 -0.0049 20  GLN A OE1 
132 N NE2 . GLN A 22 ? 0.4082 0.3945 0.4401 0.0044  -0.0593 -0.0458 20  GLN A NE2 
133 N N   . MET A 23 ? 0.4419 0.1484 0.2520 -0.0077 -0.1129 0.0645  21  MET A N   
134 C CA  . MET A 23 ? 0.3159 0.1784 0.2579 -0.0110 -0.0698 0.0665  21  MET A CA  
135 C C   . MET A 23 ? 0.2590 0.1444 0.2152 0.0381  -0.0620 0.0164  21  MET A C   
136 O O   . MET A 23 ? 0.2735 0.1538 0.2176 0.0443  -0.0706 0.0146  21  MET A O   
137 C CB  . MET A 23 ? 0.3511 0.1596 0.2110 0.0333  -0.0568 0.0458  21  MET A CB  
138 C CG  . MET A 23 ? 0.2338 0.2016 0.4090 0.0309  -0.0750 0.1836  21  MET A CG  
139 S SD  . MET A 23 ? 0.2367 0.4392 0.2686 0.0098  -0.0289 0.1036  21  MET A SD  
140 C CE  . MET A 23 ? 0.3435 0.4800 0.5894 -0.0329 0.0730  -0.0670 21  MET A CE  
141 N N   . ASN A 24 ? 0.2340 0.1493 0.2031 0.0669  -0.0463 0.0029  22  ASN A N   
142 C CA  . ASN A 24 ? 0.2164 0.1762 0.1912 0.0649  -0.0351 -0.0046 22  ASN A CA  
143 C C   . ASN A 24 ? 0.1723 0.1510 0.1976 0.0377  -0.0329 0.0063  22  ASN A C   
144 O O   . ASN A 24 ? 0.1952 0.1462 0.1723 0.0331  -0.0192 0.0166  22  ASN A O   
145 C CB  . ASN A 24 ? 0.2004 0.2450 0.2827 0.0830  -0.0287 0.0047  22  ASN A CB  
146 C CG  . ASN A 24 ? 0.3000 0.3323 0.5081 0.1588  -0.0498 0.0040  22  ASN A CG  
147 O OD1 . ASN A 24 ? 0.3870 0.3647 0.6861 0.1429  0.0535  -0.1851 22  ASN A OD1 
148 N ND2 . ASN A 24 ? 0.4183 0.5432 0.5733 0.2211  -0.0989 0.0706  22  ASN A ND2 
149 N N   . THR A 25 ? 0.1726 0.1677 0.1907 0.0418  0.0014  -0.0029 23  THR A N   
150 C CA  . THR A 25 ? 0.1810 0.1501 0.1870 0.0376  0.0000  -0.0057 23  THR A CA  
151 C C   . THR A 25 ? 0.1832 0.1764 0.2008 0.0153  0.0102  0.0042  23  THR A C   
152 O O   . THR A 25 ? 0.1947 0.2277 0.2211 0.0010  0.0326  -0.0074 23  THR A O   
153 C CB  . THR A 25 ? 0.1859 0.1696 0.1963 0.0244  -0.0248 0.0238  23  THR A CB  
154 O OG1 . THR A 25 ? 0.1899 0.1654 0.2247 0.0308  -0.0290 -0.0082 23  THR A OG1 
155 C CG2 . THR A 25 ? 0.1945 0.1574 0.2011 0.0286  -0.0372 0.0196  23  THR A CG2 
156 N N   . SER A 26 ? 0.1391 0.1682 0.1826 0.0307  -0.0179 0.0057  24  SER A N   
157 C CA  . SER A 26 ? 0.1346 0.1766 0.2005 0.0107  -0.0122 0.0185  24  SER A CA  
158 C C   . SER A 26 ? 0.1405 0.1643 0.2257 0.0189  -0.0143 0.0226  24  SER A C   
159 O O   . SER A 26 ? 0.1479 0.1802 0.1880 0.0289  -0.0124 0.0169  24  SER A O   
160 C CB  . SER A 26 ? 0.1893 0.1957 0.1972 -0.0018 -0.0537 0.0365  24  SER A CB  
161 O OG  . SER A 26 ? 0.2058 0.2594 0.2022 0.0109  -0.0262 0.0223  24  SER A OG  
162 N N   . ALA A 27 ? 0.1471 0.1883 0.2063 0.0340  0.0020  0.0221  25  ALA A N   
163 C CA  . ALA A 27 ? 0.1662 0.2026 0.2077 0.0306  0.0132  0.0450  25  ALA A CA  
164 C C   . ALA A 27 ? 0.1257 0.1891 0.1762 0.0109  -0.0141 0.0468  25  ALA A C   
165 O O   . ALA A 27 ? 0.1451 0.2112 0.1670 0.0129  -0.0250 0.0532  25  ALA A O   
166 C CB  . ALA A 27 ? 0.1999 0.2288 0.3457 0.0401  0.0725  0.0548  25  ALA A CB  
167 N N   . GLU A 28 ? 0.1167 0.1796 0.1663 0.0182  -0.0278 0.0500  26  GLU A N   
168 C CA  . GLU A 28 ? 0.1328 0.1482 0.1567 0.0247  -0.0332 0.0369  26  GLU A CA  
169 C C   . GLU A 28 ? 0.1259 0.1435 0.1430 0.0193  -0.0404 0.0442  26  GLU A C   
170 O O   . GLU A 28 ? 0.1366 0.1386 0.1587 0.0241  -0.0463 0.0319  26  GLU A O   
171 C CB  . GLU A 28 ? 0.1291 0.1882 0.1645 -0.0028 -0.0519 0.0429  26  GLU A CB  
172 C CG  . GLU A 28 ? 0.1351 0.2554 0.1975 -0.0070 -0.0467 0.0084  26  GLU A CG  
173 C CD  . GLU A 28 ? 0.1642 0.3006 0.2936 0.0014  -0.0435 0.0083  26  GLU A CD  
174 O OE1 . GLU A 28 ? 0.1812 0.2783 0.2394 0.0550  -0.0525 0.0524  26  GLU A OE1 
175 O OE2 . GLU A 28 ? 0.1736 0.4375 0.5197 0.0116  -0.0969 -0.0091 26  GLU A OE2 
176 N N   . THR A 29 ? 0.1239 0.1428 0.1449 0.0258  -0.0369 0.0401  27  THR A N   
177 C CA  . THR A 29 ? 0.1137 0.1330 0.1460 0.0260  -0.0322 0.0206  27  THR A CA  
178 C C   . THR A 29 ? 0.1151 0.1261 0.1531 0.0170  -0.0287 0.0219  27  THR A C   
179 O O   . THR A 29 ? 0.1129 0.1339 0.1564 0.0211  -0.0273 0.0238  27  THR A O   
180 C CB  . THR A 29 ? 0.1401 0.1332 0.1418 0.0179  -0.0295 0.0362  27  THR A CB  
181 O OG1 . THR A 29 ? 0.2114 0.1439 0.1530 0.0254  -0.0284 0.0364  27  THR A OG1 
182 C CG2 . THR A 29 ? 0.1366 0.1472 0.2265 0.0076  -0.0259 0.0410  27  THR A CG2 
183 N N   . ILE A 30 ? 0.1126 0.1490 0.1472 0.0297  -0.0275 0.0230  28  ILE A N   
184 C CA  . ILE A 30 ? 0.1252 0.1449 0.1420 0.0185  -0.0310 0.0224  28  ILE A CA  
185 C C   . ILE A 30 ? 0.1274 0.1555 0.1301 0.0215  -0.0332 0.0273  28  ILE A C   
186 O O   . ILE A 30 ? 0.1385 0.1600 0.1413 0.0281  -0.0406 0.0205  28  ILE A O   
187 C CB  . ILE A 30 ? 0.1426 0.1780 0.1444 0.0331  -0.0302 0.0101  28  ILE A CB  
188 C CG1 . ILE A 30 ? 0.1766 0.1949 0.1487 0.0507  -0.0201 0.0121  28  ILE A CG1 
189 C CG2 . ILE A 30 ? 0.1735 0.2000 0.1482 0.0417  -0.0139 0.0225  28  ILE A CG2 
190 C CD1 . ILE A 30 ? 0.2162 0.1728 0.2096 0.0217  -0.0043 0.0012  28  ILE A CD1 
191 N N   . ASP A 31 ? 0.1342 0.1389 0.1562 0.0156  -0.0464 0.0264  29  ASP A N   
192 C CA  . ASP A 31 ? 0.1500 0.1477 0.1367 0.0113  -0.0402 0.0422  29  ASP A CA  
193 C C   . ASP A 31 ? 0.1323 0.1387 0.1465 0.0161  -0.0538 0.0289  29  ASP A C   
194 O O   . ASP A 31 ? 0.1454 0.1336 0.1655 0.0179  -0.0520 0.0384  29  ASP A O   
195 C CB  . ASP A 31 ? 0.1396 0.1570 0.1771 0.0086  -0.0439 0.0258  29  ASP A CB  
196 C CG  . ASP A 31 ? 0.1886 0.2689 0.2608 -0.0058 -0.0038 -0.0107 29  ASP A CG  
197 O OD1 . ASP A 31 ? 0.2575 0.4152 0.2739 -0.0511 0.0549  0.0067  29  ASP A OD1 
198 O OD2 . ASP A 31 ? 0.1630 0.4576 0.4156 0.0163  -0.0125 -0.1058 29  ASP A OD2 
199 N N   . VAL A 32 ? 0.1302 0.1272 0.1387 0.0299  -0.0488 0.0293  30  VAL A N   
200 C CA  . VAL A 32 ? 0.1466 0.1333 0.1434 0.0357  -0.0483 0.0165  30  VAL A CA  
201 C C   . VAL A 32 ? 0.1318 0.1381 0.1343 0.0304  -0.0336 0.0273  30  VAL A C   
202 O O   . VAL A 32 ? 0.1347 0.1445 0.1719 0.0485  -0.0425 0.0193  30  VAL A O   
203 C CB  . VAL A 32 ? 0.1603 0.2399 0.1392 0.0591  -0.0455 0.0272  30  VAL A CB  
204 C CG1 . VAL A 32 ? 0.1984 0.2475 0.1948 0.0737  -0.0133 0.0546  30  VAL A CG1 
205 C CG2 . VAL A 32 ? 0.2080 0.2453 0.1965 0.0432  -0.0672 -0.0162 30  VAL A CG2 
206 N N   . LEU A 33 ? 0.1287 0.1254 0.1470 0.0346  -0.0456 0.0229  31  LEU A N   
207 C CA  . LEU A 33 ? 0.1298 0.1407 0.1357 0.0220  -0.0436 0.0223  31  LEU A CA  
208 C C   . LEU A 33 ? 0.1301 0.1329 0.1549 0.0309  -0.0574 0.0278  31  LEU A C   
209 O O   . LEU A 33 ? 0.1296 0.1445 0.1733 0.0322  -0.0569 0.0307  31  LEU A O   
210 C CB  . LEU A 33 ? 0.1262 0.1391 0.1416 0.0249  -0.0464 0.0249  31  LEU A CB  
211 C CG  . LEU A 33 ? 0.1299 0.1418 0.1497 0.0196  -0.0491 0.0272  31  LEU A CG  
212 C CD1 . LEU A 33 ? 0.1491 0.1402 0.1842 0.0094  -0.0358 0.0194  31  LEU A CD1 
213 C CD2 . LEU A 33 ? 0.1453 0.1686 0.1397 0.0168  -0.0407 0.0372  31  LEU A CD2 
214 N N   . SER A 34 ? 0.1338 0.1280 0.1499 0.0370  -0.0481 0.0314  32  SER A N   
215 C CA  A SER A 34 ? 0.1529 0.1377 0.1495 0.0235  -0.0451 0.0331  32  SER A CA  
216 C CA  B SER A 34 ? 0.1101 0.1411 0.1438 0.0312  -0.0628 0.0356  32  SER A CA  
217 C C   . SER A 34 ? 0.1293 0.1360 0.1699 0.0316  -0.0478 0.0344  32  SER A C   
218 O O   . SER A 34 ? 0.1586 0.1443 0.1899 0.0389  -0.0593 0.0389  32  SER A O   
219 C CB  A SER A 34 ? 0.1605 0.1592 0.1489 0.0182  -0.0348 0.0384  32  SER A CB  
220 C CB  B SER A 34 ? 0.1216 0.1672 0.1797 0.0160  -0.0482 0.0378  32  SER A CB  
221 O OG  A SER A 34 ? 0.1756 0.1772 0.1533 0.0230  -0.0437 0.0551  32  SER A OG  
222 O OG  B SER A 34 ? 0.1637 0.1957 0.2178 0.0457  -0.0210 0.0351  32  SER A OG  
223 N N   . LYS A 35 ? 0.1427 0.1381 0.1771 0.0242  -0.0657 0.0256  33  LYS A N   
224 C CA  . LYS A 35 ? 0.1658 0.1460 0.1944 0.0280  -0.0733 0.0217  33  LYS A CA  
225 C C   . LYS A 35 ? 0.1679 0.1616 0.1709 0.0516  -0.0549 0.0109  33  LYS A C   
226 O O   . LYS A 35 ? 0.1786 0.1518 0.2087 0.0604  -0.0660 0.0043  33  LYS A O   
227 C CB  . LYS A 35 ? 0.1771 0.2121 0.2520 0.0328  -0.0856 -0.0234 33  LYS A CB  
228 C CG  . LYS A 35 ? 0.2245 0.3019 0.4207 0.0024  -0.1017 -0.0781 33  LYS A CG  
229 C CD  . LYS A 35 ? 0.4223 0.3804 0.4970 -0.1183 -0.0195 0.0213  33  LYS A CD  
230 C CE  . LYS A 35 ? 0.4662 0.4582 0.3999 -0.2097 -0.0610 0.0242  33  LYS A CE  
231 N NZ  . LYS A 35 ? 0.6833 0.5297 0.6247 -0.1240 -0.0119 0.1767  33  LYS A NZ  
232 N N   . ALA A 36 ? 0.1609 0.1460 0.1795 0.0491  -0.0457 0.0303  34  ALA A N   
233 C CA  . ALA A 36 ? 0.1695 0.1724 0.1757 0.0552  -0.0287 0.0321  34  ALA A CA  
234 C C   . ALA A 36 ? 0.1304 0.1436 0.1807 0.0348  -0.0318 0.0341  34  ALA A C   
235 O O   . ALA A 36 ? 0.1383 0.1633 0.2055 0.0562  -0.0342 0.0169  34  ALA A O   
236 C CB  . ALA A 36 ? 0.1609 0.2003 0.2128 0.0531  -0.0244 0.0648  34  ALA A CB  
237 N N   . ILE A 37 ? 0.1369 0.1274 0.1832 0.0412  -0.0469 0.0196  35  ILE A N   
238 C CA  . ILE A 37 ? 0.1421 0.1303 0.1662 0.0221  -0.0531 0.0149  35  ILE A CA  
239 C C   . ILE A 37 ? 0.1301 0.1312 0.1674 0.0365  -0.0484 0.0108  35  ILE A C   
240 O O   . ILE A 37 ? 0.1367 0.1376 0.1691 0.0387  -0.0512 0.0089  35  ILE A O   
241 C CB  . ILE A 37 ? 0.1428 0.1408 0.1959 0.0322  -0.0610 -0.0089 35  ILE A CB  
242 C CG1 . ILE A 37 ? 0.1621 0.1443 0.2248 0.0458  -0.0796 -0.0046 35  ILE A CG1 
243 C CG2 . ILE A 37 ? 0.1567 0.1767 0.1789 0.0437  -0.0528 -0.0050 35  ILE A CG2 
244 C CD1 . ILE A 37 ? 0.1862 0.1774 0.3247 0.0325  -0.1022 -0.0148 35  ILE A CD1 
245 N N   . GLU A 38 ? 0.1311 0.1222 0.1780 0.0366  -0.0554 0.0135  36  GLU A N   
246 C CA  . GLU A 38 ? 0.1427 0.1360 0.1704 0.0279  -0.0498 0.0271  36  GLU A CA  
247 C C   . GLU A 38 ? 0.1344 0.1161 0.1954 0.0222  -0.0483 0.0132  36  GLU A C   
248 O O   . GLU A 38 ? 0.1514 0.1296 0.1852 0.0320  -0.0518 0.0210  36  GLU A O   
249 C CB  . GLU A 38 ? 0.1394 0.1588 0.2136 0.0201  -0.0275 0.0026  36  GLU A CB  
250 C CG  . GLU A 38 ? 0.2058 0.1803 0.2715 0.0029  -0.0227 0.0207  36  GLU A CG  
251 C CD  . GLU A 38 ? 0.2931 0.1930 0.3996 -0.0298 -0.0650 0.0336  36  GLU A CD  
252 O OE1 . GLU A 38 ? 0.4009 0.4058 0.4430 -0.1261 -0.1537 0.0825  36  GLU A OE1 
253 O OE2 . GLU A 38 ? 0.4664 0.4703 0.5515 -0.2130 -0.0179 0.0986  36  GLU A OE2 
254 N N   . GLN A 39 ? 0.1558 0.1338 0.1728 0.0404  -0.0622 0.0037  37  GLN A N   
255 C CA  . GLN A 39 ? 0.1600 0.1547 0.1903 0.0432  -0.0655 -0.0124 37  GLN A CA  
256 C C   . GLN A 39 ? 0.1620 0.1488 0.1457 0.0387  -0.0522 0.0015  37  GLN A C   
257 O O   . GLN A 39 ? 0.1597 0.1557 0.1666 0.0558  -0.0392 0.0011  37  GLN A O   
258 C CB  . GLN A 39 ? 0.2295 0.2336 0.1664 0.0814  -0.0746 -0.0307 37  GLN A CB  
259 C CG  . GLN A 39 ? 0.2832 0.3110 0.2572 0.0709  -0.1185 -0.0450 37  GLN A CG  
260 C CD  . GLN A 39 ? 0.4144 0.3309 0.4048 0.0788  -0.0633 -0.0769 37  GLN A CD  
261 O OE1 . GLN A 39 ? 0.4764 0.4809 0.6188 0.1091  -0.0782 -0.2813 37  GLN A OE1 
262 N NE2 . GLN A 39 ? 0.4382 0.3051 0.4353 0.0064  -0.1355 -0.0446 37  GLN A NE2 
263 N N   . LEU A 40 ? 0.1502 0.1429 0.1388 0.0428  -0.0354 0.0122  38  LEU A N   
264 C CA  . LEU A 40 ? 0.1404 0.1426 0.1548 0.0364  -0.0299 0.0227  38  LEU A CA  
265 C C   . LEU A 40 ? 0.1365 0.1218 0.1498 0.0346  -0.0287 0.0169  38  LEU A C   
266 O O   . LEU A 40 ? 0.1281 0.1309 0.1723 0.0288  -0.0296 0.0193  38  LEU A O   
267 C CB  . LEU A 40 ? 0.1573 0.1375 0.1551 0.0230  -0.0373 0.0350  38  LEU A CB  
268 C CG  . LEU A 40 ? 0.1758 0.1641 0.1705 0.0243  -0.0239 0.0527  38  LEU A CG  
269 C CD1 . LEU A 40 ? 0.2616 0.1636 0.2020 0.0170  -0.0465 0.0640  38  LEU A CD1 
270 C CD2 . LEU A 40 ? 0.2198 0.2285 0.1993 0.0382  0.0012  0.0756  38  LEU A CD2 
271 N N   . CYS A 41 ? 0.1326 0.1251 0.1440 0.0355  -0.0321 0.0188  39  CYS A N   
272 C CA  . CYS A 41 ? 0.1381 0.1215 0.1478 0.0225  -0.0390 0.0209  39  CYS A CA  
273 C C   . CYS A 41 ? 0.1285 0.1281 0.1635 0.0351  -0.0342 0.0151  39  CYS A C   
274 O O   . CYS A 41 ? 0.1338 0.1316 0.1700 0.0447  -0.0328 0.0245  39  CYS A O   
275 C CB  . CYS A 41 ? 0.1600 0.1395 0.1611 0.0368  -0.0361 0.0195  39  CYS A CB  
276 S SG  . CYS A 41 ? 0.2141 0.1499 0.1577 0.0635  -0.0431 0.0097  39  CYS A SG  
277 N N   . LEU A 42 ? 0.1265 0.1160 0.1740 0.0326  -0.0390 0.0169  40  LEU A N   
278 C CA  . LEU A 42 ? 0.1382 0.1134 0.1750 0.0293  -0.0311 0.0163  40  LEU A CA  
279 C C   . LEU A 42 ? 0.1333 0.1008 0.1784 0.0213  -0.0396 0.0055  40  LEU A C   
280 O O   . LEU A 42 ? 0.1336 0.1096 0.1863 0.0268  -0.0359 0.0085  40  LEU A O   
281 C CB  . LEU A 42 ? 0.1392 0.1155 0.2288 0.0280  -0.0406 0.0146  40  LEU A CB  
282 C CG  . LEU A 42 ? 0.1503 0.1381 0.3027 0.0303  -0.0121 0.0143  40  LEU A CG  
283 C CD1 . LEU A 42 ? 0.1337 0.1807 0.4295 0.0111  -0.0494 -0.0213 40  LEU A CD1 
284 C CD2 . LEU A 42 ? 0.2051 0.1737 0.3343 0.0444  0.0412  0.0450  40  LEU A CD2 
285 N N   . LYS A 43 ? 0.1266 0.1251 0.1704 0.0314  -0.0348 0.0053  41  LYS A N   
286 C CA  . LYS A 43 ? 0.1552 0.1451 0.1473 0.0401  -0.0322 0.0074  41  LYS A CA  
287 C C   . LYS A 43 ? 0.1290 0.1171 0.1672 0.0320  -0.0221 0.0217  41  LYS A C   
288 O O   . LYS A 43 ? 0.1355 0.1317 0.1736 0.0332  -0.0164 0.0122  41  LYS A O   
289 C CB  . LYS A 43 ? 0.1636 0.1964 0.1580 0.0353  -0.0054 0.0268  41  LYS A CB  
290 C CG  . LYS A 43 ? 0.2348 0.3127 0.1974 0.0700  -0.0500 -0.0062 41  LYS A CG  
291 C CD  . LYS A 43 ? 0.3826 0.4424 0.2448 0.0674  -0.0580 0.0730  41  LYS A CD  
292 C CE  . LYS A 43 ? 0.5358 0.6919 0.2679 -0.0043 -0.1075 0.0311  41  LYS A CE  
293 N NZ  . LYS A 43 ? 0.6696 0.6984 0.4261 -0.0279 -0.0237 0.0916  41  LYS A NZ  
294 N N   . GLY A 44 ? 0.1374 0.1124 0.1560 0.0270  -0.0312 0.0141  42  GLY A N   
295 C CA  . GLY A 44 ? 0.1301 0.1037 0.1715 0.0177  -0.0252 0.0174  42  GLY A CA  
296 C C   . GLY A 44 ? 0.0977 0.1045 0.1760 0.0274  -0.0339 0.0116  42  GLY A C   
297 O O   . GLY A 44 ? 0.1063 0.0991 0.1879 0.0236  -0.0246 0.0108  42  GLY A O   
298 N N   . VAL A 45 ? 0.1062 0.1112 0.1608 0.0199  -0.0281 0.0171  43  VAL A N   
299 C CA  . VAL A 45 ? 0.1064 0.1138 0.1643 0.0240  -0.0303 0.0243  43  VAL A CA  
300 C C   . VAL A 45 ? 0.0990 0.1216 0.1592 0.0384  0.0098  0.0091  43  VAL A C   
301 O O   . VAL A 45 ? 0.1166 0.1073 0.2000 0.0245  -0.0394 0.0239  43  VAL A O   
302 C CB  . VAL A 45 ? 0.1261 0.1322 0.1593 0.0086  -0.0281 0.0261  43  VAL A CB  
303 C CG1 . VAL A 45 ? 0.1373 0.1223 0.1893 0.0147  -0.0299 0.0280  43  VAL A CG1 
304 C CG2 . VAL A 45 ? 0.1297 0.1396 0.1659 0.0133  -0.0146 0.0268  43  VAL A CG2 
305 N N   . GLU A 46 ? 0.1225 0.1058 0.1631 0.0204  -0.0327 0.0230  44  GLU A N   
306 C CA  . GLU A 46 ? 0.1271 0.1136 0.1865 0.0176  -0.0265 0.0076  44  GLU A CA  
307 C C   . GLU A 46 ? 0.1229 0.1258 0.1684 0.0260  -0.0185 -0.0072 44  GLU A C   
308 O O   . GLU A 46 ? 0.1323 0.1229 0.2071 0.0326  -0.0328 -0.0019 44  GLU A O   
309 C CB  . GLU A 46 ? 0.1498 0.1234 0.1787 0.0151  -0.0416 -0.0005 44  GLU A CB  
310 C CG  . GLU A 46 ? 0.1507 0.1225 0.1930 0.0221  -0.0556 0.0043  44  GLU A CG  
311 C CD  . GLU A 46 ? 0.1290 0.1424 0.1990 0.0275  -0.0392 0.0033  44  GLU A CD  
312 O OE1 . GLU A 46 ? 0.1464 0.1333 0.2193 0.0258  -0.0133 0.0096  44  GLU A OE1 
313 O OE2 . GLU A 46 ? 0.1587 0.1328 0.1996 0.0295  -0.0205 -0.0044 44  GLU A OE2 
314 N N   . SER A 47 ? 0.1279 0.1205 0.1760 0.0139  -0.0249 0.0000  45  SER A N   
315 C CA  . SER A 47 ? 0.1181 0.1412 0.1903 0.0159  -0.0166 0.0043  45  SER A CA  
316 C C   . SER A 47 ? 0.1238 0.1245 0.1964 0.0114  -0.0160 0.0020  45  SER A C   
317 O O   . SER A 47 ? 0.1196 0.1579 0.2269 0.0268  -0.0210 -0.0072 45  SER A O   
318 C CB  . SER A 47 ? 0.1618 0.1666 0.1816 -0.0257 -0.0297 0.0181  45  SER A CB  
319 O OG  . SER A 47 ? 0.1824 0.1969 0.2629 -0.0046 -0.0042 -0.0070 45  SER A OG  
320 N N   . ALA A 48 ? 0.1093 0.1212 0.1910 0.0184  -0.0313 -0.0025 46  ALA A N   
321 C CA  . ALA A 48 ? 0.1226 0.1335 0.1878 0.0088  -0.0439 0.0011  46  ALA A CA  
322 C C   . ALA A 48 ? 0.1356 0.1343 0.1772 0.0387  -0.0452 0.0072  46  ALA A C   
323 O O   . ALA A 48 ? 0.1412 0.1626 0.2131 0.0508  -0.0603 0.0054  46  ALA A O   
324 C CB  . ALA A 48 ? 0.1447 0.1373 0.1880 0.0335  -0.0498 -0.0022 46  ALA A CB  
325 N N   . LYS A 49 ? 0.1376 0.1209 0.1899 0.0259  -0.0368 0.0142  47  LYS A N   
326 C CA  . LYS A 49 ? 0.1557 0.1298 0.2001 0.0243  -0.0419 0.0123  47  LYS A CA  
327 C C   . LYS A 49 ? 0.1619 0.1328 0.2030 0.0409  -0.0375 0.0062  47  LYS A C   
328 O O   . LYS A 49 ? 0.1814 0.1549 0.2300 0.0739  -0.0343 0.0163  47  LYS A O   
329 C CB  . LYS A 49 ? 0.1817 0.1164 0.1976 0.0165  -0.0271 0.0330  47  LYS A CB  
330 C CG  . LYS A 49 ? 0.1781 0.1390 0.1894 0.0113  -0.0358 0.0130  47  LYS A CG  
331 C CD  . LYS A 49 ? 0.1947 0.1610 0.2118 0.0120  -0.0406 0.0010  47  LYS A CD  
332 C CE  . LYS A 49 ? 0.2351 0.1815 0.2213 0.0136  -0.0445 0.0195  47  LYS A CE  
333 N NZ  . LYS A 49 ? 0.2775 0.2087 0.2622 -0.0232 -0.0405 0.0386  47  LYS A NZ  
334 N N   . ALA A 50 ? 0.1415 0.1389 0.2021 0.0357  -0.0303 0.0082  48  ALA A N   
335 C CA  . ALA A 50 ? 0.1722 0.1549 0.2192 0.0532  -0.0228 -0.0103 48  ALA A CA  
336 C C   . ALA A 50 ? 0.1653 0.1825 0.2317 0.0696  -0.0408 -0.0020 48  ALA A C   
337 O O   . ALA A 50 ? 0.1683 0.2409 0.2938 0.0976  -0.0360 -0.0183 48  ALA A O   
338 C CB  . ALA A 50 ? 0.1807 0.1646 0.2131 0.0452  -0.0165 -0.0003 48  ALA A CB  
339 N N   . ASP A 51 ? 0.1405 0.1973 0.2667 0.0492  -0.0320 -0.0281 49  ASP A N   
340 C CA  . ASP A 51 ? 0.1389 0.2564 0.3103 0.0429  -0.0232 -0.0298 49  ASP A CA  
341 C C   . ASP A 51 ? 0.1593 0.2778 0.2734 0.0771  -0.0474 -0.0208 49  ASP A C   
342 O O   . ASP A 51 ? 0.1646 0.3926 0.3588 0.0700  -0.0883 -0.0104 49  ASP A O   
343 C CB  . ASP A 51 ? 0.1708 0.2527 0.3238 0.0075  -0.0372 -0.0447 49  ASP A CB  
344 C CG  . ASP A 51 ? 0.1702 0.3240 0.4170 -0.0039 0.0259  -0.0768 49  ASP A CG  
345 O OD1 . ASP A 51 ? 0.2083 0.3846 0.4858 0.0128  0.0536  -0.0949 49  ASP A OD1 
346 O OD2 . ASP A 51 ? 0.2152 0.3774 0.4560 -0.0179 -0.0035 -0.1021 49  ASP A OD2 
347 N N   . GLY A 52 ? 0.2024 0.2101 0.2629 0.0952  -0.0605 -0.0158 50  GLY A N   
348 C CA  . GLY A 52 ? 0.2400 0.2285 0.2934 0.1073  -0.0666 0.0192  50  GLY A CA  
349 C C   . GLY A 52 ? 0.2454 0.2302 0.2562 0.1070  -0.0675 0.0120  50  GLY A C   
350 O O   . GLY A 52 ? 0.3553 0.2684 0.2704 0.1375  -0.1280 0.0332  50  GLY A O   
351 N N   . ARG A 53 ? 0.2161 0.1659 0.2340 0.0601  -0.0621 0.0225  51  ARG A N   
352 C CA  . ARG A 53 ? 0.1960 0.1899 0.2399 0.0635  -0.0793 0.0212  51  ARG A CA  
353 C C   . ARG A 53 ? 0.2172 0.1601 0.2587 0.0451  -0.0550 0.0504  51  ARG A C   
354 O O   . ARG A 53 ? 0.2126 0.2132 0.3013 0.0077  -0.0422 0.0245  51  ARG A O   
355 C CB  . ARG A 53 ? 0.1721 0.1810 0.2351 0.0398  -0.0727 0.0145  51  ARG A CB  
356 C CG  . ARG A 53 ? 0.1919 0.2233 0.2486 0.0175  -0.0827 0.0126  51  ARG A CG  
357 C CD  . ARG A 53 ? 0.1998 0.2291 0.2375 -0.0073 -0.0750 0.0150  51  ARG A CD  
358 N NE  . ARG A 53 ? 0.1719 0.2137 0.2455 0.0092  -0.0596 0.0064  51  ARG A NE  
359 C CZ  . ARG A 53 ? 0.1542 0.1694 0.2170 0.0010  -0.0419 0.0036  51  ARG A CZ  
360 N NH1 . ARG A 53 ? 0.1883 0.1737 0.1954 0.0094  -0.0363 -0.0028 51  ARG A NH1 
361 N NH2 . ARG A 53 ? 0.1498 0.1928 0.2334 0.0220  -0.0260 0.0073  51  ARG A NH2 
362 N N   . LYS A 54 ? 0.2374 0.1674 0.2432 0.0671  -0.0430 0.0533  52  LYS A N   
363 C CA  . LYS A 54 ? 0.2541 0.1726 0.2833 0.0612  -0.0114 0.0908  52  LYS A CA  
364 C C   . LYS A 54 ? 0.1897 0.1707 0.2204 0.0506  -0.0222 0.0632  52  LYS A C   
365 O O   . LYS A 54 ? 0.2241 0.1899 0.2685 0.0408  0.0102  0.0756  52  LYS A O   
366 C CB  . LYS A 54 ? 0.3901 0.2794 0.3556 0.1361  0.0077  0.1841  52  LYS A CB  
367 C CG  . LYS A 54 ? 0.5529 0.3004 0.4157 0.1302  0.0068  0.1953  52  LYS A CG  
368 C CD  . LYS A 54 ? 0.6107 0.5731 0.6911 0.0453  -0.0436 0.1318  52  LYS A CD  
369 C CE  . LYS A 54 ? 0.5367 0.7299 0.7645 0.1289  -0.0436 0.0646  52  LYS A CE  
370 N NZ  . LYS A 54 ? 0.4875 0.6797 0.8186 0.2763  -0.0553 0.0540  52  LYS A NZ  
371 N N   . THR A 55 ? 0.1811 0.1597 0.1942 0.0472  -0.0271 0.0535  53  THR A N   
372 C CA  . THR A 55 ? 0.1685 0.1540 0.1758 0.0331  -0.0354 0.0493  53  THR A CA  
373 C C   . THR A 55 ? 0.1394 0.1344 0.1836 0.0177  -0.0302 0.0374  53  THR A C   
374 O O   . THR A 55 ? 0.1417 0.1626 0.1990 0.0378  -0.0246 0.0370  53  THR A O   
375 C CB  . THR A 55 ? 0.2211 0.1885 0.1896 0.0300  -0.0658 0.0415  53  THR A CB  
376 O OG1 . THR A 55 ? 0.2990 0.2452 0.2026 0.0455  -0.0749 0.0463  53  THR A OG1 
377 C CG2 . THR A 55 ? 0.2327 0.1899 0.1834 0.0341  -0.0576 0.0090  53  THR A CG2 
378 N N   . VAL A 56 ? 0.1328 0.1298 0.1559 0.0182  -0.0198 0.0339  54  VAL A N   
379 C CA  . VAL A 56 ? 0.1401 0.1195 0.1344 0.0106  -0.0166 0.0252  54  VAL A CA  
380 C C   . VAL A 56 ? 0.1397 0.1341 0.1390 0.0122  -0.0285 0.0320  54  VAL A C   
381 O O   . VAL A 56 ? 0.1853 0.1360 0.1784 0.0070  0.0023  0.0032  54  VAL A O   
382 C CB  . VAL A 56 ? 0.1270 0.1321 0.1514 0.0045  -0.0208 0.0243  54  VAL A CB  
383 C CG1 . VAL A 56 ? 0.1418 0.1302 0.1505 0.0124  -0.0218 0.0243  54  VAL A CG1 
384 C CG2 . VAL A 56 ? 0.1290 0.1400 0.1727 0.0037  -0.0248 0.0284  54  VAL A CG2 
385 N N   . MET A 57 ? 0.1308 0.1155 0.1472 0.0123  -0.0126 0.0059  55  MET A N   
386 C CA  A MET A 57 ? 0.1376 0.1190 0.1642 0.0033  -0.0262 0.0085  55  MET A CA  
387 C CA  C MET A 57 ? 0.1158 0.1177 0.1746 0.0118  -0.0299 0.0103  55  MET A CA  
388 C C   . MET A 57 ? 0.1199 0.1210 0.1678 0.0040  -0.0214 0.0033  55  MET A C   
389 O O   . MET A 57 ? 0.1229 0.1243 0.1701 0.0011  -0.0218 0.0171  55  MET A O   
390 C CB  A MET A 57 ? 0.1487 0.1360 0.1831 0.0117  -0.0519 0.0271  55  MET A CB  
391 C CB  C MET A 57 ? 0.1201 0.1205 0.2242 0.0136  -0.0503 0.0246  55  MET A CB  
392 C CG  A MET A 57 ? 0.2118 0.2178 0.1375 -0.0307 -0.1227 0.0185  55  MET A CG  
393 C CG  C MET A 57 ? 0.1709 0.1340 0.3345 0.0563  -0.0101 0.0865  55  MET A CG  
394 S SD  A MET A 57 ? 0.2499 0.2208 0.3425 0.0121  -0.0881 0.0735  55  MET A SD  
395 S SD  C MET A 57 ? 0.1419 0.2207 0.3443 0.0208  -0.0773 0.0149  55  MET A SD  
396 C CE  A MET A 57 ? 0.2266 0.2455 0.2765 -0.0053 -0.1572 0.1270  55  MET A CE  
397 C CE  C MET A 57 ? 0.1509 0.1714 0.2762 0.0299  -0.1191 -0.0041 55  MET A CE  
398 N N   . ALA A 58 ? 0.1251 0.1188 0.1706 -0.0005 -0.0223 0.0132  56  ALA A N   
399 C CA  . ALA A 58 ? 0.1354 0.1190 0.1776 -0.0032 -0.0218 0.0193  56  ALA A CA  
400 C C   . ALA A 58 ? 0.1201 0.1276 0.1844 0.0046  -0.0307 0.0245  56  ALA A C   
401 O O   . ALA A 58 ? 0.1368 0.1400 0.1864 0.0061  -0.0263 0.0316  56  ALA A O   
402 C CB  . ALA A 58 ? 0.1622 0.1166 0.1966 0.0016  -0.0056 0.0197  56  ALA A CB  
403 N N   . ARG A 59 ? 0.1214 0.1311 0.1648 0.0010  -0.0421 0.0357  57  ARG A N   
404 C CA  . ARG A 59 ? 0.1302 0.1588 0.1722 -0.0110 0.0004  0.0019  57  ARG A CA  
405 C C   . ARG A 59 ? 0.1357 0.1651 0.1717 -0.0026 -0.0102 0.0067  57  ARG A C   
406 O O   . ARG A 59 ? 0.1590 0.2210 0.1802 -0.0321 0.0043  -0.0078 57  ARG A O   
407 C CB  . ARG A 59 ? 0.1192 0.1769 0.2063 -0.0126 0.0131  -0.0295 57  ARG A CB  
408 C CG  . ARG A 59 ? 0.1303 0.1744 0.2421 -0.0107 -0.0155 -0.0167 57  ARG A CG  
409 C CD  . ARG A 59 ? 0.1357 0.2217 0.3165 0.0077  -0.0149 0.0068  57  ARG A CD  
410 N NE  . ARG A 59 ? 0.1675 0.2115 0.3860 0.0370  -0.0139 0.0218  57  ARG A NE  
411 C CZ  . ARG A 59 ? 0.1549 0.2089 0.4485 -0.0102 -0.0216 0.0426  57  ARG A CZ  
412 N NH1 . ARG A 59 ? 0.2212 0.2532 0.2774 -0.0275 -0.0542 0.0729  57  ARG A NH1 
413 N NH2 . ARG A 59 ? 0.2014 0.2350 0.5522 -0.0004 -0.0812 0.1067  57  ARG A NH2 
414 N N   . ASP A 60 ? 0.1356 0.1377 0.1917 -0.0031 -0.0052 -0.0034 58  ASP A N   
415 C CA  . ASP A 60 ? 0.1416 0.1418 0.1782 -0.0052 -0.0131 0.0024  58  ASP A CA  
416 C C   . ASP A 60 ? 0.1538 0.1583 0.1602 -0.0082 -0.0300 0.0133  58  ASP A C   
417 O O   . ASP A 60 ? 0.1668 0.1825 0.1806 -0.0287 -0.0219 -0.0056 58  ASP A O   
418 C CB  . ASP A 60 ? 0.1580 0.1256 0.1743 0.0056  -0.0560 0.0168  58  ASP A CB  
419 C CG  . ASP A 60 ? 0.1232 0.1140 0.2409 0.0242  -0.0427 0.0156  58  ASP A CG  
420 O OD1 . ASP A 60 ? 0.1516 0.1551 0.2251 0.0288  -0.0155 -0.0124 58  ASP A OD1 
421 O OD2 . ASP A 60 ? 0.1678 0.1514 0.1938 0.0162  -0.0191 0.0027  58  ASP A OD2 
422 N N   . ILE A 61 ? 0.1456 0.1598 0.1981 -0.0069 -0.0400 0.0176  59  ILE A N   
423 C CA  . ILE A 61 ? 0.1618 0.1938 0.1863 -0.0108 -0.0602 0.0522  59  ILE A CA  
424 C C   . ILE A 61 ? 0.2302 0.2339 0.2128 -0.0275 -0.0436 0.0645  59  ILE A C   
425 O O   . ILE A 61 ? 0.2098 0.2554 0.2691 -0.0357 -0.0683 0.1027  59  ILE A O   
426 C CB  . ILE A 61 ? 0.1516 0.1496 0.2455 0.0096  -0.0598 0.0341  59  ILE A CB  
427 C CG1 . ILE A 61 ? 0.1639 0.1647 0.2229 0.0250  -0.0570 -0.0013 59  ILE A CG1 
428 C CG2 . ILE A 61 ? 0.1724 0.1932 0.2774 0.0143  -0.0626 0.0583  59  ILE A CG2 
429 C CD1 . ILE A 61 ? 0.1968 0.1915 0.1906 -0.0143 -0.0476 0.0226  59  ILE A CD1 
430 N N   . VAL A 62 ? 0.5789 0.2721 0.1999 -0.1225 -0.0509 0.0604  60  VAL A N   
431 C CA  . VAL A 62 ? 0.5329 0.3218 0.2329 -0.0652 -0.0132 0.0308  60  VAL A CA  
432 C C   . VAL A 62 ? 0.4695 0.4066 0.2199 -0.1163 -0.0807 0.0448  60  VAL A C   
433 O O   . VAL A 62 ? 0.4306 0.5077 0.2475 -0.1046 -0.0765 0.0695  60  VAL A O   
434 C CB  . VAL A 62 ? 0.5944 0.4105 0.3478 0.0352  -0.0566 0.0212  60  VAL A CB  
435 C CG1 . VAL A 62 ? 0.6555 0.3873 0.3136 -0.0011 -0.0824 -0.0128 60  VAL A CG1 
436 C CG2 . VAL A 62 ? 0.4596 0.3451 0.5781 0.0022  -0.0489 0.0008  60  VAL A CG2 
437 N N   . ILE A 63 ? 0.4808 0.3264 0.2752 -0.0418 -0.1225 0.0620  61  ILE A N   
438 C CA  . ILE A 63 ? 0.4732 0.3130 0.2507 0.0106  -0.0487 0.0732  61  ILE A CA  
439 C C   . ILE A 63 ? 0.6048 0.3464 0.2722 -0.1203 -0.1979 0.1597  61  ILE A C   
440 O O   . ILE A 63 ? 0.4746 0.3660 0.3408 0.0350  -0.0113 0.0930  61  ILE A O   
441 C CB  . ILE A 63 ? 0.5390 0.3077 0.3136 -0.0584 -0.0627 0.0223  61  ILE A CB  
442 C CG1 . ILE A 63 ? 0.6238 0.3799 0.3751 -0.0421 -0.1145 0.0124  61  ILE A CG1 
443 C CG2 . ILE A 63 ? 0.4862 0.4582 0.3468 -0.0450 -0.0152 0.1311  61  ILE A CG2 
444 C CD1 . ILE A 63 ? 0.6734 0.4994 0.4792 -0.0618 -0.0198 0.1046  61  ILE A CD1 
445 O O   . HOH B .  ? 0.4848 0.5970 0.2542 -0.0188 0.0176  -0.0524 101 HOH A O   
446 O O   . HOH B .  ? 0.2660 0.2661 0.4802 0.0157  -0.0040 0.1071  102 HOH A O   
447 O O   . HOH B .  ? 0.2672 0.5039 0.4058 0.0494  -0.0778 -0.1338 103 HOH A O   
448 O O   . HOH B .  ? 0.2767 0.5074 0.2406 0.0753  0.0125  -0.0580 104 HOH A O   
449 O O   . HOH B .  ? 0.3761 0.5764 0.4903 -0.0208 0.1833  -0.1585 105 HOH A O   
450 O O   . HOH B .  ? 0.1839 0.1593 0.2679 0.0107  -0.0071 -0.0039 106 HOH A O   
451 O O   . HOH B .  ? 0.5313 0.2898 0.3115 -0.0849 -0.0477 0.0525  107 HOH A O   
452 O O   . HOH B .  ? 0.3897 0.3414 0.4276 0.1854  0.1003  0.0629  108 HOH A O   
453 O O   . HOH B .  ? 0.5409 0.1935 0.3416 0.0428  -0.0124 0.0351  109 HOH A O   
454 O O   . HOH B .  ? 0.5828 0.7989 0.6490 -0.0359 -0.2958 0.0714  110 HOH A O   
455 O O   . HOH B .  ? 0.2330 0.4412 0.3352 0.0348  0.0628  0.0828  111 HOH A O   
456 O O   . HOH B .  ? 0.2217 0.1541 0.1874 0.0389  -0.0094 0.0012  112 HOH A O   
457 O O   . HOH B .  ? 0.6001 0.6300 0.4532 -0.1441 0.0833  0.0768  113 HOH A O   
458 O O   . HOH B .  ? 0.4229 0.4853 0.3022 0.0920  0.0323  0.0447  114 HOH A O   
459 O O   . HOH B .  ? 0.2407 0.4477 0.2788 -0.0376 0.0061  0.0909  115 HOH A O   
460 O O   . HOH B .  ? 0.4649 0.3600 0.2866 -0.0969 -0.1098 -0.0182 116 HOH A O   
461 O O   . HOH B .  ? 0.2059 0.2180 0.2244 -0.0067 -0.0253 -0.0098 117 HOH A O   
462 O O   . HOH B .  ? 0.5411 0.4683 0.4676 -0.0472 0.1060  0.0493  118 HOH A O   
463 O O   . HOH B .  ? 0.4534 0.3146 0.3776 0.0897  0.1427  -0.0160 119 HOH A O   
464 O O   . HOH B .  ? 0.3491 0.2948 0.2926 0.0732  -0.0518 -0.0342 120 HOH A O   
465 O O   . HOH B .  ? 0.3233 0.4040 0.2384 0.0898  0.0508  0.0837  121 HOH A O   
466 O O   . HOH B .  ? 0.5756 0.2764 0.8193 0.0476  -0.2802 -0.0053 122 HOH A O   
467 O O   . HOH B .  ? 0.4459 0.4329 0.3128 -0.1104 -0.0829 0.1079  123 HOH A O   
468 O O   . HOH B .  ? 0.4272 0.3900 0.4797 0.0725  0.1279  -0.0379 124 HOH A O   
469 O O   . HOH B .  ? 0.5071 0.3524 0.4101 -0.0424 -0.1580 0.1016  125 HOH A O   
470 O O   . HOH B .  ? 0.3791 0.7012 0.5616 -0.0272 -0.1858 0.0658  126 HOH A O   
471 O O   . HOH B .  ? 0.3519 0.5544 0.5346 0.1994  0.0341  -0.0660 127 HOH A O   
472 O O   . HOH B .  ? 0.6286 0.6517 0.8758 0.0004  0.0753  -0.0051 128 HOH A O   
473 O O   . HOH B .  ? 0.2938 0.5270 0.7771 0.0282  0.0467  0.1157  129 HOH A O   
# 
